data_1Z3D
# 
_entry.id   1Z3D 
# 
_audit_conform.dict_name       mmcif_pdbx.dic 
_audit_conform.dict_version    5.376 
_audit_conform.dict_location   http://mmcif.pdb.org/dictionaries/ascii/mmcif_pdbx.dic 
# 
loop_
_database_2.database_id 
_database_2.database_code 
_database_2.pdbx_database_accession 
_database_2.pdbx_DOI 
PDB   1Z3D         pdb_00001z3d 10.2210/pdb1z3d/pdb 
RCSB  RCSB032246   ?            ?                   
WWPDB D_1000032246 ?            ?                   
# 
_pdbx_database_related.db_name        TargetDB 
_pdbx_database_related.db_id          1B10 
_pdbx_database_related.details        . 
_pdbx_database_related.content_type   unspecified 
# 
_pdbx_database_status.entry_id                        1Z3D 
_pdbx_database_status.deposit_site                    RCSB 
_pdbx_database_status.process_site                    RCSB 
_pdbx_database_status.recvd_initial_deposition_date   2005-03-11 
_pdbx_database_status.status_code                     REL 
_pdbx_database_status.status_code_sf                  REL 
_pdbx_database_status.status_code_mr                  ? 
_pdbx_database_status.SG_entry                        Y 
_pdbx_database_status.pdb_format_compatible           Y 
_pdbx_database_status.status_code_cs                  ? 
_pdbx_database_status.status_code_nmr_data            ? 
_pdbx_database_status.methods_development_category    ? 
# 
loop_
_audit_author.name 
_audit_author.pdbx_ordinal 
'Gavira, J.A.'                                            1 
'DiGiammarino, E.'                                        2 
'Tempel, W.'                                              3 
'Toh, D.'                                                 4 
'Liu, Z.J.'                                               5 
'Wang, B.C.'                                              6 
'Meehan, E.'                                              7 
'Ng, J.D.'                                                8 
'Southeast Collaboratory for Structural Genomics (SECSG)' 9 
# 
_citation.id                        primary 
_citation.title                     
;Protein crystal growth improvement leading to the 2.5A crystallographic structure of ubiquitin-conjugating enzyme (ubc-1) from Caenorhabditis elegans
;
_citation.journal_abbrev            'To be Published' 
_citation.journal_volume            ? 
_citation.page_first                ? 
_citation.page_last                 ? 
_citation.year                      ? 
_citation.journal_id_ASTM           ? 
_citation.country                   ? 
_citation.journal_id_ISSN           ? 
_citation.journal_id_CSD            0353 
_citation.book_publisher            ? 
_citation.pdbx_database_id_PubMed   ? 
_citation.pdbx_database_id_DOI      ? 
# 
loop_
_citation_author.citation_id 
_citation_author.name 
_citation_author.ordinal 
_citation_author.identifier_ORCID 
primary 'Gavira, J.A.'     1 ? 
primary 'DiGiammarino, E.' 2 ? 
primary 'Tempel, W.'       3 ? 
primary 'Toh, D.'          4 ? 
primary 'Liu, Z.J.'        5 ? 
primary 'Wang, B.C.'       6 ? 
primary 'Meehan, E.'       7 ? 
primary 'Ng, J.D.'         8 ? 
# 
_cell.entry_id           1Z3D 
_cell.length_a           100.550 
_cell.length_b           100.550 
_cell.length_c           35.840 
_cell.angle_alpha        90.00 
_cell.angle_beta         90.00 
_cell.angle_gamma        120.00 
_cell.Z_PDB              6 
_cell.pdbx_unique_axis   ? 
# 
_symmetry.entry_id                         1Z3D 
_symmetry.space_group_name_H-M             'P 65' 
_symmetry.pdbx_full_space_group_name_H-M   ? 
_symmetry.cell_setting                     ? 
_symmetry.Int_Tables_number                170 
_symmetry.space_group_name_Hall            ? 
# 
loop_
_entity.id 
_entity.type 
_entity.src_method 
_entity.pdbx_description 
_entity.formula_weight 
_entity.pdbx_number_of_molecules 
_entity.pdbx_ec 
_entity.pdbx_mutation 
_entity.pdbx_fragment 
_entity.details 
1 polymer man 'Ubiquitin-conjugating enzyme E2 1' 17952.020 1  6.3.2.19 ? ? ? 
2 water   nat water                               18.015    17 ?        ? ? ? 
# 
_entity_name_com.entity_id   1 
_entity_name_com.name        'Ubiquitin-protein ligase 1, Ubiquitin carrier protein 1' 
# 
_entity_poly.entity_id                      1 
_entity_poly.type                           'polypeptide(L)' 
_entity_poly.nstd_linkage                   no 
_entity_poly.nstd_monomer                   no 
_entity_poly.pdbx_seq_one_letter_code       
;GSHMTTPSRRRLMRDFKKLQEDPPAGVSGAPTEDNILTWEAIIFGPQETPFEDGTFKLSLEFTEEYPNKPPTVKFISKMF
HPNVYADGSICLDILQNRWSPTYDVAAILTSIQSLLDEPNPNSPANSLAAQLYQENRREYEKRVQQIVEQSWLNFGE
;
_entity_poly.pdbx_seq_one_letter_code_can   
;GSHMTTPSRRRLMRDFKKLQEDPPAGVSGAPTEDNILTWEAIIFGPQETPFEDGTFKLSLEFTEEYPNKPPTVKFISKMF
HPNVYADGSICLDILQNRWSPTYDVAAILTSIQSLLDEPNPNSPANSLAAQLYQENRREYEKRVQQIVEQSWLNFGE
;
_entity_poly.pdbx_strand_id                 A 
_entity_poly.pdbx_target_identifier         1B10 
# 
loop_
_entity_poly_seq.entity_id 
_entity_poly_seq.num 
_entity_poly_seq.mon_id 
_entity_poly_seq.hetero 
1 1   GLY n 
1 2   SER n 
1 3   HIS n 
1 4   MET n 
1 5   THR n 
1 6   THR n 
1 7   PRO n 
1 8   SER n 
1 9   ARG n 
1 10  ARG n 
1 11  ARG n 
1 12  LEU n 
1 13  MET n 
1 14  ARG n 
1 15  ASP n 
1 16  PHE n 
1 17  LYS n 
1 18  LYS n 
1 19  LEU n 
1 20  GLN n 
1 21  GLU n 
1 22  ASP n 
1 23  PRO n 
1 24  PRO n 
1 25  ALA n 
1 26  GLY n 
1 27  VAL n 
1 28  SER n 
1 29  GLY n 
1 30  ALA n 
1 31  PRO n 
1 32  THR n 
1 33  GLU n 
1 34  ASP n 
1 35  ASN n 
1 36  ILE n 
1 37  LEU n 
1 38  THR n 
1 39  TRP n 
1 40  GLU n 
1 41  ALA n 
1 42  ILE n 
1 43  ILE n 
1 44  PHE n 
1 45  GLY n 
1 46  PRO n 
1 47  GLN n 
1 48  GLU n 
1 49  THR n 
1 50  PRO n 
1 51  PHE n 
1 52  GLU n 
1 53  ASP n 
1 54  GLY n 
1 55  THR n 
1 56  PHE n 
1 57  LYS n 
1 58  LEU n 
1 59  SER n 
1 60  LEU n 
1 61  GLU n 
1 62  PHE n 
1 63  THR n 
1 64  GLU n 
1 65  GLU n 
1 66  TYR n 
1 67  PRO n 
1 68  ASN n 
1 69  LYS n 
1 70  PRO n 
1 71  PRO n 
1 72  THR n 
1 73  VAL n 
1 74  LYS n 
1 75  PHE n 
1 76  ILE n 
1 77  SER n 
1 78  LYS n 
1 79  MET n 
1 80  PHE n 
1 81  HIS n 
1 82  PRO n 
1 83  ASN n 
1 84  VAL n 
1 85  TYR n 
1 86  ALA n 
1 87  ASP n 
1 88  GLY n 
1 89  SER n 
1 90  ILE n 
1 91  CYS n 
1 92  LEU n 
1 93  ASP n 
1 94  ILE n 
1 95  LEU n 
1 96  GLN n 
1 97  ASN n 
1 98  ARG n 
1 99  TRP n 
1 100 SER n 
1 101 PRO n 
1 102 THR n 
1 103 TYR n 
1 104 ASP n 
1 105 VAL n 
1 106 ALA n 
1 107 ALA n 
1 108 ILE n 
1 109 LEU n 
1 110 THR n 
1 111 SER n 
1 112 ILE n 
1 113 GLN n 
1 114 SER n 
1 115 LEU n 
1 116 LEU n 
1 117 ASP n 
1 118 GLU n 
1 119 PRO n 
1 120 ASN n 
1 121 PRO n 
1 122 ASN n 
1 123 SER n 
1 124 PRO n 
1 125 ALA n 
1 126 ASN n 
1 127 SER n 
1 128 LEU n 
1 129 ALA n 
1 130 ALA n 
1 131 GLN n 
1 132 LEU n 
1 133 TYR n 
1 134 GLN n 
1 135 GLU n 
1 136 ASN n 
1 137 ARG n 
1 138 ARG n 
1 139 GLU n 
1 140 TYR n 
1 141 GLU n 
1 142 LYS n 
1 143 ARG n 
1 144 VAL n 
1 145 GLN n 
1 146 GLN n 
1 147 ILE n 
1 148 VAL n 
1 149 GLU n 
1 150 GLN n 
1 151 SER n 
1 152 TRP n 
1 153 LEU n 
1 154 ASN n 
1 155 PHE n 
1 156 GLY n 
1 157 GLU n 
# 
_entity_src_gen.entity_id                          1 
_entity_src_gen.pdbx_src_id                        1 
_entity_src_gen.pdbx_alt_source_flag               sample 
_entity_src_gen.pdbx_seq_type                      ? 
_entity_src_gen.pdbx_beg_seq_num                   ? 
_entity_src_gen.pdbx_end_seq_num                   ? 
_entity_src_gen.gene_src_common_name               ? 
_entity_src_gen.gene_src_genus                     Caenorhabditis 
_entity_src_gen.pdbx_gene_src_gene                 ubc-1 
_entity_src_gen.gene_src_species                   ? 
_entity_src_gen.gene_src_strain                    ? 
_entity_src_gen.gene_src_tissue                    ? 
_entity_src_gen.gene_src_tissue_fraction           ? 
_entity_src_gen.gene_src_details                   ? 
_entity_src_gen.pdbx_gene_src_fragment             ? 
_entity_src_gen.pdbx_gene_src_scientific_name      'Caenorhabditis elegans' 
_entity_src_gen.pdbx_gene_src_ncbi_taxonomy_id     6239 
_entity_src_gen.pdbx_gene_src_variant              ? 
_entity_src_gen.pdbx_gene_src_cell_line            ? 
_entity_src_gen.pdbx_gene_src_atcc                 ? 
_entity_src_gen.pdbx_gene_src_organ                ? 
_entity_src_gen.pdbx_gene_src_organelle            ? 
_entity_src_gen.pdbx_gene_src_cell                 ? 
_entity_src_gen.pdbx_gene_src_cellular_location    ? 
_entity_src_gen.host_org_common_name               ? 
_entity_src_gen.pdbx_host_org_scientific_name      'Escherichia coli BL21' 
_entity_src_gen.pdbx_host_org_ncbi_taxonomy_id     511693 
_entity_src_gen.host_org_genus                     Escherichia 
_entity_src_gen.pdbx_host_org_gene                 ? 
_entity_src_gen.pdbx_host_org_organ                ? 
_entity_src_gen.host_org_species                   'Escherichia coli' 
_entity_src_gen.pdbx_host_org_tissue               ? 
_entity_src_gen.pdbx_host_org_tissue_fraction      ? 
_entity_src_gen.pdbx_host_org_strain               BL21 
_entity_src_gen.pdbx_host_org_variant              ? 
_entity_src_gen.pdbx_host_org_cell_line            ? 
_entity_src_gen.pdbx_host_org_atcc                 ? 
_entity_src_gen.pdbx_host_org_culture_collection   ? 
_entity_src_gen.pdbx_host_org_cell                 ? 
_entity_src_gen.pdbx_host_org_organelle            ? 
_entity_src_gen.pdbx_host_org_cellular_location    ? 
_entity_src_gen.pdbx_host_org_vector_type          plasmid 
_entity_src_gen.pdbx_host_org_vector               ? 
_entity_src_gen.host_org_details                   ? 
_entity_src_gen.expression_system_id               ? 
_entity_src_gen.plasmid_name                       pET26 
_entity_src_gen.plasmid_details                    ? 
_entity_src_gen.pdbx_description                   ? 
# 
_struct_ref.id                         1 
_struct_ref.db_name                    UNP 
_struct_ref.db_code                    UBC1_CAEEL 
_struct_ref.pdbx_db_accession          P52478 
_struct_ref.entity_id                  1 
_struct_ref.pdbx_seq_one_letter_code   
;MTTPSRRRLMRDFKKLQEDPPAGVSGAPTEDNILTWEAIIFGPQETPFEDGTFKLSLEFTEEYPNKPPTVKFISKMFHPN
VYADGSICLDILQNRWSPTYDVAAILTSIQSLLDEPNPNSPANSLAAQLYQENRREYEKRVQQIVEQSWLNFGENEGDAV
LKDDVEIEEIAAPGANDADDDRMDEGASGSNA
;
_struct_ref.pdbx_align_begin           1 
_struct_ref.pdbx_db_isoform            ? 
# 
_struct_ref_seq.align_id                      1 
_struct_ref_seq.ref_id                        1 
_struct_ref_seq.pdbx_PDB_id_code              1Z3D 
_struct_ref_seq.pdbx_strand_id                A 
_struct_ref_seq.seq_align_beg                 4 
_struct_ref_seq.pdbx_seq_align_beg_ins_code   ? 
_struct_ref_seq.seq_align_end                 157 
_struct_ref_seq.pdbx_seq_align_end_ins_code   ? 
_struct_ref_seq.pdbx_db_accession             P52478 
_struct_ref_seq.db_align_beg                  1 
_struct_ref_seq.pdbx_db_align_beg_ins_code    ? 
_struct_ref_seq.db_align_end                  154 
_struct_ref_seq.pdbx_db_align_end_ins_code    ? 
_struct_ref_seq.pdbx_auth_seq_align_beg       1 
_struct_ref_seq.pdbx_auth_seq_align_end       154 
# 
loop_
_struct_ref_seq_dif.align_id 
_struct_ref_seq_dif.pdbx_pdb_id_code 
_struct_ref_seq_dif.mon_id 
_struct_ref_seq_dif.pdbx_pdb_strand_id 
_struct_ref_seq_dif.seq_num 
_struct_ref_seq_dif.pdbx_pdb_ins_code 
_struct_ref_seq_dif.pdbx_seq_db_name 
_struct_ref_seq_dif.pdbx_seq_db_accession_code 
_struct_ref_seq_dif.db_mon_id 
_struct_ref_seq_dif.pdbx_seq_db_seq_num 
_struct_ref_seq_dif.details 
_struct_ref_seq_dif.pdbx_auth_seq_num 
_struct_ref_seq_dif.pdbx_ordinal 
1 1Z3D GLY A 1 ? UNP P52478 ? ? 'cloning artifact' -2 1 
1 1Z3D SER A 2 ? UNP P52478 ? ? 'cloning artifact' -1 2 
1 1Z3D HIS A 3 ? UNP P52478 ? ? 'cloning artifact' 0  3 
# 
loop_
_chem_comp.id 
_chem_comp.type 
_chem_comp.mon_nstd_flag 
_chem_comp.name 
_chem_comp.pdbx_synonyms 
_chem_comp.formula 
_chem_comp.formula_weight 
ALA 'L-peptide linking' y ALANINE         ? 'C3 H7 N O2'     89.093  
ARG 'L-peptide linking' y ARGININE        ? 'C6 H15 N4 O2 1' 175.209 
ASN 'L-peptide linking' y ASPARAGINE      ? 'C4 H8 N2 O3'    132.118 
ASP 'L-peptide linking' y 'ASPARTIC ACID' ? 'C4 H7 N O4'     133.103 
CYS 'L-peptide linking' y CYSTEINE        ? 'C3 H7 N O2 S'   121.158 
GLN 'L-peptide linking' y GLUTAMINE       ? 'C5 H10 N2 O3'   146.144 
GLU 'L-peptide linking' y 'GLUTAMIC ACID' ? 'C5 H9 N O4'     147.129 
GLY 'peptide linking'   y GLYCINE         ? 'C2 H5 N O2'     75.067  
HIS 'L-peptide linking' y HISTIDINE       ? 'C6 H10 N3 O2 1' 156.162 
HOH non-polymer         . WATER           ? 'H2 O'           18.015  
ILE 'L-peptide linking' y ISOLEUCINE      ? 'C6 H13 N O2'    131.173 
LEU 'L-peptide linking' y LEUCINE         ? 'C6 H13 N O2'    131.173 
LYS 'L-peptide linking' y LYSINE          ? 'C6 H15 N2 O2 1' 147.195 
MET 'L-peptide linking' y METHIONINE      ? 'C5 H11 N O2 S'  149.211 
PHE 'L-peptide linking' y PHENYLALANINE   ? 'C9 H11 N O2'    165.189 
PRO 'L-peptide linking' y PROLINE         ? 'C5 H9 N O2'     115.130 
SER 'L-peptide linking' y SERINE          ? 'C3 H7 N O3'     105.093 
THR 'L-peptide linking' y THREONINE       ? 'C4 H9 N O3'     119.119 
TRP 'L-peptide linking' y TRYPTOPHAN      ? 'C11 H12 N2 O2'  204.225 
TYR 'L-peptide linking' y TYROSINE        ? 'C9 H11 N O3'    181.189 
VAL 'L-peptide linking' y VALINE          ? 'C5 H11 N O2'    117.146 
# 
_exptl.entry_id          1Z3D 
_exptl.method            'X-RAY DIFFRACTION' 
_exptl.crystals_number   1 
# 
_exptl_crystal.id                    1 
_exptl_crystal.density_meas          ? 
_exptl_crystal.density_Matthews      3.0 
_exptl_crystal.density_percent_sol   59.0 
_exptl_crystal.description           ? 
_exptl_crystal.F_000                 ? 
_exptl_crystal.preparation           ? 
# 
_exptl_crystal_grow.crystal_id      1 
_exptl_crystal_grow.method          COUNTER-DIFFUSION 
_exptl_crystal_grow.temp            277.5 
_exptl_crystal_grow.temp_details    ? 
_exptl_crystal_grow.pH              8.5 
_exptl_crystal_grow.pdbx_details    '0.1 M Tris, pH 8.5, 0.2 M MgCl2, 30% PEG 4K, counter-diffusion, temperature 277.5K' 
_exptl_crystal_grow.pdbx_pH_range   . 
# 
_diffrn.id                     1 
_diffrn.ambient_temp           100 
_diffrn.ambient_temp_details   ? 
_diffrn.crystal_id             1 
# 
_diffrn_detector.diffrn_id              1 
_diffrn_detector.detector               CCD 
_diffrn_detector.type                   'MAR CCD 165 mm' 
_diffrn_detector.pdbx_collection_date   ? 
_diffrn_detector.details                ? 
# 
_diffrn_radiation.diffrn_id                        1 
_diffrn_radiation.wavelength_id                    1 
_diffrn_radiation.pdbx_monochromatic_or_laue_m_l   M 
_diffrn_radiation.monochromator                    ? 
_diffrn_radiation.pdbx_diffrn_protocol             'SINGLE WAVELENGTH' 
_diffrn_radiation.pdbx_scattering_type             x-ray 
# 
_diffrn_radiation_wavelength.id           1 
_diffrn_radiation_wavelength.wavelength   0.97 
_diffrn_radiation_wavelength.wt           1.0 
# 
_diffrn_source.diffrn_id                   1 
_diffrn_source.source                      SYNCHROTRON 
_diffrn_source.type                        'APS BEAMLINE 22-ID' 
_diffrn_source.pdbx_synchrotron_site       APS 
_diffrn_source.pdbx_synchrotron_beamline   22-ID 
_diffrn_source.pdbx_wavelength             ? 
_diffrn_source.pdbx_wavelength_list        0.97 
# 
_reflns.entry_id                     1Z3D 
_reflns.observed_criterion_sigma_I   ? 
_reflns.observed_criterion_sigma_F   ? 
_reflns.d_resolution_low             50.00 
_reflns.d_resolution_high            2.50 
_reflns.number_obs                   7370 
_reflns.number_all                   ? 
_reflns.percent_possible_obs         97.1 
_reflns.pdbx_Rmerge_I_obs            0.058 
_reflns.pdbx_Rsym_value              ? 
_reflns.pdbx_netI_over_sigmaI        ? 
_reflns.B_iso_Wilson_estimate        50.5 
_reflns.pdbx_redundancy              2.600 
_reflns.R_free_details               ? 
_reflns.limit_h_max                  ? 
_reflns.limit_h_min                  ? 
_reflns.limit_k_max                  ? 
_reflns.limit_k_min                  ? 
_reflns.limit_l_max                  ? 
_reflns.limit_l_min                  ? 
_reflns.observed_criterion_F_max     ? 
_reflns.observed_criterion_F_min     ? 
_reflns.pdbx_chi_squared             ? 
_reflns.pdbx_scaling_rejects         ? 
_reflns.pdbx_diffrn_id               1 
_reflns.pdbx_ordinal                 1 
# 
loop_
_reflns_shell.d_res_high 
_reflns_shell.d_res_low 
_reflns_shell.percent_possible_all 
_reflns_shell.Rmerge_I_obs 
_reflns_shell.pdbx_Rsym_value 
_reflns_shell.meanI_over_sigI_obs 
_reflns_shell.pdbx_redundancy 
_reflns_shell.percent_possible_obs 
_reflns_shell.number_unique_all 
_reflns_shell.number_measured_all 
_reflns_shell.number_measured_obs 
_reflns_shell.number_unique_obs 
_reflns_shell.pdbx_chi_squared 
_reflns_shell.pdbx_diffrn_id 
_reflns_shell.pdbx_ordinal 
2.50 2.59  ? 0.326 ? ? 1.400 ? ? ? ? ? ? ? 1  
2.59 2.69  ? 0.287 ? ? 1.700 ? ? ? ? ? ? ? 2  
2.69 2.82  ? 0.252 ? ? 2.200 ? ? ? ? ? ? ? 3  
2.82 2.96  ? 0.178 ? ? 2.700 ? ? ? ? ? ? ? 4  
2.96 3.15  ? 0.129 ? ? 2.900 ? ? ? ? ? ? ? 5  
3.15 3.39  ? 0.088 ? ? 2.900 ? ? ? ? ? ? ? 6  
3.39 3.73  ? 0.061 ? ? 2.900 ? ? ? ? ? ? ? 7  
3.73 4.27  ? 0.045 ? ? 3.000 ? ? ? ? ? ? ? 8  
4.27 5.38  ? 0.037 ? ? 3.000 ? ? ? ? ? ? ? 9  
5.38 50.00 ? 0.034 ? ? 2.900 ? ? ? ? ? ? ? 10 
# 
_refine.entry_id                                 1Z3D 
_refine.ls_number_reflns_obs                     7080 
_refine.ls_number_reflns_all                     ? 
_refine.pdbx_ls_sigma_I                          ? 
_refine.pdbx_ls_sigma_F                          .0 
_refine.pdbx_data_cutoff_high_absF               1342948.77 
_refine.pdbx_data_cutoff_low_absF                .000000 
_refine.pdbx_data_cutoff_high_rms_absF           ? 
_refine.ls_d_res_low                             29.03 
_refine.ls_d_res_high                            2.50 
_refine.ls_percent_reflns_obs                    96.1 
_refine.ls_R_factor_obs                          0.242 
_refine.ls_R_factor_all                          ? 
_refine.ls_R_factor_R_work                       0.242 
_refine.ls_R_factor_R_free                       0.273 
_refine.ls_R_factor_R_free_error                 .010 
_refine.ls_R_factor_R_free_error_details         ? 
_refine.ls_percent_reflns_R_free                 10.3 
_refine.ls_number_reflns_R_free                  731 
_refine.ls_number_parameters                     ? 
_refine.ls_number_restraints                     ? 
_refine.occupancy_min                            ? 
_refine.occupancy_max                            ? 
_refine.correlation_coeff_Fo_to_Fc               ? 
_refine.correlation_coeff_Fo_to_Fc_free          ? 
_refine.B_iso_mean                               41.0 
_refine.aniso_B[1][1]                            -.74 
_refine.aniso_B[2][2]                            -.70 
_refine.aniso_B[3][3]                            1.44 
_refine.aniso_B[1][2]                            7.62 
_refine.aniso_B[1][3]                            .00 
_refine.aniso_B[2][3]                            .00 
_refine.solvent_model_details                    'FLAT MODEL' 
_refine.solvent_model_param_ksol                 .321999 
_refine.solvent_model_param_bsol                 17.8198 
_refine.pdbx_solvent_vdw_probe_radii             ? 
_refine.pdbx_solvent_ion_probe_radii             ? 
_refine.pdbx_solvent_shrinkage_radii             ? 
_refine.pdbx_ls_cross_valid_method               THROUGHOUT 
_refine.details                                  ? 
_refine.pdbx_starting_model                      2aak 
_refine.pdbx_method_to_determine_struct          'MOLECULAR REPLACEMENT' 
_refine.pdbx_isotropic_thermal_model             RESTRAINED 
_refine.pdbx_stereochemistry_target_values       ? 
_refine.pdbx_stereochem_target_val_spec_case     ? 
_refine.pdbx_R_Free_selection_details            RANDOM 
_refine.pdbx_overall_ESU_R                       ? 
_refine.pdbx_overall_ESU_R_Free                  ? 
_refine.overall_SU_ML                            ? 
_refine.overall_SU_B                             ? 
_refine.ls_redundancy_reflns_obs                 ? 
_refine.B_iso_min                                ? 
_refine.B_iso_max                                ? 
_refine.overall_SU_R_Cruickshank_DPI             ? 
_refine.overall_SU_R_free                        ? 
_refine.ls_wR_factor_R_free                      ? 
_refine.ls_wR_factor_R_work                      ? 
_refine.overall_FOM_free_R_set                   ? 
_refine.overall_FOM_work_R_set                   ? 
_refine.pdbx_refine_id                           'X-RAY DIFFRACTION' 
_refine.pdbx_diffrn_id                           1 
_refine.pdbx_TLS_residual_ADP_flag               ? 
_refine.pdbx_overall_phase_error                 ? 
_refine.pdbx_overall_SU_R_free_Cruickshank_DPI   ? 
_refine.pdbx_overall_SU_R_Blow_DPI               ? 
_refine.pdbx_overall_SU_R_free_Blow_DPI          ? 
# 
_refine_analyze.entry_id                        1Z3D 
_refine_analyze.Luzzati_coordinate_error_obs    .36 
_refine_analyze.Luzzati_sigma_a_obs             .35 
_refine_analyze.Luzzati_d_res_low_obs           5.00 
_refine_analyze.Luzzati_coordinate_error_free   .45 
_refine_analyze.Luzzati_sigma_a_free            .43 
_refine_analyze.Luzzati_d_res_low_free          ? 
_refine_analyze.number_disordered_residues      ? 
_refine_analyze.occupancy_sum_hydrogen          ? 
_refine_analyze.occupancy_sum_non_hydrogen      ? 
_refine_analyze.pdbx_Luzzati_d_res_high_obs     ? 
_refine_analyze.pdbx_refine_id                  'X-RAY DIFFRACTION' 
# 
_refine_hist.pdbx_refine_id                   'X-RAY DIFFRACTION' 
_refine_hist.cycle_id                         LAST 
_refine_hist.pdbx_number_atoms_protein        1225 
_refine_hist.pdbx_number_atoms_nucleic_acid   0 
_refine_hist.pdbx_number_atoms_ligand         0 
_refine_hist.number_atoms_solvent             17 
_refine_hist.number_atoms_total               1242 
_refine_hist.d_res_high                       2.50 
_refine_hist.d_res_low                        29.03 
# 
loop_
_refine_ls_restr.type 
_refine_ls_restr.dev_ideal 
_refine_ls_restr.dev_ideal_target 
_refine_ls_restr.weight 
_refine_ls_restr.number 
_refine_ls_restr.pdbx_refine_id 
_refine_ls_restr.pdbx_restraint_function 
c_bond_d                .008 ?    ? ? 'X-RAY DIFFRACTION' ? 
c_bond_d_na             ?    ?    ? ? 'X-RAY DIFFRACTION' ? 
c_bond_d_prot           ?    ?    ? ? 'X-RAY DIFFRACTION' ? 
c_angle_d               ?    ?    ? ? 'X-RAY DIFFRACTION' ? 
c_angle_d_na            ?    ?    ? ? 'X-RAY DIFFRACTION' ? 
c_angle_d_prot          ?    ?    ? ? 'X-RAY DIFFRACTION' ? 
c_angle_deg             1.4  ?    ? ? 'X-RAY DIFFRACTION' ? 
c_angle_deg_na          ?    ?    ? ? 'X-RAY DIFFRACTION' ? 
c_angle_deg_prot        ?    ?    ? ? 'X-RAY DIFFRACTION' ? 
c_dihedral_angle_d      23.2 ?    ? ? 'X-RAY DIFFRACTION' ? 
c_dihedral_angle_d_na   ?    ?    ? ? 'X-RAY DIFFRACTION' ? 
c_dihedral_angle_d_prot ?    ?    ? ? 'X-RAY DIFFRACTION' ? 
c_improper_angle_d      .84  ?    ? ? 'X-RAY DIFFRACTION' ? 
c_improper_angle_d_na   ?    ?    ? ? 'X-RAY DIFFRACTION' ? 
c_improper_angle_d_prot ?    ?    ? ? 'X-RAY DIFFRACTION' ? 
c_mcbond_it             2.80 3.00 ? ? 'X-RAY DIFFRACTION' ? 
c_mcangle_it            4.05 3.00 ? ? 'X-RAY DIFFRACTION' ? 
c_scbond_it             3.58 3.00 ? ? 'X-RAY DIFFRACTION' ? 
c_scangle_it            4.85 3.00 ? ? 'X-RAY DIFFRACTION' ? 
# 
_refine_ls_shell.pdbx_total_number_of_bins_used   6 
_refine_ls_shell.d_res_high                       2.50 
_refine_ls_shell.d_res_low                        2.66 
_refine_ls_shell.number_reflns_R_work             931 
_refine_ls_shell.R_factor_R_work                  0.326 
_refine_ls_shell.percent_reflns_obs               84.4 
_refine_ls_shell.R_factor_R_free                  0.373 
_refine_ls_shell.R_factor_R_free_error            .038 
_refine_ls_shell.percent_reflns_R_free            9.2 
_refine_ls_shell.number_reflns_R_free             94 
_refine_ls_shell.redundancy_reflns_obs            ? 
_refine_ls_shell.number_reflns_all                ? 
_refine_ls_shell.number_reflns_obs                ? 
_refine_ls_shell.pdbx_refine_id                   'X-RAY DIFFRACTION' 
_refine_ls_shell.R_factor_all                     ? 
# 
loop_
_pdbx_xplor_file.serial_no 
_pdbx_xplor_file.param_file 
_pdbx_xplor_file.topol_file 
_pdbx_xplor_file.pdbx_refine_id 
1 protein_rep.param protein.top 'X-RAY DIFFRACTION' 
2 water_rep.param   water.top   'X-RAY DIFFRACTION' 
# 
_struct.entry_id                  1Z3D 
_struct.title                     
;Protein crystal growth improvement leading to the 2.5A crystallographic structure of ubiquitin-conjugating enzyme (ubc-1) from Caenorhabditis elegans
;
_struct.pdbx_model_details        ? 
_struct.pdbx_CASP_flag            ? 
_struct.pdbx_model_type_details   ? 
# 
_struct_keywords.text            
;E2, Ubiquitination, Ubiquitin-conjugating, crystal growth, Structural Genomics, PSI, Protein Structure Initiative, Southeast Collaboratory for Structural Genomics, SECSG, LIGASE
;
_struct_keywords.entry_id        1Z3D 
_struct_keywords.pdbx_keywords   LIGASE 
# 
loop_
_struct_asym.id 
_struct_asym.pdbx_blank_PDB_chainid_flag 
_struct_asym.pdbx_modified 
_struct_asym.entity_id 
_struct_asym.details 
A N N 1 ? 
B N N 2 ? 
# 
loop_
_struct_conf.conf_type_id 
_struct_conf.id 
_struct_conf.pdbx_PDB_helix_id 
_struct_conf.beg_label_comp_id 
_struct_conf.beg_label_asym_id 
_struct_conf.beg_label_seq_id 
_struct_conf.pdbx_beg_PDB_ins_code 
_struct_conf.end_label_comp_id 
_struct_conf.end_label_asym_id 
_struct_conf.end_label_seq_id 
_struct_conf.pdbx_end_PDB_ins_code 
_struct_conf.beg_auth_comp_id 
_struct_conf.beg_auth_asym_id 
_struct_conf.beg_auth_seq_id 
_struct_conf.end_auth_comp_id 
_struct_conf.end_auth_asym_id 
_struct_conf.end_auth_seq_id 
_struct_conf.pdbx_PDB_helix_class 
_struct_conf.details 
_struct_conf.pdbx_PDB_helix_length 
HELX_P HELX_P1 1 THR A 6   ? ASP A 22  ? THR A 3   ASP A 19  1 ? 17 
HELX_P HELX_P2 2 LEU A 92  ? GLN A 96  ? LEU A 89  GLN A 93  5 ? 5  
HELX_P HELX_P3 3 ASP A 104 ? LEU A 115 ? ASP A 101 LEU A 112 1 ? 12 
HELX_P HELX_P4 4 ASN A 126 ? ASN A 136 ? ASN A 123 ASN A 133 1 ? 11 
HELX_P HELX_P5 5 ASN A 136 ? TRP A 152 ? ASN A 133 TRP A 149 1 ? 17 
# 
_struct_conf_type.id          HELX_P 
_struct_conf_type.criteria    ? 
_struct_conf_type.reference   ? 
# 
_struct_mon_prot_cis.pdbx_id                1 
_struct_mon_prot_cis.label_comp_id          TYR 
_struct_mon_prot_cis.label_seq_id           66 
_struct_mon_prot_cis.label_asym_id          A 
_struct_mon_prot_cis.label_alt_id           . 
_struct_mon_prot_cis.pdbx_PDB_ins_code      ? 
_struct_mon_prot_cis.auth_comp_id           TYR 
_struct_mon_prot_cis.auth_seq_id            63 
_struct_mon_prot_cis.auth_asym_id           A 
_struct_mon_prot_cis.pdbx_label_comp_id_2   PRO 
_struct_mon_prot_cis.pdbx_label_seq_id_2    67 
_struct_mon_prot_cis.pdbx_label_asym_id_2   A 
_struct_mon_prot_cis.pdbx_PDB_ins_code_2    ? 
_struct_mon_prot_cis.pdbx_auth_comp_id_2    PRO 
_struct_mon_prot_cis.pdbx_auth_seq_id_2     64 
_struct_mon_prot_cis.pdbx_auth_asym_id_2    A 
_struct_mon_prot_cis.pdbx_PDB_model_num     1 
_struct_mon_prot_cis.pdbx_omega_angle       -0.28 
# 
_struct_sheet.id               A 
_struct_sheet.type             ? 
_struct_sheet.number_strands   4 
_struct_sheet.details          ? 
# 
loop_
_struct_sheet_order.sheet_id 
_struct_sheet_order.range_id_1 
_struct_sheet_order.range_id_2 
_struct_sheet_order.offset 
_struct_sheet_order.sense 
A 1 2 ? anti-parallel 
A 2 3 ? anti-parallel 
A 3 4 ? anti-parallel 
# 
loop_
_struct_sheet_range.sheet_id 
_struct_sheet_range.id 
_struct_sheet_range.beg_label_comp_id 
_struct_sheet_range.beg_label_asym_id 
_struct_sheet_range.beg_label_seq_id 
_struct_sheet_range.pdbx_beg_PDB_ins_code 
_struct_sheet_range.end_label_comp_id 
_struct_sheet_range.end_label_asym_id 
_struct_sheet_range.end_label_seq_id 
_struct_sheet_range.pdbx_end_PDB_ins_code 
_struct_sheet_range.beg_auth_comp_id 
_struct_sheet_range.beg_auth_asym_id 
_struct_sheet_range.beg_auth_seq_id 
_struct_sheet_range.end_auth_comp_id 
_struct_sheet_range.end_auth_asym_id 
_struct_sheet_range.end_auth_seq_id 
A 1 VAL A 27 ? THR A 32 ? VAL A 24 THR A 29 
A 2 ASN A 35 ? PHE A 44 ? ASN A 32 PHE A 41 
A 3 THR A 55 ? GLU A 61 ? THR A 52 GLU A 58 
A 4 THR A 72 ? PHE A 75 ? THR A 69 PHE A 72 
# 
loop_
_pdbx_struct_sheet_hbond.sheet_id 
_pdbx_struct_sheet_hbond.range_id_1 
_pdbx_struct_sheet_hbond.range_id_2 
_pdbx_struct_sheet_hbond.range_1_label_atom_id 
_pdbx_struct_sheet_hbond.range_1_label_comp_id 
_pdbx_struct_sheet_hbond.range_1_label_asym_id 
_pdbx_struct_sheet_hbond.range_1_label_seq_id 
_pdbx_struct_sheet_hbond.range_1_PDB_ins_code 
_pdbx_struct_sheet_hbond.range_1_auth_atom_id 
_pdbx_struct_sheet_hbond.range_1_auth_comp_id 
_pdbx_struct_sheet_hbond.range_1_auth_asym_id 
_pdbx_struct_sheet_hbond.range_1_auth_seq_id 
_pdbx_struct_sheet_hbond.range_2_label_atom_id 
_pdbx_struct_sheet_hbond.range_2_label_comp_id 
_pdbx_struct_sheet_hbond.range_2_label_asym_id 
_pdbx_struct_sheet_hbond.range_2_label_seq_id 
_pdbx_struct_sheet_hbond.range_2_PDB_ins_code 
_pdbx_struct_sheet_hbond.range_2_auth_atom_id 
_pdbx_struct_sheet_hbond.range_2_auth_comp_id 
_pdbx_struct_sheet_hbond.range_2_auth_asym_id 
_pdbx_struct_sheet_hbond.range_2_auth_seq_id 
A 1 2 N THR A 32 ? N THR A 29 O THR A 38 ? O THR A 35 
A 2 3 N ALA A 41 ? N ALA A 38 O LEU A 58 ? O LEU A 55 
A 3 4 N SER A 59 ? N SER A 56 O LYS A 74 ? O LYS A 71 
# 
_atom_sites.entry_id                    1Z3D 
_atom_sites.fract_transf_matrix[1][1]   -0.00205199 
_atom_sites.fract_transf_matrix[1][2]   -0.01116761 
_atom_sites.fract_transf_matrix[1][3]   0.00171678 
_atom_sites.fract_transf_matrix[2][1]   -0.00279872 
_atom_sites.fract_transf_matrix[2][2]   -0.00675211 
_atom_sites.fract_transf_matrix[2][3]   -0.00885768 
_atom_sites.fract_transf_matrix[3][1]   0.02699871 
_atom_sites.fract_transf_matrix[3][2]   -0.00561436 
_atom_sites.fract_transf_matrix[3][3]   -0.00425089 
_atom_sites.fract_transf_vector[1]      0.892109 
_atom_sites.fract_transf_vector[2]      0.376516 
_atom_sites.fract_transf_vector[3]      0.092137 
# 
loop_
_atom_type.symbol 
C 
H 
N 
O 
S 
# 
loop_
_atom_site.group_PDB 
_atom_site.id 
_atom_site.type_symbol 
_atom_site.label_atom_id 
_atom_site.label_alt_id 
_atom_site.label_comp_id 
_atom_site.label_asym_id 
_atom_site.label_entity_id 
_atom_site.label_seq_id 
_atom_site.pdbx_PDB_ins_code 
_atom_site.Cartn_x 
_atom_site.Cartn_y 
_atom_site.Cartn_z 
_atom_site.occupancy 
_atom_site.B_iso_or_equiv 
_atom_site.pdbx_formal_charge 
_atom_site.auth_seq_id 
_atom_site.auth_comp_id 
_atom_site.auth_asym_id 
_atom_site.auth_atom_id 
_atom_site.pdbx_PDB_model_num 
ATOM   1    N N   . THR A 1 5   ? -3.324  -0.946  -26.284 1.00 57.32 ? 2   THR A N   1 
ATOM   2    C CA  . THR A 1 5   ? -4.779  -1.244  -26.482 1.00 59.92 ? 2   THR A CA  1 
ATOM   3    C C   . THR A 1 5   ? -5.118  -2.626  -25.912 1.00 58.16 ? 2   THR A C   1 
ATOM   4    O O   . THR A 1 5   ? -6.206  -3.165  -26.147 1.00 57.64 ? 2   THR A O   1 
ATOM   5    C CB  . THR A 1 5   ? -5.144  -1.229  -27.987 1.00 62.09 ? 2   THR A CB  1 
ATOM   6    O OG1 . THR A 1 5   ? -4.699  -2.442  -28.605 1.00 62.96 ? 2   THR A OG1 1 
ATOM   7    C CG2 . THR A 1 5   ? -4.457  -0.066  -28.687 1.00 64.55 ? 2   THR A CG2 1 
ATOM   8    N N   . THR A 1 6   ? -4.171  -3.190  -25.166 1.00 53.74 ? 3   THR A N   1 
ATOM   9    C CA  . THR A 1 6   ? -4.328  -4.512  -24.564 1.00 48.30 ? 3   THR A CA  1 
ATOM   10   C C   . THR A 1 6   ? -5.361  -4.507  -23.445 1.00 45.99 ? 3   THR A C   1 
ATOM   11   O O   . THR A 1 6   ? -5.575  -3.494  -22.790 1.00 46.07 ? 3   THR A O   1 
ATOM   12   C CB  . THR A 1 6   ? -2.998  -5.025  -23.958 1.00 46.98 ? 3   THR A CB  1 
ATOM   13   O OG1 . THR A 1 6   ? -2.695  -4.286  -22.768 1.00 44.67 ? 3   THR A OG1 1 
ATOM   14   C CG2 . THR A 1 6   ? -1.857  -4.851  -24.942 1.00 43.55 ? 3   THR A CG2 1 
ATOM   15   N N   . PRO A 1 7   ? -6.010  -5.651  -23.209 1.00 45.67 ? 4   PRO A N   1 
ATOM   16   C CA  . PRO A 1 7   ? -7.024  -5.784  -22.160 1.00 41.52 ? 4   PRO A CA  1 
ATOM   17   C C   . PRO A 1 7   ? -6.569  -5.288  -20.780 1.00 40.06 ? 4   PRO A C   1 
ATOM   18   O O   . PRO A 1 7   ? -7.343  -4.683  -20.041 1.00 39.94 ? 4   PRO A O   1 
ATOM   19   C CB  . PRO A 1 7   ? -7.349  -7.283  -22.183 1.00 41.01 ? 4   PRO A CB  1 
ATOM   20   C CG  . PRO A 1 7   ? -6.179  -7.909  -22.861 1.00 40.82 ? 4   PRO A CG  1 
ATOM   21   C CD  . PRO A 1 7   ? -5.851  -6.920  -23.932 1.00 43.53 ? 4   PRO A CD  1 
ATOM   22   N N   . SER A 1 8   ? -5.310  -5.539  -20.437 1.00 37.84 ? 5   SER A N   1 
ATOM   23   C CA  . SER A 1 8   ? -4.775  -5.104  -19.157 1.00 34.89 ? 5   SER A CA  1 
ATOM   24   C C   . SER A 1 8   ? -4.771  -3.573  -19.043 1.00 37.43 ? 5   SER A C   1 
ATOM   25   O O   . SER A 1 8   ? -5.180  -3.006  -18.026 1.00 35.80 ? 5   SER A O   1 
ATOM   26   C CB  . SER A 1 8   ? -3.354  -5.644  -18.992 1.00 37.32 ? 5   SER A CB  1 
ATOM   27   O OG  . SER A 1 8   ? -2.799  -5.254  -17.751 1.00 39.14 ? 5   SER A OG  1 
ATOM   28   N N   . ARG A 1 9   ? -4.308  -2.908  -20.097 1.00 37.38 ? 6   ARG A N   1 
ATOM   29   C CA  . ARG A 1 9   ? -4.246  -1.449  -20.122 1.00 35.50 ? 6   ARG A CA  1 
ATOM   30   C C   . ARG A 1 9   ? -5.631  -0.827  -20.125 1.00 36.69 ? 6   ARG A C   1 
ATOM   31   O O   . ARG A 1 9   ? -5.835  0.260   -19.568 1.00 38.05 ? 6   ARG A O   1 
ATOM   32   C CB  . ARG A 1 9   ? -3.457  -0.981  -21.345 1.00 35.76 ? 6   ARG A CB  1 
ATOM   33   C CG  . ARG A 1 9   ? -1.978  -1.301  -21.245 1.00 36.72 ? 6   ARG A CG  1 
ATOM   34   C CD  . ARG A 1 9   ? -1.315  -1.470  -22.609 1.00 38.85 ? 6   ARG A CD  1 
ATOM   35   N NE  . ARG A 1 9   ? -0.005  -2.121  -22.489 1.00 40.24 ? 6   ARG A NE  1 
ATOM   36   C CZ  . ARG A 1 9   ? 1.093   -1.522  -22.034 1.00 43.20 ? 6   ARG A CZ  1 
ATOM   37   N NH1 . ARG A 1 9   ? 2.240   -2.192  -21.951 1.00 39.69 ? 6   ARG A NH1 1 
ATOM   38   N NH2 . ARG A 1 9   ? 1.049   -0.243  -21.681 1.00 43.73 ? 6   ARG A NH2 1 
ATOM   39   N N   . ARG A 1 10  ? -6.583  -1.518  -20.742 1.00 33.74 ? 7   ARG A N   1 
ATOM   40   C CA  . ARG A 1 10  ? -7.955  -1.028  -20.819 1.00 35.75 ? 7   ARG A CA  1 
ATOM   41   C C   . ARG A 1 10  ? -8.617  -1.047  -19.447 1.00 32.83 ? 7   ARG A C   1 
ATOM   42   O O   . ARG A 1 10  ? -9.361  -0.129  -19.094 1.00 33.52 ? 7   ARG A O   1 
ATOM   43   C CB  . ARG A 1 10  ? -8.770  -1.859  -21.818 1.00 37.46 ? 7   ARG A CB  1 
ATOM   44   C CG  . ARG A 1 10  ? -8.251  -1.760  -23.242 1.00 46.00 ? 7   ARG A CG  1 
ATOM   45   C CD  . ARG A 1 10  ? -9.215  -2.385  -24.230 1.00 49.18 ? 7   ARG A CD  1 
ATOM   46   N NE  . ARG A 1 10  ? -10.531 -1.756  -24.180 1.00 54.00 ? 7   ARG A NE  1 
ATOM   47   C CZ  . ARG A 1 10  ? -11.530 -2.055  -25.005 1.00 58.88 ? 7   ARG A CZ  1 
ATOM   48   N NH1 . ARG A 1 10  ? -11.357 -2.978  -25.946 1.00 60.14 ? 7   ARG A NH1 1 
ATOM   49   N NH2 . ARG A 1 10  ? -12.700 -1.432  -24.891 1.00 58.53 ? 7   ARG A NH2 1 
ATOM   50   N N   . ARG A 1 11  ? -8.347  -2.100  -18.680 1.00 28.54 ? 8   ARG A N   1 
ATOM   51   C CA  . ARG A 1 11  ? -8.874  -2.227  -17.329 1.00 30.11 ? 8   ARG A CA  1 
ATOM   52   C C   . ARG A 1 11  ? -8.234  -1.156  -16.435 1.00 26.27 ? 8   ARG A C   1 
ATOM   53   O O   . ARG A 1 11  ? -8.918  -0.506  -15.647 1.00 26.28 ? 8   ARG A O   1 
ATOM   54   C CB  . ARG A 1 11  ? -8.556  -3.624  -16.762 1.00 25.35 ? 8   ARG A CB  1 
ATOM   55   C CG  . ARG A 1 11  ? -8.564  -3.712  -15.234 1.00 25.16 ? 8   ARG A CG  1 
ATOM   56   C CD  . ARG A 1 11  ? -9.824  -3.128  -14.603 1.00 26.68 ? 8   ARG A CD  1 
ATOM   57   N NE  . ARG A 1 11  ? -10.610 -4.164  -13.944 1.00 33.83 ? 8   ARG A NE  1 
ATOM   58   C CZ  . ARG A 1 11  ? -10.292 -4.750  -12.790 1.00 29.98 ? 8   ARG A CZ  1 
ATOM   59   N NH1 . ARG A 1 11  ? -11.083 -5.690  -12.307 1.00 30.50 ? 8   ARG A NH1 1 
ATOM   60   N NH2 . ARG A 1 11  ? -9.213  -4.391  -12.108 1.00 30.69 ? 8   ARG A NH2 1 
ATOM   61   N N   . LEU A 1 12  ? -6.922  -0.981  -16.569 1.00 27.62 ? 9   LEU A N   1 
ATOM   62   C CA  . LEU A 1 12  ? -6.201  -0.003  -15.765 1.00 32.29 ? 9   LEU A CA  1 
ATOM   63   C C   . LEU A 1 12  ? -6.716  1.405   -16.026 1.00 28.86 ? 9   LEU A C   1 
ATOM   64   O O   . LEU A 1 12  ? -6.704  2.241   -15.127 1.00 32.48 ? 9   LEU A O   1 
ATOM   65   C CB  . LEU A 1 12  ? -4.690  -0.102  -16.025 1.00 26.54 ? 9   LEU A CB  1 
ATOM   66   C CG  . LEU A 1 12  ? -4.027  -1.258  -15.265 1.00 27.59 ? 9   LEU A CG  1 
ATOM   67   C CD1 . LEU A 1 12  ? -2.666  -1.568  -15.857 1.00 26.52 ? 9   LEU A CD1 1 
ATOM   68   C CD2 . LEU A 1 12  ? -3.917  -0.891  -13.773 1.00 22.30 ? 9   LEU A CD2 1 
ATOM   69   N N   . MET A 1 13  ? -7.181  1.655   -17.246 1.00 30.40 ? 10  MET A N   1 
ATOM   70   C CA  . MET A 1 13  ? -7.722  2.969   -17.575 1.00 30.83 ? 10  MET A CA  1 
ATOM   71   C C   . MET A 1 13  ? -9.035  3.127   -16.831 1.00 28.91 ? 10  MET A C   1 
ATOM   72   O O   . MET A 1 13  ? -9.331  4.197   -16.313 1.00 33.04 ? 10  MET A O   1 
ATOM   73   C CB  . MET A 1 13  ? -7.934  3.119   -19.087 1.00 30.30 ? 10  MET A CB  1 
ATOM   74   C CG  . MET A 1 13  ? -6.638  3.355   -19.852 1.00 33.04 ? 10  MET A CG  1 
ATOM   75   S SD  . MET A 1 13  ? -6.820  3.534   -21.649 1.00 38.83 ? 10  MET A SD  1 
ATOM   76   C CE  . MET A 1 13  ? -5.564  2.409   -22.170 1.00 33.90 ? 10  MET A CE  1 
ATOM   77   N N   . ARG A 1 14  ? -9.821  2.055   -16.770 1.00 30.68 ? 11  ARG A N   1 
ATOM   78   C CA  . ARG A 1 14  ? -11.085 2.100   -16.040 1.00 32.53 ? 11  ARG A CA  1 
ATOM   79   C C   . ARG A 1 14  ? -10.789 2.244   -14.553 1.00 29.12 ? 11  ARG A C   1 
ATOM   80   O O   . ARG A 1 14  ? -11.516 2.930   -13.842 1.00 31.93 ? 11  ARG A O   1 
ATOM   81   C CB  . ARG A 1 14  ? -11.913 0.846   -16.290 1.00 33.26 ? 11  ARG A CB  1 
ATOM   82   C CG  . ARG A 1 14  ? -12.411 0.736   -17.713 1.00 42.89 ? 11  ARG A CG  1 
ATOM   83   C CD  . ARG A 1 14  ? -13.185 -0.546  -17.962 1.00 48.14 ? 11  ARG A CD  1 
ATOM   84   N NE  . ARG A 1 14  ? -13.746 -0.573  -19.310 1.00 55.84 ? 11  ARG A NE  1 
ATOM   85   C CZ  . ARG A 1 14  ? -14.752 0.196   -19.726 1.00 60.33 ? 11  ARG A CZ  1 
ATOM   86   N NH1 . ARG A 1 14  ? -15.323 1.063   -18.893 1.00 60.34 ? 11  ARG A NH1 1 
ATOM   87   N NH2 . ARG A 1 14  ? -15.183 0.101   -20.981 1.00 62.12 ? 11  ARG A NH2 1 
ATOM   88   N N   . ASP A 1 15  ? -9.722  1.603   -14.088 1.00 26.81 ? 12  ASP A N   1 
ATOM   89   C CA  . ASP A 1 15  ? -9.347  1.692   -12.684 1.00 25.24 ? 12  ASP A CA  1 
ATOM   90   C C   . ASP A 1 15  ? -9.069  3.139   -12.300 1.00 28.92 ? 12  ASP A C   1 
ATOM   91   O O   . ASP A 1 15  ? -9.448  3.585   -11.212 1.00 26.86 ? 12  ASP A O   1 
ATOM   92   C CB  . ASP A 1 15  ? -8.103  0.851   -12.396 1.00 26.87 ? 12  ASP A CB  1 
ATOM   93   C CG  . ASP A 1 15  ? -8.415  -0.610  -12.185 1.00 30.21 ? 12  ASP A CG  1 
ATOM   94   O OD1 . ASP A 1 15  ? -7.487  -1.355  -11.820 1.00 31.13 ? 12  ASP A OD1 1 
ATOM   95   O OD2 . ASP A 1 15  ? -9.583  -1.018  -12.382 1.00 36.53 ? 12  ASP A OD2 1 
ATOM   96   N N   . PHE A 1 16  ? -8.406  3.868   -13.202 1.00 28.55 ? 13  PHE A N   1 
ATOM   97   C CA  . PHE A 1 16  ? -8.075  5.262   -12.954 1.00 30.68 ? 13  PHE A CA  1 
ATOM   98   C C   . PHE A 1 16  ? -9.315  6.125   -12.954 1.00 29.10 ? 13  PHE A C   1 
ATOM   99   O O   . PHE A 1 16  ? -9.485  6.974   -12.082 1.00 29.88 ? 13  PHE A O   1 
ATOM   100  C CB  . PHE A 1 16  ? -7.106  5.804   -13.993 1.00 33.78 ? 13  PHE A CB  1 
ATOM   101  C CG  . PHE A 1 16  ? -6.596  7.175   -13.667 1.00 35.56 ? 13  PHE A CG  1 
ATOM   102  C CD1 . PHE A 1 16  ? -5.704  7.374   -12.615 1.00 38.22 ? 13  PHE A CD1 1 
ATOM   103  C CD2 . PHE A 1 16  ? -7.009  8.273   -14.403 1.00 38.74 ? 13  PHE A CD2 1 
ATOM   104  C CE1 . PHE A 1 16  ? -5.232  8.651   -12.309 1.00 37.43 ? 13  PHE A CE1 1 
ATOM   105  C CE2 . PHE A 1 16  ? -6.542  9.549   -14.101 1.00 37.12 ? 13  PHE A CE2 1 
ATOM   106  C CZ  . PHE A 1 16  ? -5.652  9.736   -13.055 1.00 36.48 ? 13  PHE A CZ  1 
ATOM   107  N N   . LYS A 1 17  ? -10.184 5.894   -13.926 1.00 31.86 ? 14  LYS A N   1 
ATOM   108  C CA  . LYS A 1 17  ? -11.415 6.647   -14.041 1.00 30.70 ? 14  LYS A CA  1 
ATOM   109  C C   . LYS A 1 17  ? -12.211 6.537   -12.747 1.00 34.49 ? 14  LYS A C   1 
ATOM   110  O O   . LYS A 1 17  ? -12.670 7.542   -12.201 1.00 35.53 ? 14  LYS A O   1 
ATOM   111  C CB  . LYS A 1 17  ? -12.237 6.124   -15.216 1.00 32.03 ? 14  LYS A CB  1 
ATOM   112  C CG  . LYS A 1 17  ? -13.392 7.038   -15.587 1.00 37.87 ? 14  LYS A CG  1 
ATOM   113  C CD  . LYS A 1 17  ? -14.351 6.341   -16.530 1.00 42.08 ? 14  LYS A CD  1 
ATOM   114  C CE  . LYS A 1 17  ? -15.627 7.140   -16.728 1.00 45.60 ? 14  LYS A CE  1 
ATOM   115  N NZ  . LYS A 1 17  ? -16.739 6.309   -17.307 1.00 49.32 ? 14  LYS A NZ  1 
ATOM   116  N N   . LYS A 1 18  ? -12.363 5.313   -12.245 1.00 35.03 ? 15  LYS A N   1 
ATOM   117  C CA  . LYS A 1 18  ? -13.103 5.089   -11.006 1.00 38.94 ? 15  LYS A CA  1 
ATOM   118  C C   . LYS A 1 18  ? -12.416 5.715   -9.778  1.00 35.75 ? 15  LYS A C   1 
ATOM   119  O O   . LYS A 1 18  ? -13.067 6.283   -8.899  1.00 36.43 ? 15  LYS A O   1 
ATOM   120  C CB  . LYS A 1 18  ? -13.308 3.586   -10.792 1.00 40.30 ? 15  LYS A CB  1 
ATOM   121  C CG  . LYS A 1 18  ? -14.022 2.902   -11.952 1.00 47.89 ? 15  LYS A CG  1 
ATOM   122  C CD  . LYS A 1 18  ? -14.574 1.526   -11.581 1.00 51.83 ? 15  LYS A CD  1 
ATOM   123  C CE  . LYS A 1 18  ? -13.482 0.480   -11.388 1.00 58.74 ? 15  LYS A CE  1 
ATOM   124  N NZ  . LYS A 1 18  ? -14.062 -0.877  -11.106 1.00 60.27 ? 15  LYS A NZ  1 
ATOM   125  N N   . LEU A 1 19  ? -11.095 5.614   -9.726  1.00 33.04 ? 16  LEU A N   1 
ATOM   126  C CA  . LEU A 1 19  ? -10.342 6.155   -8.610  1.00 34.29 ? 16  LEU A CA  1 
ATOM   127  C C   . LEU A 1 19  ? -10.444 7.675   -8.553  1.00 40.79 ? 16  LEU A C   1 
ATOM   128  O O   . LEU A 1 19  ? -10.409 8.257   -7.472  1.00 41.91 ? 16  LEU A O   1 
ATOM   129  C CB  . LEU A 1 19  ? -8.874  5.736   -8.717  1.00 29.95 ? 16  LEU A CB  1 
ATOM   130  C CG  . LEU A 1 19  ? -7.949  6.258   -7.618  1.00 28.57 ? 16  LEU A CG  1 
ATOM   131  C CD1 . LEU A 1 19  ? -8.313  5.559   -6.307  1.00 28.50 ? 16  LEU A CD1 1 
ATOM   132  C CD2 . LEU A 1 19  ? -6.472  6.044   -7.996  1.00 23.66 ? 16  LEU A CD2 1 
ATOM   133  N N   . GLN A 1 20  ? -10.573 8.314   -9.715  1.00 42.72 ? 17  GLN A N   1 
ATOM   134  C CA  . GLN A 1 20  ? -10.688 9.769   -9.781  1.00 48.64 ? 17  GLN A CA  1 
ATOM   135  C C   . GLN A 1 20  ? -12.092 10.309  -9.495  1.00 49.71 ? 17  GLN A C   1 
ATOM   136  O O   . GLN A 1 20  ? -12.246 11.327  -8.818  1.00 49.78 ? 17  GLN A O   1 
ATOM   137  C CB  . GLN A 1 20  ? -10.230 10.277  -11.145 1.00 51.84 ? 17  GLN A CB  1 
ATOM   138  C CG  . GLN A 1 20  ? -8.772  9.985   -11.439 1.00 60.33 ? 17  GLN A CG  1 
ATOM   139  C CD  . GLN A 1 20  ? -7.837  10.447  -10.325 1.00 63.76 ? 17  GLN A CD  1 
ATOM   140  O OE1 . GLN A 1 20  ? -7.790  11.636  -9.987  1.00 66.12 ? 17  GLN A OE1 1 
ATOM   141  N NE2 . GLN A 1 20  ? -7.083  9.506   -9.751  1.00 65.16 ? 17  GLN A NE2 1 
ATOM   142  N N   . GLU A 1 21  ? -13.114 9.637   -10.015 1.00 48.32 ? 18  GLU A N   1 
ATOM   143  C CA  . GLU A 1 21  ? -14.490 10.078  -9.814  1.00 49.33 ? 18  GLU A CA  1 
ATOM   144  C C   . GLU A 1 21  ? -14.863 10.063  -8.343  1.00 52.43 ? 18  GLU A C   1 
ATOM   145  O O   . GLU A 1 21  ? -15.511 10.981  -7.837  1.00 53.48 ? 18  GLU A O   1 
ATOM   146  C CB  . GLU A 1 21  ? -15.475 9.155   -10.528 1.00 50.31 ? 18  GLU A CB  1 
ATOM   147  C CG  . GLU A 1 21  ? -15.252 8.943   -12.005 1.00 55.20 ? 18  GLU A CG  1 
ATOM   148  C CD  . GLU A 1 21  ? -16.212 7.905   -12.561 1.00 56.10 ? 18  GLU A CD  1 
ATOM   149  O OE1 . GLU A 1 21  ? -16.612 7.005   -11.789 1.00 57.40 ? 18  GLU A OE1 1 
ATOM   150  O OE2 . GLU A 1 21  ? -16.559 7.976   -13.761 1.00 59.48 ? 18  GLU A OE2 1 
ATOM   151  N N   . ASP A 1 22  ? -14.449 8.999   -7.668  1.00 53.75 ? 19  ASP A N   1 
ATOM   152  C CA  . ASP A 1 22  ? -14.776 8.799   -6.268  1.00 52.16 ? 19  ASP A CA  1 
ATOM   153  C C   . ASP A 1 22  ? -13.581 8.209   -5.505  1.00 48.65 ? 19  ASP A C   1 
ATOM   154  O O   . ASP A 1 22  ? -13.554 7.023   -5.185  1.00 47.90 ? 19  ASP A O   1 
ATOM   155  C CB  . ASP A 1 22  ? -15.986 7.858   -6.203  1.00 52.64 ? 19  ASP A CB  1 
ATOM   156  C CG  . ASP A 1 22  ? -16.520 7.672   -4.797  1.00 57.01 ? 19  ASP A CG  1 
ATOM   157  O OD1 . ASP A 1 22  ? -17.201 6.645   -4.570  1.00 58.32 ? 19  ASP A OD1 1 
ATOM   158  O OD2 . ASP A 1 22  ? -16.273 8.544   -3.930  1.00 56.79 ? 19  ASP A OD2 1 
ATOM   159  N N   . PRO A 1 23  ? -12.579 9.041   -5.192  1.00 45.29 ? 20  PRO A N   1 
ATOM   160  C CA  . PRO A 1 23  ? -11.396 8.565   -4.474  1.00 43.24 ? 20  PRO A CA  1 
ATOM   161  C C   . PRO A 1 23  ? -11.575 8.392   -2.973  1.00 46.12 ? 20  PRO A C   1 
ATOM   162  O O   . PRO A 1 23  ? -12.111 9.273   -2.297  1.00 50.00 ? 20  PRO A O   1 
ATOM   163  C CB  . PRO A 1 23  ? -10.359 9.631   -4.792  1.00 45.13 ? 20  PRO A CB  1 
ATOM   164  C CG  . PRO A 1 23  ? -11.184 10.878  -4.769  1.00 44.45 ? 20  PRO A CG  1 
ATOM   165  C CD  . PRO A 1 23  ? -12.440 10.465  -5.543  1.00 45.50 ? 20  PRO A CD  1 
ATOM   166  N N   . PRO A 1 24  ? -11.130 7.248   -2.429  1.00 42.19 ? 21  PRO A N   1 
ATOM   167  C CA  . PRO A 1 24  ? -11.252 7.005   -0.992  1.00 39.65 ? 21  PRO A CA  1 
ATOM   168  C C   . PRO A 1 24  ? -10.462 8.083   -0.250  1.00 40.26 ? 21  PRO A C   1 
ATOM   169  O O   . PRO A 1 24  ? -9.505  8.641   -0.786  1.00 41.14 ? 21  PRO A O   1 
ATOM   170  C CB  . PRO A 1 24  ? -10.620 5.628   -0.828  1.00 40.78 ? 21  PRO A CB  1 
ATOM   171  C CG  . PRO A 1 24  ? -10.904 4.968   -2.147  1.00 41.03 ? 21  PRO A CG  1 
ATOM   172  C CD  . PRO A 1 24  ? -10.585 6.066   -3.115  1.00 40.84 ? 21  PRO A CD  1 
ATOM   173  N N   . ALA A 1 25  ? -10.852 8.378   0.981   1.00 38.46 ? 22  ALA A N   1 
ATOM   174  C CA  . ALA A 1 25  ? -10.150 9.386   1.758   1.00 35.93 ? 22  ALA A CA  1 
ATOM   175  C C   . ALA A 1 25  ? -8.681  9.003   1.983   1.00 38.02 ? 22  ALA A C   1 
ATOM   176  O O   . ALA A 1 25  ? -8.361  7.832   2.221   1.00 37.90 ? 22  ALA A O   1 
ATOM   177  C CB  . ALA A 1 25  ? -10.850 9.571   3.090   1.00 34.85 ? 22  ALA A CB  1 
ATOM   178  N N   . GLY A 1 26  ? -7.794  9.996   1.911   1.00 38.93 ? 23  GLY A N   1 
ATOM   179  C CA  . GLY A 1 26  ? -6.370  9.761   2.115   1.00 36.22 ? 23  GLY A CA  1 
ATOM   180  C C   . GLY A 1 26  ? -5.766  8.780   1.128   1.00 36.72 ? 23  GLY A C   1 
ATOM   181  O O   . GLY A 1 26  ? -4.763  8.131   1.416   1.00 37.28 ? 23  GLY A O   1 
ATOM   182  N N   . VAL A 1 27  ? -6.378  8.671   -0.045  1.00 33.73 ? 24  VAL A N   1 
ATOM   183  C CA  . VAL A 1 27  ? -5.892  7.761   -1.071  1.00 33.30 ? 24  VAL A CA  1 
ATOM   184  C C   . VAL A 1 27  ? -5.921  8.393   -2.459  1.00 32.50 ? 24  VAL A C   1 
ATOM   185  O O   . VAL A 1 27  ? -6.939  8.919   -2.904  1.00 30.57 ? 24  VAL A O   1 
ATOM   186  C CB  . VAL A 1 27  ? -6.743  6.455   -1.108  1.00 34.84 ? 24  VAL A CB  1 
ATOM   187  C CG1 . VAL A 1 27  ? -6.434  5.667   -2.359  1.00 30.11 ? 24  VAL A CG1 1 
ATOM   188  C CG2 . VAL A 1 27  ? -6.464  5.604   0.131   1.00 30.95 ? 24  VAL A CG2 1 
ATOM   189  N N   . SER A 1 28  ? -4.790  8.342   -3.142  1.00 33.53 ? 25  SER A N   1 
ATOM   190  C CA  . SER A 1 28  ? -4.716  8.877   -4.497  1.00 36.58 ? 25  SER A CA  1 
ATOM   191  C C   . SER A 1 28  ? -3.618  8.112   -5.219  1.00 32.07 ? 25  SER A C   1 
ATOM   192  O O   . SER A 1 28  ? -2.735  7.556   -4.574  1.00 36.58 ? 25  SER A O   1 
ATOM   193  C CB  . SER A 1 28  ? -4.380  10.370  -4.479  1.00 34.79 ? 25  SER A CB  1 
ATOM   194  O OG  . SER A 1 28  ? -3.017  10.576  -4.152  1.00 40.38 ? 25  SER A OG  1 
ATOM   195  N N   . GLY A 1 29  ? -3.678  8.079   -6.549  1.00 32.86 ? 26  GLY A N   1 
ATOM   196  C CA  . GLY A 1 29  ? -2.663  7.382   -7.328  1.00 31.04 ? 26  GLY A CA  1 
ATOM   197  C C   . GLY A 1 29  ? -2.866  7.510   -8.829  1.00 27.73 ? 26  GLY A C   1 
ATOM   198  O O   . GLY A 1 29  ? -3.985  7.708   -9.306  1.00 26.53 ? 26  GLY A O   1 
ATOM   199  N N   . ALA A 1 30  ? -1.781  7.384   -9.585  1.00 26.71 ? 27  ALA A N   1 
ATOM   200  C CA  . ALA A 1 30  ? -1.868  7.492   -11.034 1.00 28.08 ? 27  ALA A CA  1 
ATOM   201  C C   . ALA A 1 30  ? -0.736  6.778   -11.729 1.00 26.39 ? 27  ALA A C   1 
ATOM   202  O O   . ALA A 1 30  ? 0.369   6.668   -11.198 1.00 28.09 ? 27  ALA A O   1 
ATOM   203  C CB  . ALA A 1 30  ? -1.875  8.942   -11.454 1.00 22.44 ? 27  ALA A CB  1 
ATOM   204  N N   . PRO A 1 31  ? -1.003  6.280   -12.939 1.00 27.47 ? 28  PRO A N   1 
ATOM   205  C CA  . PRO A 1 31  ? 0.008   5.569   -13.720 1.00 30.01 ? 28  PRO A CA  1 
ATOM   206  C C   . PRO A 1 31  ? 1.120   6.524   -14.162 1.00 32.06 ? 28  PRO A C   1 
ATOM   207  O O   . PRO A 1 31  ? 0.854   7.676   -14.490 1.00 30.16 ? 28  PRO A O   1 
ATOM   208  C CB  . PRO A 1 31  ? -0.796  5.037   -14.905 1.00 29.15 ? 28  PRO A CB  1 
ATOM   209  C CG  . PRO A 1 31  ? -1.851  6.126   -15.099 1.00 25.89 ? 28  PRO A CG  1 
ATOM   210  C CD  . PRO A 1 31  ? -2.280  6.373   -13.671 1.00 24.67 ? 28  PRO A CD  1 
ATOM   211  N N   . THR A 1 32  ? 2.363   6.055   -14.150 1.00 37.15 ? 29  THR A N   1 
ATOM   212  C CA  . THR A 1 32  ? 3.473   6.890   -14.589 1.00 41.39 ? 29  THR A CA  1 
ATOM   213  C C   . THR A 1 32  ? 3.142   7.247   -16.031 1.00 47.21 ? 29  THR A C   1 
ATOM   214  O O   . THR A 1 32  ? 2.568   6.437   -16.755 1.00 48.96 ? 29  THR A O   1 
ATOM   215  C CB  . THR A 1 32  ? 4.808   6.133   -14.518 1.00 42.57 ? 29  THR A CB  1 
ATOM   216  O OG1 . THR A 1 32  ? 4.709   4.920   -15.279 1.00 45.96 ? 29  THR A OG1 1 
ATOM   217  C CG2 . THR A 1 32  ? 5.156   5.815   -13.056 1.00 40.39 ? 29  THR A CG2 1 
ATOM   218  N N   . GLU A 1 33  ? 3.488   8.466   -16.435 1.00 53.17 ? 30  GLU A N   1 
ATOM   219  C CA  . GLU A 1 33  ? 3.177   8.944   -17.775 1.00 55.68 ? 30  GLU A CA  1 
ATOM   220  C C   . GLU A 1 33  ? 3.811   8.181   -18.931 1.00 55.69 ? 30  GLU A C   1 
ATOM   221  O O   . GLU A 1 33  ? 3.400   8.363   -20.072 1.00 52.08 ? 30  GLU A O   1 
ATOM   222  C CB  . GLU A 1 33  ? 3.533   10.430  -17.893 1.00 60.00 ? 30  GLU A CB  1 
ATOM   223  C CG  . GLU A 1 33  ? 2.852   11.146  -19.045 1.00 61.13 ? 30  GLU A CG  1 
ATOM   224  C CD  . GLU A 1 33  ? 3.156   12.630  -19.050 1.00 61.98 ? 30  GLU A CD  1 
ATOM   225  O OE1 . GLU A 1 33  ? 4.337   12.997  -19.256 1.00 61.61 ? 30  GLU A OE1 1 
ATOM   226  O OE2 . GLU A 1 33  ? 2.212   13.424  -18.841 1.00 63.36 ? 30  GLU A OE2 1 
ATOM   227  N N   . ASP A 1 34  ? 4.802   7.337   -18.654 1.00 57.40 ? 31  ASP A N   1 
ATOM   228  C CA  . ASP A 1 34  ? 5.445   6.573   -19.725 1.00 59.98 ? 31  ASP A CA  1 
ATOM   229  C C   . ASP A 1 34  ? 5.060   5.088   -19.754 1.00 57.07 ? 31  ASP A C   1 
ATOM   230  O O   . ASP A 1 34  ? 5.380   4.374   -20.706 1.00 56.38 ? 31  ASP A O   1 
ATOM   231  C CB  . ASP A 1 34  ? 6.979   6.711   -19.646 1.00 62.35 ? 31  ASP A CB  1 
ATOM   232  C CG  . ASP A 1 34  ? 7.536   6.363   -18.272 1.00 64.89 ? 31  ASP A CG  1 
ATOM   233  O OD1 . ASP A 1 34  ? 7.153   7.037   -17.285 1.00 63.65 ? 31  ASP A OD1 1 
ATOM   234  O OD2 . ASP A 1 34  ? 8.360   5.419   -18.192 1.00 65.71 ? 31  ASP A OD2 1 
ATOM   235  N N   . ASN A 1 35  ? 4.350   4.634   -18.726 1.00 50.08 ? 32  ASN A N   1 
ATOM   236  C CA  . ASN A 1 35  ? 3.951   3.236   -18.646 1.00 43.36 ? 32  ASN A CA  1 
ATOM   237  C C   . ASN A 1 35  ? 2.738   3.051   -17.717 1.00 39.28 ? 32  ASN A C   1 
ATOM   238  O O   . ASN A 1 35  ? 2.864   3.130   -16.495 1.00 36.76 ? 32  ASN A O   1 
ATOM   239  C CB  . ASN A 1 35  ? 5.140   2.418   -18.137 1.00 42.60 ? 32  ASN A CB  1 
ATOM   240  C CG  . ASN A 1 35  ? 4.884   0.932   -18.172 1.00 45.08 ? 32  ASN A CG  1 
ATOM   241  O OD1 . ASN A 1 35  ? 5.568   0.157   -17.491 1.00 42.97 ? 32  ASN A OD1 1 
ATOM   242  N ND2 . ASN A 1 35  ? 3.904   0.517   -18.971 1.00 46.37 ? 32  ASN A ND2 1 
ATOM   243  N N   . ILE A 1 36  ? 1.574   2.804   -18.308 1.00 33.33 ? 33  ILE A N   1 
ATOM   244  C CA  . ILE A 1 36  ? 0.347   2.613   -17.548 1.00 33.45 ? 33  ILE A CA  1 
ATOM   245  C C   . ILE A 1 36  ? 0.467   1.396   -16.596 1.00 32.59 ? 33  ILE A C   1 
ATOM   246  O O   . ILE A 1 36  ? -0.216  1.322   -15.583 1.00 30.74 ? 33  ILE A O   1 
ATOM   247  C CB  . ILE A 1 36  ? -0.851  2.439   -18.504 1.00 33.28 ? 33  ILE A CB  1 
ATOM   248  C CG1 . ILE A 1 36  ? -2.159  2.734   -17.776 1.00 34.24 ? 33  ILE A CG1 1 
ATOM   249  C CG2 . ILE A 1 36  ? -0.874  1.025   -19.042 1.00 37.93 ? 33  ILE A CG2 1 
ATOM   250  C CD1 . ILE A 1 36  ? -3.352  2.803   -18.675 1.00 33.00 ? 33  ILE A CD1 1 
ATOM   251  N N   . LEU A 1 37  ? 1.349   0.459   -16.919 1.00 32.21 ? 34  LEU A N   1 
ATOM   252  C CA  . LEU A 1 37  ? 1.567   -0.721  -16.086 1.00 34.03 ? 34  LEU A CA  1 
ATOM   253  C C   . LEU A 1 37  ? 2.305   -0.421  -14.767 1.00 33.95 ? 34  LEU A C   1 
ATOM   254  O O   . LEU A 1 37  ? 2.373   -1.272  -13.878 1.00 34.92 ? 34  LEU A O   1 
ATOM   255  C CB  . LEU A 1 37  ? 2.352   -1.777  -16.866 1.00 32.56 ? 34  LEU A CB  1 
ATOM   256  C CG  . LEU A 1 37  ? 1.677   -2.328  -18.136 1.00 37.16 ? 34  LEU A CG  1 
ATOM   257  C CD1 . LEU A 1 37  ? 2.484   -3.506  -18.667 1.00 34.48 ? 34  LEU A CD1 1 
ATOM   258  C CD2 . LEU A 1 37  ? 0.264   -2.799  -17.836 1.00 32.58 ? 34  LEU A CD2 1 
ATOM   259  N N   . THR A 1 38  ? 2.867   0.778   -14.649 1.00 31.98 ? 35  THR A N   1 
ATOM   260  C CA  . THR A 1 38  ? 3.587   1.185   -13.445 1.00 29.21 ? 35  THR A CA  1 
ATOM   261  C C   . THR A 1 38  ? 2.926   2.440   -12.901 1.00 27.98 ? 35  THR A C   1 
ATOM   262  O O   . THR A 1 38  ? 2.851   3.456   -13.595 1.00 31.89 ? 35  THR A O   1 
ATOM   263  C CB  . THR A 1 38  ? 5.049   1.500   -13.753 1.00 31.26 ? 35  THR A CB  1 
ATOM   264  O OG1 . THR A 1 38  ? 5.659   0.350   -14.335 1.00 31.72 ? 35  THR A OG1 1 
ATOM   265  C CG2 . THR A 1 38  ? 5.801   1.884   -12.483 1.00 27.44 ? 35  THR A CG2 1 
ATOM   266  N N   . TRP A 1 39  ? 2.445   2.363   -11.668 1.00 20.28 ? 36  TRP A N   1 
ATOM   267  C CA  . TRP A 1 39  ? 1.762   3.485   -11.039 1.00 21.70 ? 36  TRP A CA  1 
ATOM   268  C C   . TRP A 1 39  ? 2.516   3.952   -9.831  1.00 22.17 ? 36  TRP A C   1 
ATOM   269  O O   . TRP A 1 39  ? 3.488   3.340   -9.406  1.00 29.05 ? 36  TRP A O   1 
ATOM   270  C CB  . TRP A 1 39  ? 0.364   3.096   -10.554 1.00 20.07 ? 36  TRP A CB  1 
ATOM   271  C CG  . TRP A 1 39  ? -0.675  2.845   -11.600 1.00 18.89 ? 36  TRP A CG  1 
ATOM   272  C CD1 . TRP A 1 39  ? -0.513  2.178   -12.779 1.00 19.47 ? 36  TRP A CD1 1 
ATOM   273  C CD2 . TRP A 1 39  ? -2.069  3.182   -11.515 1.00 18.80 ? 36  TRP A CD2 1 
ATOM   274  N NE1 . TRP A 1 39  ? -1.722  2.073   -13.435 1.00 18.12 ? 36  TRP A NE1 1 
ATOM   275  C CE2 . TRP A 1 39  ? -2.692  2.681   -12.684 1.00 14.46 ? 36  TRP A CE2 1 
ATOM   276  C CE3 . TRP A 1 39  ? -2.855  3.860   -10.561 1.00 15.74 ? 36  TRP A CE3 1 
ATOM   277  C CZ2 . TRP A 1 39  ? -4.071  2.831   -12.928 1.00 12.13 ? 36  TRP A CZ2 1 
ATOM   278  C CZ3 . TRP A 1 39  ? -4.219  4.010   -10.799 1.00 9.54  ? 36  TRP A CZ3 1 
ATOM   279  C CH2 . TRP A 1 39  ? -4.815  3.495   -11.979 1.00 16.26 ? 36  TRP A CH2 1 
ATOM   280  N N   . GLU A 1 40  ? 2.032   5.044   -9.265  1.00 27.33 ? 37  GLU A N   1 
ATOM   281  C CA  . GLU A 1 40  ? 2.612   5.605   -8.064  1.00 29.14 ? 37  GLU A CA  1 
ATOM   282  C C   . GLU A 1 40  ? 1.390   6.026   -7.270  1.00 26.64 ? 37  GLU A C   1 
ATOM   283  O O   . GLU A 1 40  ? 0.421   6.507   -7.852  1.00 30.60 ? 37  GLU A O   1 
ATOM   284  C CB  . GLU A 1 40  ? 3.469   6.815   -8.411  1.00 33.85 ? 37  GLU A CB  1 
ATOM   285  C CG  . GLU A 1 40  ? 4.494   7.151   -7.352  1.00 46.09 ? 37  GLU A CG  1 
ATOM   286  C CD  . GLU A 1 40  ? 5.453   8.239   -7.793  1.00 48.34 ? 37  GLU A CD  1 
ATOM   287  O OE1 . GLU A 1 40  ? 5.044   9.428   -7.808  1.00 49.86 ? 37  GLU A OE1 1 
ATOM   288  O OE2 . GLU A 1 40  ? 6.606   7.892   -8.130  1.00 45.23 ? 37  GLU A OE2 1 
ATOM   289  N N   . ALA A 1 41  ? 1.411   5.832   -5.957  1.00 23.74 ? 38  ALA A N   1 
ATOM   290  C CA  . ALA A 1 41  ? 0.259   6.217   -5.149  1.00 23.25 ? 38  ALA A CA  1 
ATOM   291  C C   . ALA A 1 41  ? 0.667   6.802   -3.802  1.00 26.76 ? 38  ALA A C   1 
ATOM   292  O O   . ALA A 1 41  ? 1.836   6.746   -3.413  1.00 26.48 ? 38  ALA A O   1 
ATOM   293  C CB  . ALA A 1 41  ? -0.670  5.011   -4.945  1.00 19.89 ? 38  ALA A CB  1 
ATOM   294  N N   . ILE A 1 42  ? -0.314  7.372   -3.105  1.00 28.39 ? 39  ILE A N   1 
ATOM   295  C CA  . ILE A 1 42  ? -0.101  7.980   -1.805  1.00 30.65 ? 39  ILE A CA  1 
ATOM   296  C C   . ILE A 1 42  ? -1.219  7.555   -0.862  1.00 32.84 ? 39  ILE A C   1 
ATOM   297  O O   . ILE A 1 42  ? -2.400  7.615   -1.208  1.00 34.43 ? 39  ILE A O   1 
ATOM   298  C CB  . ILE A 1 42  ? -0.084  9.535   -1.895  1.00 32.70 ? 39  ILE A CB  1 
ATOM   299  C CG1 . ILE A 1 42  ? 1.071   9.983   -2.792  1.00 33.70 ? 39  ILE A CG1 1 
ATOM   300  C CG2 . ILE A 1 42  ? 0.096   10.158  -0.499  1.00 24.26 ? 39  ILE A CG2 1 
ATOM   301  C CD1 . ILE A 1 42  ? 1.046   11.450  -3.112  1.00 37.13 ? 39  ILE A CD1 1 
ATOM   302  N N   . ILE A 1 43  ? -0.818  7.102   0.320   1.00 33.30 ? 40  ILE A N   1 
ATOM   303  C CA  . ILE A 1 43  ? -1.737  6.675   1.353   1.00 33.41 ? 40  ILE A CA  1 
ATOM   304  C C   . ILE A 1 43  ? -1.465  7.559   2.571   1.00 35.31 ? 40  ILE A C   1 
ATOM   305  O O   . ILE A 1 43  ? -0.329  7.633   3.047   1.00 36.12 ? 40  ILE A O   1 
ATOM   306  C CB  . ILE A 1 43  ? -1.487  5.208   1.794   1.00 33.67 ? 40  ILE A CB  1 
ATOM   307  C CG1 . ILE A 1 43  ? -1.670  4.231   0.624   1.00 37.65 ? 40  ILE A CG1 1 
ATOM   308  C CG2 . ILE A 1 43  ? -2.413  4.864   2.942   1.00 36.06 ? 40  ILE A CG2 1 
ATOM   309  C CD1 . ILE A 1 43  ? -3.074  4.100   0.137   1.00 36.84 ? 40  ILE A CD1 1 
ATOM   310  N N   . PHE A 1 44  ? -2.488  8.245   3.061   1.00 32.94 ? 41  PHE A N   1 
ATOM   311  C CA  . PHE A 1 44  ? -2.321  9.064   4.254   1.00 34.64 ? 41  PHE A CA  1 
ATOM   312  C C   . PHE A 1 44  ? -2.520  8.137   5.443   1.00 35.70 ? 41  PHE A C   1 
ATOM   313  O O   . PHE A 1 44  ? -3.404  7.272   5.420   1.00 35.20 ? 41  PHE A O   1 
ATOM   314  C CB  . PHE A 1 44  ? -3.368  10.187  4.310   1.00 34.42 ? 41  PHE A CB  1 
ATOM   315  C CG  . PHE A 1 44  ? -3.051  11.375  3.436   1.00 35.25 ? 41  PHE A CG  1 
ATOM   316  C CD1 . PHE A 1 44  ? -1.846  11.452  2.741   1.00 33.92 ? 41  PHE A CD1 1 
ATOM   317  C CD2 . PHE A 1 44  ? -3.945  12.431  3.329   1.00 34.46 ? 41  PHE A CD2 1 
ATOM   318  C CE1 . PHE A 1 44  ? -1.531  12.569  1.948   1.00 36.02 ? 41  PHE A CE1 1 
ATOM   319  C CE2 . PHE A 1 44  ? -3.640  13.553  2.539   1.00 38.66 ? 41  PHE A CE2 1 
ATOM   320  C CZ  . PHE A 1 44  ? -2.428  13.617  1.848   1.00 35.25 ? 41  PHE A CZ  1 
ATOM   321  N N   . GLY A 1 45  ? -1.692  8.301   6.470   1.00 36.16 ? 42  GLY A N   1 
ATOM   322  C CA  . GLY A 1 45  ? -1.828  7.475   7.656   1.00 35.69 ? 42  GLY A CA  1 
ATOM   323  C C   . GLY A 1 45  ? -3.237  7.593   8.211   1.00 39.82 ? 42  GLY A C   1 
ATOM   324  O O   . GLY A 1 45  ? -3.744  8.701   8.395   1.00 35.45 ? 42  GLY A O   1 
ATOM   325  N N   . PRO A 1 46  ? -3.910  6.466   8.471   1.00 44.36 ? 43  PRO A N   1 
ATOM   326  C CA  . PRO A 1 46  ? -5.274  6.531   9.009   1.00 47.75 ? 43  PRO A CA  1 
ATOM   327  C C   . PRO A 1 46  ? -5.386  7.426   10.256  1.00 49.46 ? 43  PRO A C   1 
ATOM   328  O O   . PRO A 1 46  ? -4.540  7.393   11.157  1.00 49.05 ? 43  PRO A O   1 
ATOM   329  C CB  . PRO A 1 46  ? -5.623  5.058   9.257   1.00 47.47 ? 43  PRO A CB  1 
ATOM   330  C CG  . PRO A 1 46  ? -4.276  4.372   9.352   1.00 47.64 ? 43  PRO A CG  1 
ATOM   331  C CD  . PRO A 1 46  ? -3.469  5.073   8.301   1.00 46.40 ? 43  PRO A CD  1 
ATOM   332  N N   . GLN A 1 47  ? -6.448  8.225   10.261  1.00 54.84 ? 44  GLN A N   1 
ATOM   333  C CA  . GLN A 1 47  ? -6.785  9.223   11.289  1.00 58.26 ? 44  GLN A CA  1 
ATOM   334  C C   . GLN A 1 47  ? -6.384  9.152   12.761  1.00 57.46 ? 44  GLN A C   1 
ATOM   335  O O   . GLN A 1 47  ? -5.647  10.015  13.232  1.00 60.72 ? 44  GLN A O   1 
ATOM   336  C CB  . GLN A 1 47  ? -8.288  9.504   11.217  1.00 60.73 ? 44  GLN A CB  1 
ATOM   337  C CG  . GLN A 1 47  ? -8.666  10.422  10.068  1.00 64.90 ? 44  GLN A CG  1 
ATOM   338  C CD  . GLN A 1 47  ? -8.223  11.854  10.314  1.00 66.44 ? 44  GLN A CD  1 
ATOM   339  O OE1 . GLN A 1 47  ? -7.050  12.116  10.596  1.00 65.73 ? 44  GLN A OE1 1 
ATOM   340  N NE2 . GLN A 1 47  ? -9.163  12.789  10.213  1.00 67.18 ? 44  GLN A NE2 1 
ATOM   341  N N   . GLU A 1 48  ? -6.883  8.171   13.503  1.00 58.24 ? 45  GLU A N   1 
ATOM   342  C CA  . GLU A 1 48  ? -6.571  8.086   14.934  1.00 58.69 ? 45  GLU A CA  1 
ATOM   343  C C   . GLU A 1 48  ? -5.599  6.959   15.270  1.00 56.81 ? 45  GLU A C   1 
ATOM   344  O O   . GLU A 1 48  ? -5.732  6.296   16.295  1.00 55.49 ? 45  GLU A O   1 
ATOM   345  C CB  . GLU A 1 48  ? -7.872  7.897   15.734  1.00 61.24 ? 45  GLU A CB  1 
ATOM   346  C CG  . GLU A 1 48  ? -8.894  9.031   15.604  1.00 64.00 ? 45  GLU A CG  1 
ATOM   347  C CD  . GLU A 1 48  ? -8.326  10.377  16.038  1.00 67.26 ? 45  GLU A CD  1 
ATOM   348  O OE1 . GLU A 1 48  ? -7.597  10.409  17.052  1.00 67.19 ? 45  GLU A OE1 1 
ATOM   349  O OE2 . GLU A 1 48  ? -8.612  11.403  15.376  1.00 68.05 ? 45  GLU A OE2 1 
ATOM   350  N N   . THR A 1 49  ? -4.603  6.769   14.415  1.00 55.99 ? 46  THR A N   1 
ATOM   351  C CA  . THR A 1 49  ? -3.644  5.687   14.594  1.00 54.02 ? 46  THR A CA  1 
ATOM   352  C C   . THR A 1 49  ? -2.215  6.195   14.698  1.00 53.25 ? 46  THR A C   1 
ATOM   353  O O   . THR A 1 49  ? -1.952  7.372   14.438  1.00 55.70 ? 46  THR A O   1 
ATOM   354  C CB  . THR A 1 49  ? -3.739  4.725   13.405  1.00 53.63 ? 46  THR A CB  1 
ATOM   355  O OG1 . THR A 1 49  ? -3.056  5.294   12.276  1.00 50.64 ? 46  THR A OG1 1 
ATOM   356  C CG2 . THR A 1 49  ? -5.216  4.489   13.036  1.00 53.30 ? 46  THR A CG2 1 
ATOM   357  N N   . PRO A 1 50  ? -1.270  5.316   15.079  1.00 50.75 ? 47  PRO A N   1 
ATOM   358  C CA  . PRO A 1 50  ? 0.118   5.772   15.185  1.00 48.93 ? 47  PRO A CA  1 
ATOM   359  C C   . PRO A 1 50  ? 0.697   6.232   13.848  1.00 49.93 ? 47  PRO A C   1 
ATOM   360  O O   . PRO A 1 50  ? 1.737   6.885   13.815  1.00 50.23 ? 47  PRO A O   1 
ATOM   361  C CB  . PRO A 1 50  ? 0.843   4.553   15.753  1.00 49.84 ? 47  PRO A CB  1 
ATOM   362  C CG  . PRO A 1 50  ? 0.038   3.398   15.223  1.00 51.66 ? 47  PRO A CG  1 
ATOM   363  C CD  . PRO A 1 50  ? -1.383  3.882   15.414  1.00 49.75 ? 47  PRO A CD  1 
ATOM   364  N N   . PHE A 1 51  ? 0.026   5.893   12.747  1.00 47.79 ? 48  PHE A N   1 
ATOM   365  C CA  . PHE A 1 51  ? 0.506   6.299   11.429  1.00 46.35 ? 48  PHE A CA  1 
ATOM   366  C C   . PHE A 1 51  ? -0.055  7.650   11.039  1.00 45.89 ? 48  PHE A C   1 
ATOM   367  O O   . PHE A 1 51  ? 0.232   8.167   9.964   1.00 45.49 ? 48  PHE A O   1 
ATOM   368  C CB  . PHE A 1 51  ? 0.161   5.244   10.373  1.00 44.29 ? 48  PHE A CB  1 
ATOM   369  C CG  . PHE A 1 51  ? 0.894   3.943   10.565  1.00 46.92 ? 48  PHE A CG  1 
ATOM   370  C CD1 . PHE A 1 51  ? 0.449   3.004   11.497  1.00 46.38 ? 48  PHE A CD1 1 
ATOM   371  C CD2 . PHE A 1 51  ? 2.071   3.683   9.864   1.00 46.02 ? 48  PHE A CD2 1 
ATOM   372  C CE1 . PHE A 1 51  ? 1.171   1.820   11.730  1.00 46.01 ? 48  PHE A CE1 1 
ATOM   373  C CE2 . PHE A 1 51  ? 2.799   2.504   10.089  1.00 46.33 ? 48  PHE A CE2 1 
ATOM   374  C CZ  . PHE A 1 51  ? 2.348   1.573   11.023  1.00 45.52 ? 48  PHE A CZ  1 
ATOM   375  N N   . GLU A 1 52  ? -0.844  8.211   11.930  1.00 15.00 ? 49  GLU A N   1 
ATOM   376  C CA  . GLU A 1 52  ? -1.454  9.526   11.778  1.00 15.00 ? 49  GLU A CA  1 
ATOM   377  C C   . GLU A 1 52  ? -0.462  10.525  11.192  1.00 15.00 ? 49  GLU A C   1 
ATOM   378  O O   . GLU A 1 52  ? 0.680   10.619  11.657  1.00 45.12 ? 49  GLU A O   1 
ATOM   379  C CB  . GLU A 1 52  ? -1.963  10.033  13.130  1.00 15.00 ? 49  GLU A CB  1 
ATOM   380  C CG  . GLU A 1 52  ? -2.805  11.295  13.043  1.00 15.00 ? 49  GLU A CG  1 
ATOM   381  C CD  . GLU A 1 52  ? -3.331  11.740  14.393  1.00 15.00 ? 49  GLU A CD  1 
ATOM   382  O OE1 . GLU A 1 52  ? -3.135  11.001  15.383  1.00 15.00 ? 49  GLU A OE1 1 
ATOM   383  O OE2 . GLU A 1 52  ? -3.942  12.827  14.466  1.00 15.00 ? 49  GLU A OE2 1 
ATOM   384  H H   . GLU A 1 52  ? 0.085   8.078   11.644  1.00 15.00 ? 49  GLU A H   1 
ATOM   385  N N   . ASP A 1 53  ? -0.870  11.278  10.168  1.00 44.28 ? 50  ASP A N   1 
ATOM   386  C CA  . ASP A 1 53  ? -0.025  12.291  9.518   1.00 42.12 ? 50  ASP A CA  1 
ATOM   387  C C   . ASP A 1 53  ? 0.983   11.747  8.520   1.00 38.54 ? 50  ASP A C   1 
ATOM   388  O O   . ASP A 1 53  ? 1.808   12.491  7.988   1.00 38.08 ? 50  ASP A O   1 
ATOM   389  C CB  . ASP A 1 53  ? 0.727   13.134  10.557  1.00 41.99 ? 50  ASP A CB  1 
ATOM   390  C CG  . ASP A 1 53  ? -0.180  14.083  11.307  1.00 41.72 ? 50  ASP A CG  1 
ATOM   391  O OD1 . ASP A 1 53  ? -0.829  14.930  10.652  1.00 42.00 ? 50  ASP A OD1 1 
ATOM   392  O OD2 . ASP A 1 53  ? -0.237  13.979  12.549  1.00 43.14 ? 50  ASP A OD2 1 
ATOM   393  N N   . GLY A 1 54  ? 0.924   10.452  8.257   1.00 37.72 ? 51  GLY A N   1 
ATOM   394  C CA  . GLY A 1 54  ? 1.856   9.889   7.310   1.00 33.45 ? 51  GLY A CA  1 
ATOM   395  C C   . GLY A 1 54  ? 1.477   10.162  5.866   1.00 33.93 ? 51  GLY A C   1 
ATOM   396  O O   . GLY A 1 54  ? 0.300   10.134  5.493   1.00 37.05 ? 51  GLY A O   1 
ATOM   397  N N   . THR A 1 55  ? 2.489   10.433  5.055   1.00 33.57 ? 52  THR A N   1 
ATOM   398  C CA  . THR A 1 55  ? 2.314   10.683  3.627   1.00 36.44 ? 52  THR A CA  1 
ATOM   399  C C   . THR A 1 55  ? 3.174   9.645   2.914   1.00 34.07 ? 52  THR A C   1 
ATOM   400  O O   . THR A 1 55  ? 4.276   9.945   2.464   1.00 35.80 ? 52  THR A O   1 
ATOM   401  C CB  . THR A 1 55  ? 2.792   12.088  3.266   1.00 36.32 ? 52  THR A CB  1 
ATOM   402  O OG1 . THR A 1 55  ? 1.996   13.032  3.984   1.00 41.15 ? 52  THR A OG1 1 
ATOM   403  C CG2 . THR A 1 55  ? 2.644   12.343  1.758   1.00 43.34 ? 52  THR A CG2 1 
ATOM   404  N N   . PHE A 1 56  ? 2.648   8.431   2.809   1.00 30.30 ? 53  PHE A N   1 
ATOM   405  C CA  . PHE A 1 56  ? 3.375   7.305   2.229   1.00 31.12 ? 53  PHE A CA  1 
ATOM   406  C C   . PHE A 1 56  ? 3.274   7.120   0.723   1.00 30.23 ? 53  PHE A C   1 
ATOM   407  O O   . PHE A 1 56  ? 2.188   6.997   0.156   1.00 33.12 ? 53  PHE A O   1 
ATOM   408  C CB  . PHE A 1 56  ? 2.958   6.026   2.958   1.00 25.49 ? 53  PHE A CB  1 
ATOM   409  C CG  . PHE A 1 56  ? 3.098   6.124   4.453   1.00 30.50 ? 53  PHE A CG  1 
ATOM   410  C CD1 . PHE A 1 56  ? 4.352   6.169   5.042   1.00 28.24 ? 53  PHE A CD1 1 
ATOM   411  C CD2 . PHE A 1 56  ? 1.971   6.247   5.271   1.00 31.30 ? 53  PHE A CD2 1 
ATOM   412  C CE1 . PHE A 1 56  ? 4.484   6.339   6.408   1.00 29.46 ? 53  PHE A CE1 1 
ATOM   413  C CE2 . PHE A 1 56  ? 2.096   6.420   6.646   1.00 26.68 ? 53  PHE A CE2 1 
ATOM   414  C CZ  . PHE A 1 56  ? 3.349   6.467   7.212   1.00 28.61 ? 53  PHE A CZ  1 
ATOM   415  N N   . LYS A 1 57  ? 4.434   7.098   0.086   1.00 31.11 ? 54  LYS A N   1 
ATOM   416  C CA  . LYS A 1 57  ? 4.521   6.937   -1.347  1.00 33.03 ? 54  LYS A CA  1 
ATOM   417  C C   . LYS A 1 57  ? 4.610   5.441   -1.623  1.00 34.54 ? 54  LYS A C   1 
ATOM   418  O O   . LYS A 1 57  ? 5.354   4.721   -0.952  1.00 34.64 ? 54  LYS A O   1 
ATOM   419  C CB  . LYS A 1 57  ? 5.784   7.640   -1.853  1.00 39.91 ? 54  LYS A CB  1 
ATOM   420  C CG  . LYS A 1 57  ? 5.628   8.469   -3.118  1.00 47.12 ? 54  LYS A CG  1 
ATOM   421  C CD  . LYS A 1 57  ? 6.972   9.061   -3.521  1.00 51.83 ? 54  LYS A CD  1 
ATOM   422  C CE  . LYS A 1 57  ? 6.821   10.123  -4.592  1.00 57.27 ? 54  LYS A CE  1 
ATOM   423  N NZ  . LYS A 1 57  ? 8.147   10.686  -4.978  1.00 58.25 ? 54  LYS A NZ  1 
ATOM   424  N N   . LEU A 1 58  ? 3.838   4.975   -2.598  1.00 27.34 ? 55  LEU A N   1 
ATOM   425  C CA  . LEU A 1 58  ? 3.860   3.574   -2.971  1.00 24.79 ? 55  LEU A CA  1 
ATOM   426  C C   . LEU A 1 58  ? 4.056   3.416   -4.470  1.00 23.46 ? 55  LEU A C   1 
ATOM   427  O O   . LEU A 1 58  ? 3.747   4.303   -5.266  1.00 21.91 ? 55  LEU A O   1 
ATOM   428  C CB  . LEU A 1 58  ? 2.544   2.877   -2.598  1.00 26.74 ? 55  LEU A CB  1 
ATOM   429  C CG  . LEU A 1 58  ? 2.080   2.681   -1.154  1.00 27.90 ? 55  LEU A CG  1 
ATOM   430  C CD1 . LEU A 1 58  ? 1.634   4.006   -0.540  1.00 29.12 ? 55  LEU A CD1 1 
ATOM   431  C CD2 . LEU A 1 58  ? 0.911   1.713   -1.159  1.00 29.01 ? 55  LEU A CD2 1 
ATOM   432  N N   . SER A 1 59  ? 4.552   2.244   -4.839  1.00 25.39 ? 56  SER A N   1 
ATOM   433  C CA  . SER A 1 59  ? 4.756   1.878   -6.222  1.00 23.76 ? 56  SER A CA  1 
ATOM   434  C C   . SER A 1 59  ? 3.853   0.654   -6.479  1.00 25.92 ? 56  SER A C   1 
ATOM   435  O O   . SER A 1 59  ? 3.756   -0.237  -5.625  1.00 29.82 ? 56  SER A O   1 
ATOM   436  C CB  . SER A 1 59  ? 6.222   1.517   -6.437  1.00 25.08 ? 56  SER A CB  1 
ATOM   437  O OG  . SER A 1 59  ? 6.395   0.910   -7.701  1.00 38.82 ? 56  SER A OG  1 
ATOM   438  N N   . LEU A 1 60  ? 3.164   0.627   -7.616  1.00 23.44 ? 57  LEU A N   1 
ATOM   439  C CA  . LEU A 1 60  ? 2.313   -0.522  -7.973  1.00 25.91 ? 57  LEU A CA  1 
ATOM   440  C C   . LEU A 1 60  ? 2.689   -0.997  -9.375  1.00 27.50 ? 57  LEU A C   1 
ATOM   441  O O   . LEU A 1 60  ? 2.555   -0.249  -10.341 1.00 32.33 ? 57  LEU A O   1 
ATOM   442  C CB  . LEU A 1 60  ? 0.815   -0.167  -7.955  1.00 22.75 ? 57  LEU A CB  1 
ATOM   443  C CG  . LEU A 1 60  ? 0.192   0.329   -6.637  1.00 26.72 ? 57  LEU A CG  1 
ATOM   444  C CD1 . LEU A 1 60  ? 0.497   1.816   -6.371  1.00 24.33 ? 57  LEU A CD1 1 
ATOM   445  C CD2 . LEU A 1 60  ? -1.292  0.138   -6.725  1.00 25.83 ? 57  LEU A CD2 1 
ATOM   446  N N   . GLU A 1 61  ? 3.147   -2.237  -9.488  1.00 27.79 ? 58  GLU A N   1 
ATOM   447  C CA  . GLU A 1 61  ? 3.543   -2.771  -10.782 1.00 27.95 ? 58  GLU A CA  1 
ATOM   448  C C   . GLU A 1 61  ? 2.613   -3.852  -11.318 1.00 30.64 ? 58  GLU A C   1 
ATOM   449  O O   . GLU A 1 61  ? 2.435   -4.919  -10.713 1.00 33.72 ? 58  GLU A O   1 
ATOM   450  C CB  . GLU A 1 61  ? 4.975   -3.286  -10.700 1.00 30.89 ? 58  GLU A CB  1 
ATOM   451  C CG  . GLU A 1 61  ? 6.030   -2.182  -10.602 1.00 37.84 ? 58  GLU A CG  1 
ATOM   452  C CD  . GLU A 1 61  ? 7.262   -2.623  -9.814  1.00 45.40 ? 58  GLU A CD  1 
ATOM   453  O OE1 . GLU A 1 61  ? 7.228   -2.553  -8.566  1.00 51.02 ? 58  GLU A OE1 1 
ATOM   454  O OE2 . GLU A 1 61  ? 8.260   -3.054  -10.433 1.00 48.88 ? 58  GLU A OE2 1 
ATOM   455  N N   . PHE A 1 62  ? 2.027   -3.566  -12.470 1.00 28.82 ? 59  PHE A N   1 
ATOM   456  C CA  . PHE A 1 62  ? 1.094   -4.480  -13.118 1.00 30.16 ? 59  PHE A CA  1 
ATOM   457  C C   . PHE A 1 62  ? 1.744   -5.184  -14.298 1.00 30.23 ? 59  PHE A C   1 
ATOM   458  O O   . PHE A 1 62  ? 2.673   -4.660  -14.901 1.00 36.37 ? 59  PHE A O   1 
ATOM   459  C CB  . PHE A 1 62  ? -0.129  -3.709  -13.638 1.00 25.23 ? 59  PHE A CB  1 
ATOM   460  C CG  . PHE A 1 62  ? -0.916  -2.997  -12.564 1.00 27.58 ? 59  PHE A CG  1 
ATOM   461  C CD1 . PHE A 1 62  ? -1.994  -3.616  -11.936 1.00 27.61 ? 59  PHE A CD1 1 
ATOM   462  C CD2 . PHE A 1 62  ? -0.561  -1.713  -12.158 1.00 24.88 ? 59  PHE A CD2 1 
ATOM   463  C CE1 . PHE A 1 62  ? -2.702  -2.964  -10.915 1.00 29.73 ? 59  PHE A CE1 1 
ATOM   464  C CE2 . PHE A 1 62  ? -1.261  -1.057  -11.141 1.00 26.25 ? 59  PHE A CE2 1 
ATOM   465  C CZ  . PHE A 1 62  ? -2.328  -1.683  -10.518 1.00 27.12 ? 59  PHE A CZ  1 
ATOM   466  N N   . THR A 1 63  ? 1.251   -6.374  -14.630 1.00 29.15 ? 60  THR A N   1 
ATOM   467  C CA  . THR A 1 63  ? 1.762   -7.104  -15.782 1.00 26.39 ? 60  THR A CA  1 
ATOM   468  C C   . THR A 1 63  ? 0.628   -7.080  -16.800 1.00 31.86 ? 60  THR A C   1 
ATOM   469  O O   . THR A 1 63  ? -0.430  -6.503  -16.538 1.00 29.86 ? 60  THR A O   1 
ATOM   470  C CB  . THR A 1 63  ? 2.101   -8.567  -15.429 1.00 28.71 ? 60  THR A CB  1 
ATOM   471  O OG1 . THR A 1 63  ? 0.902   -9.276  -15.095 1.00 27.49 ? 60  THR A OG1 1 
ATOM   472  C CG2 . THR A 1 63  ? 3.072   -8.614  -14.246 1.00 25.68 ? 60  THR A CG2 1 
ATOM   473  N N   . GLU A 1 64  ? 0.842   -7.685  -17.964 1.00 36.26 ? 61  GLU A N   1 
ATOM   474  C CA  . GLU A 1 64  ? -0.201  -7.716  -18.980 1.00 38.84 ? 61  GLU A CA  1 
ATOM   475  C C   . GLU A 1 64  ? -1.255  -8.762  -18.614 1.00 39.08 ? 61  GLU A C   1 
ATOM   476  O O   . GLU A 1 64  ? -2.291  -8.866  -19.268 1.00 40.99 ? 61  GLU A O   1 
ATOM   477  C CB  . GLU A 1 64  ? 0.393   -8.027  -20.356 1.00 40.35 ? 61  GLU A CB  1 
ATOM   478  C CG  . GLU A 1 64  ? 1.236   -6.906  -20.949 1.00 44.10 ? 61  GLU A CG  1 
ATOM   479  C CD  . GLU A 1 64  ? 0.396   -5.745  -21.431 1.00 48.81 ? 61  GLU A CD  1 
ATOM   480  O OE1 . GLU A 1 64  ? 0.961   -4.803  -22.021 1.00 48.86 ? 61  GLU A OE1 1 
ATOM   481  O OE2 . GLU A 1 64  ? -0.837  -5.773  -21.220 1.00 53.21 ? 61  GLU A OE2 1 
ATOM   482  N N   . GLU A 1 65  ? -0.984  -9.531  -17.563 1.00 36.74 ? 62  GLU A N   1 
ATOM   483  C CA  . GLU A 1 65  ? -1.918  -10.555 -17.102 1.00 37.66 ? 62  GLU A CA  1 
ATOM   484  C C   . GLU A 1 65  ? -2.991  -9.974  -16.174 1.00 35.47 ? 62  GLU A C   1 
ATOM   485  O O   . GLU A 1 65  ? -3.938  -10.668 -15.789 1.00 33.75 ? 62  GLU A O   1 
ATOM   486  C CB  . GLU A 1 65  ? -1.153  -11.671 -16.403 1.00 41.51 ? 62  GLU A CB  1 
ATOM   487  C CG  . GLU A 1 65  ? -0.151  -12.341 -17.304 1.00 46.98 ? 62  GLU A CG  1 
ATOM   488  C CD  . GLU A 1 65  ? 1.042   -12.860 -16.531 1.00 55.91 ? 62  GLU A CD  1 
ATOM   489  O OE1 . GLU A 1 65  ? 0.865   -13.784 -15.697 1.00 56.40 ? 62  GLU A OE1 1 
ATOM   490  O OE2 . GLU A 1 65  ? 2.157   -12.329 -16.755 1.00 57.70 ? 62  GLU A OE2 1 
ATOM   491  N N   . TYR A 1 66  ? -2.829  -8.701  -15.816 1.00 29.67 ? 63  TYR A N   1 
ATOM   492  C CA  . TYR A 1 66  ? -3.802  -7.999  -14.984 1.00 28.00 ? 63  TYR A CA  1 
ATOM   493  C C   . TYR A 1 66  ? -5.078  -7.931  -15.816 1.00 25.02 ? 63  TYR A C   1 
ATOM   494  O O   . TYR A 1 66  ? -5.011  -7.816  -17.046 1.00 29.74 ? 63  TYR A O   1 
ATOM   495  C CB  . TYR A 1 66  ? -3.318  -6.579  -14.679 1.00 21.81 ? 63  TYR A CB  1 
ATOM   496  C CG  . TYR A 1 66  ? -4.196  -5.828  -13.713 1.00 22.74 ? 63  TYR A CG  1 
ATOM   497  C CD1 . TYR A 1 66  ? -4.249  -6.186  -12.364 1.00 22.28 ? 63  TYR A CD1 1 
ATOM   498  C CD2 . TYR A 1 66  ? -4.955  -4.736  -14.137 1.00 22.71 ? 63  TYR A CD2 1 
ATOM   499  C CE1 . TYR A 1 66  ? -5.029  -5.471  -11.460 1.00 19.62 ? 63  TYR A CE1 1 
ATOM   500  C CE2 . TYR A 1 66  ? -5.736  -4.014  -13.246 1.00 19.40 ? 63  TYR A CE2 1 
ATOM   501  C CZ  . TYR A 1 66  ? -5.768  -4.384  -11.912 1.00 26.02 ? 63  TYR A CZ  1 
ATOM   502  O OH  . TYR A 1 66  ? -6.552  -3.660  -11.046 1.00 25.90 ? 63  TYR A OH  1 
ATOM   503  N N   . PRO A 1 67  ? -6.252  -8.038  -15.178 1.00 24.99 ? 64  PRO A N   1 
ATOM   504  C CA  . PRO A 1 67  ? -6.536  -8.224  -13.745 1.00 29.85 ? 64  PRO A CA  1 
ATOM   505  C C   . PRO A 1 67  ? -6.521  -9.676  -13.210 1.00 30.63 ? 64  PRO A C   1 
ATOM   506  O O   . PRO A 1 67  ? -6.812  -9.911  -12.034 1.00 32.28 ? 64  PRO A O   1 
ATOM   507  C CB  . PRO A 1 67  ? -7.914  -7.584  -13.597 1.00 29.46 ? 64  PRO A CB  1 
ATOM   508  C CG  . PRO A 1 67  ? -8.592  -8.015  -14.896 1.00 29.29 ? 64  PRO A CG  1 
ATOM   509  C CD  . PRO A 1 67  ? -7.499  -7.822  -15.945 1.00 25.87 ? 64  PRO A CD  1 
ATOM   510  N N   . ASN A 1 68  ? -6.189  -10.646 -14.055 1.00 33.45 ? 65  ASN A N   1 
ATOM   511  C CA  . ASN A 1 68  ? -6.161  -12.040 -13.609 1.00 39.29 ? 65  ASN A CA  1 
ATOM   512  C C   . ASN A 1 68  ? -5.089  -12.257 -12.549 1.00 39.91 ? 65  ASN A C   1 
ATOM   513  O O   . ASN A 1 68  ? -5.306  -13.000 -11.596 1.00 44.10 ? 65  ASN A O   1 
ATOM   514  C CB  . ASN A 1 68  ? -5.950  -12.979 -14.797 1.00 35.98 ? 65  ASN A CB  1 
ATOM   515  C CG  . ASN A 1 68  ? -7.099  -12.924 -15.774 1.00 39.70 ? 65  ASN A CG  1 
ATOM   516  O OD1 . ASN A 1 68  ? -8.224  -13.320 -15.453 1.00 44.45 ? 65  ASN A OD1 1 
ATOM   517  N ND2 . ASN A 1 68  ? -6.834  -12.416 -16.973 1.00 40.06 ? 65  ASN A ND2 1 
ATOM   518  N N   . LYS A 1 69  ? -3.941  -11.608 -12.715 1.00 39.39 ? 66  LYS A N   1 
ATOM   519  C CA  . LYS A 1 69  ? -2.863  -11.705 -11.739 1.00 41.33 ? 66  LYS A CA  1 
ATOM   520  C C   . LYS A 1 69  ? -2.688  -10.348 -11.066 1.00 40.04 ? 66  LYS A C   1 
ATOM   521  O O   . LYS A 1 69  ? -2.693  -9.304  -11.723 1.00 42.52 ? 66  LYS A O   1 
ATOM   522  C CB  . LYS A 1 69  ? -1.554  -12.147 -12.400 1.00 43.56 ? 66  LYS A CB  1 
ATOM   523  C CG  . LYS A 1 69  ? -1.324  -13.653 -12.349 1.00 51.55 ? 66  LYS A CG  1 
ATOM   524  C CD  . LYS A 1 69  ? 0.014   -14.044 -12.974 1.00 53.88 ? 66  LYS A CD  1 
ATOM   525  C CE  . LYS A 1 69  ? 1.218   -13.452 -12.222 1.00 55.33 ? 66  LYS A CE  1 
ATOM   526  N NZ  . LYS A 1 69  ? 1.530   -14.145 -10.932 1.00 52.90 ? 66  LYS A NZ  1 
ATOM   527  N N   . PRO A 1 70  ? -2.532  -10.346 -9.739  1.00 37.75 ? 67  PRO A N   1 
ATOM   528  C CA  . PRO A 1 70  ? -2.364  -9.104  -8.980  1.00 36.35 ? 67  PRO A CA  1 
ATOM   529  C C   . PRO A 1 70  ? -1.043  -8.393  -9.237  1.00 32.12 ? 67  PRO A C   1 
ATOM   530  O O   . PRO A 1 70  ? -0.083  -8.990  -9.727  1.00 38.08 ? 67  PRO A O   1 
ATOM   531  C CB  . PRO A 1 70  ? -2.452  -9.579  -7.540  1.00 36.80 ? 67  PRO A CB  1 
ATOM   532  C CG  . PRO A 1 70  ? -1.705  -10.906 -7.616  1.00 36.73 ? 67  PRO A CG  1 
ATOM   533  C CD  . PRO A 1 70  ? -2.306  -11.523 -8.880  1.00 37.21 ? 67  PRO A CD  1 
ATOM   534  N N   . PRO A 1 71  ? -0.984  -7.099  -8.918  1.00 29.36 ? 68  PRO A N   1 
ATOM   535  C CA  . PRO A 1 71  ? 0.258   -6.357  -9.122  1.00 27.50 ? 68  PRO A CA  1 
ATOM   536  C C   . PRO A 1 71  ? 1.086   -6.510  -7.845  1.00 27.63 ? 68  PRO A C   1 
ATOM   537  O O   . PRO A 1 71  ? 0.582   -6.990  -6.830  1.00 30.00 ? 68  PRO A O   1 
ATOM   538  C CB  . PRO A 1 71  ? -0.236  -4.927  -9.292  1.00 29.76 ? 68  PRO A CB  1 
ATOM   539  C CG  . PRO A 1 71  ? -1.380  -4.872  -8.327  1.00 26.02 ? 68  PRO A CG  1 
ATOM   540  C CD  . PRO A 1 71  ? -2.096  -6.182  -8.592  1.00 28.27 ? 68  PRO A CD  1 
ATOM   541  N N   . THR A 1 72  ? 2.355   -6.129  -7.896  1.00 27.11 ? 69  THR A N   1 
ATOM   542  C CA  . THR A 1 72  ? 3.185   -6.159  -6.703  1.00 22.54 ? 69  THR A CA  1 
ATOM   543  C C   . THR A 1 72  ? 3.193   -4.701  -6.218  1.00 24.95 ? 69  THR A C   1 
ATOM   544  O O   . THR A 1 72  ? 3.337   -3.772  -7.016  1.00 29.23 ? 69  THR A O   1 
ATOM   545  C CB  . THR A 1 72  ? 4.620   -6.616  -7.005  1.00 26.58 ? 69  THR A CB  1 
ATOM   546  O OG1 . THR A 1 72  ? 5.237   -5.691  -7.911  1.00 27.50 ? 69  THR A OG1 1 
ATOM   547  C CG2 . THR A 1 72  ? 4.606   -8.014  -7.611  1.00 28.64 ? 69  THR A CG2 1 
ATOM   548  N N   . VAL A 1 73  ? 3.019   -4.497  -4.921  1.00 25.35 ? 70  VAL A N   1 
ATOM   549  C CA  . VAL A 1 73  ? 2.973   -3.156  -4.373  1.00 23.05 ? 70  VAL A CA  1 
ATOM   550  C C   . VAL A 1 73  ? 4.039   -2.990  -3.312  1.00 25.84 ? 70  VAL A C   1 
ATOM   551  O O   . VAL A 1 73  ? 4.149   -3.803  -2.394  1.00 26.09 ? 70  VAL A O   1 
ATOM   552  C CB  . VAL A 1 73  ? 1.604   -2.873  -3.761  1.00 21.11 ? 70  VAL A CB  1 
ATOM   553  C CG1 . VAL A 1 73  ? 1.529   -1.440  -3.303  1.00 21.78 ? 70  VAL A CG1 1 
ATOM   554  C CG2 . VAL A 1 73  ? 0.515   -3.190  -4.768  1.00 20.36 ? 70  VAL A CG2 1 
ATOM   555  N N   . LYS A 1 74  ? 4.826   -1.927  -3.445  1.00 29.74 ? 71  LYS A N   1 
ATOM   556  C CA  . LYS A 1 74  ? 5.903   -1.653  -2.508  1.00 27.91 ? 71  LYS A CA  1 
ATOM   557  C C   . LYS A 1 74  ? 5.818   -0.235  -2.031  1.00 27.95 ? 71  LYS A C   1 
ATOM   558  O O   . LYS A 1 74  ? 5.422   0.661   -2.774  1.00 31.14 ? 71  LYS A O   1 
ATOM   559  C CB  . LYS A 1 74  ? 7.270   -1.844  -3.167  1.00 28.35 ? 71  LYS A CB  1 
ATOM   560  C CG  . LYS A 1 74  ? 7.521   -3.232  -3.725  1.00 41.68 ? 71  LYS A CG  1 
ATOM   561  C CD  . LYS A 1 74  ? 8.874   -3.324  -4.418  1.00 46.67 ? 71  LYS A CD  1 
ATOM   562  C CE  . LYS A 1 74  ? 9.137   -4.720  -4.983  1.00 50.24 ? 71  LYS A CE  1 
ATOM   563  N NZ  . LYS A 1 74  ? 10.402  -4.741  -5.791  1.00 52.84 ? 71  LYS A NZ  1 
ATOM   564  N N   . PHE A 1 75  ? 6.190   -0.035  -0.776  1.00 28.74 ? 72  PHE A N   1 
ATOM   565  C CA  . PHE A 1 75  ? 6.221   1.293   -0.214  1.00 29.09 ? 72  PHE A CA  1 
ATOM   566  C C   . PHE A 1 75  ? 7.529   1.891   -0.706  1.00 33.02 ? 72  PHE A C   1 
ATOM   567  O O   . PHE A 1 75  ? 8.551   1.206   -0.725  1.00 37.01 ? 72  PHE A O   1 
ATOM   568  C CB  . PHE A 1 75  ? 6.257   1.245   1.311   1.00 26.24 ? 72  PHE A CB  1 
ATOM   569  C CG  . PHE A 1 75  ? 4.912   1.192   1.948   1.00 28.47 ? 72  PHE A CG  1 
ATOM   570  C CD1 . PHE A 1 75  ? 4.098   2.315   1.973   1.00 24.93 ? 72  PHE A CD1 1 
ATOM   571  C CD2 . PHE A 1 75  ? 4.442   0.004   2.504   1.00 30.31 ? 72  PHE A CD2 1 
ATOM   572  C CE1 . PHE A 1 75  ? 2.831   2.258   2.545   1.00 25.86 ? 72  PHE A CE1 1 
ATOM   573  C CE2 . PHE A 1 75  ? 3.180   -0.063  3.077   1.00 29.09 ? 72  PHE A CE2 1 
ATOM   574  C CZ  . PHE A 1 75  ? 2.371   1.065   3.096   1.00 28.57 ? 72  PHE A CZ  1 
ATOM   575  N N   . ILE A 1 76  ? 7.490   3.154   -1.121  1.00 28.89 ? 73  ILE A N   1 
ATOM   576  C CA  . ILE A 1 76  ? 8.697   3.841   -1.554  1.00 29.38 ? 73  ILE A CA  1 
ATOM   577  C C   . ILE A 1 76  ? 9.198   4.532   -0.285  1.00 30.75 ? 73  ILE A C   1 
ATOM   578  O O   . ILE A 1 76  ? 10.383  4.467   0.058   1.00 28.93 ? 73  ILE A O   1 
ATOM   579  C CB  . ILE A 1 76  ? 8.383   4.861   -2.684  1.00 30.44 ? 73  ILE A CB  1 
ATOM   580  C CG1 . ILE A 1 76  ? 7.934   4.089   -3.931  1.00 29.26 ? 73  ILE A CG1 1 
ATOM   581  C CG2 . ILE A 1 76  ? 9.620   5.710   -3.012  1.00 27.79 ? 73  ILE A CG2 1 
ATOM   582  C CD1 . ILE A 1 76  ? 7.367   4.936   -5.032  1.00 33.36 ? 73  ILE A CD1 1 
ATOM   583  N N   . SER A 1 77  ? 8.275   5.175   0.426   1.00 29.71 ? 74  SER A N   1 
ATOM   584  C CA  . SER A 1 77  ? 8.616   5.826   1.680   1.00 27.71 ? 74  SER A CA  1 
ATOM   585  C C   . SER A 1 77  ? 9.142   4.716   2.578   1.00 29.40 ? 74  SER A C   1 
ATOM   586  O O   . SER A 1 77  ? 8.783   3.545   2.392   1.00 32.29 ? 74  SER A O   1 
ATOM   587  C CB  . SER A 1 77  ? 7.374   6.442   2.329   1.00 26.62 ? 74  SER A CB  1 
ATOM   588  O OG  . SER A 1 77  ? 6.784   7.438   1.513   1.00 28.28 ? 74  SER A OG  1 
ATOM   589  N N   . LYS A 1 78  ? 10.005  5.067   3.526   1.00 31.88 ? 75  LYS A N   1 
ATOM   590  C CA  . LYS A 1 78  ? 10.538  4.083   4.453   1.00 33.67 ? 75  LYS A CA  1 
ATOM   591  C C   . LYS A 1 78  ? 9.358   3.571   5.269   1.00 34.01 ? 75  LYS A C   1 
ATOM   592  O O   . LYS A 1 78  ? 8.402   4.307   5.529   1.00 34.08 ? 75  LYS A O   1 
ATOM   593  C CB  . LYS A 1 78  ? 11.598  4.699   5.378   1.00 34.68 ? 75  LYS A CB  1 
ATOM   594  C CG  . LYS A 1 78  ? 12.925  5.003   4.690   1.00 30.73 ? 75  LYS A CG  1 
ATOM   595  C CD  . LYS A 1 78  ? 13.793  3.764   4.465   1.00 41.04 ? 75  LYS A CD  1 
ATOM   596  C CE  . LYS A 1 78  ? 13.593  3.142   3.085   1.00 41.04 ? 75  LYS A CE  1 
ATOM   597  N NZ  . LYS A 1 78  ? 12.313  2.403   2.931   1.00 41.04 ? 75  LYS A NZ  1 
ATOM   598  N N   . MET A 1 79  ? 9.417   2.307   5.656   1.00 30.87 ? 76  MET A N   1 
ATOM   599  C CA  . MET A 1 79  ? 8.329   1.736   6.420   1.00 34.19 ? 76  MET A CA  1 
ATOM   600  C C   . MET A 1 79  ? 8.766   0.849   7.589   1.00 34.83 ? 76  MET A C   1 
ATOM   601  O O   . MET A 1 79  ? 9.840   0.243   7.580   1.00 35.95 ? 76  MET A O   1 
ATOM   602  C CB  . MET A 1 79  ? 7.407   0.945   5.476   1.00 33.67 ? 76  MET A CB  1 
ATOM   603  C CG  . MET A 1 79  ? 6.165   0.342   6.141   1.00 30.45 ? 76  MET A CG  1 
ATOM   604  S SD  . MET A 1 79  ? 5.238   1.566   7.109   1.00 36.12 ? 76  MET A SD  1 
ATOM   605  C CE  . MET A 1 79  ? 4.591   2.628   5.798   1.00 33.20 ? 76  MET A CE  1 
ATOM   606  N N   . PHE A 1 80  ? 7.926   0.814   8.614   1.00 35.03 ? 77  PHE A N   1 
ATOM   607  C CA  . PHE A 1 80  ? 8.156   -0.026  9.778   1.00 35.91 ? 77  PHE A CA  1 
ATOM   608  C C   . PHE A 1 80  ? 6.782   -0.605  10.053  1.00 35.22 ? 77  PHE A C   1 
ATOM   609  O O   . PHE A 1 80  ? 5.930   0.055   10.640  1.00 36.76 ? 77  PHE A O   1 
ATOM   610  C CB  . PHE A 1 80  ? 8.633   0.779   10.985  1.00 38.36 ? 77  PHE A CB  1 
ATOM   611  C CG  . PHE A 1 80  ? 9.101   -0.079  12.124  1.00 39.13 ? 77  PHE A CG  1 
ATOM   612  C CD1 . PHE A 1 80  ? 10.294  -0.790  12.027  1.00 39.33 ? 77  PHE A CD1 1 
ATOM   613  C CD2 . PHE A 1 80  ? 8.323   -0.223  13.267  1.00 37.55 ? 77  PHE A CD2 1 
ATOM   614  C CE1 . PHE A 1 80  ? 10.707  -1.639  13.050  1.00 39.88 ? 77  PHE A CE1 1 
ATOM   615  C CE2 . PHE A 1 80  ? 8.723   -1.068  14.297  1.00 41.32 ? 77  PHE A CE2 1 
ATOM   616  C CZ  . PHE A 1 80  ? 9.917   -1.779  14.188  1.00 40.37 ? 77  PHE A CZ  1 
ATOM   617  N N   . HIS A 1 81  ? 6.562   -1.833  9.596   1.00 34.61 ? 78  HIS A N   1 
ATOM   618  C CA  . HIS A 1 81  ? 5.282   -2.488  9.764   1.00 29.47 ? 78  HIS A CA  1 
ATOM   619  C C   . HIS A 1 81  ? 5.510   -3.997  9.718   1.00 33.22 ? 78  HIS A C   1 
ATOM   620  O O   . HIS A 1 81  ? 6.356   -4.481  8.970   1.00 38.09 ? 78  HIS A O   1 
ATOM   621  C CB  . HIS A 1 81  ? 4.358   -2.016  8.652   1.00 24.72 ? 78  HIS A CB  1 
ATOM   622  C CG  . HIS A 1 81  ? 2.943   -2.451  8.809   1.00 24.75 ? 78  HIS A CG  1 
ATOM   623  N ND1 . HIS A 1 81  ? 2.511   -3.714  8.463   1.00 25.48 ? 78  HIS A ND1 1 
ATOM   624  C CD2 . HIS A 1 81  ? 1.855   -1.788  9.264   1.00 24.51 ? 78  HIS A CD2 1 
ATOM   625  C CE1 . HIS A 1 81  ? 1.214   -3.808  8.693   1.00 24.03 ? 78  HIS A CE1 1 
ATOM   626  N NE2 . HIS A 1 81  ? 0.791   -2.654  9.179   1.00 24.64 ? 78  HIS A NE2 1 
ATOM   627  N N   . PRO A 1 82  ? 4.772   -4.760  10.538  1.00 38.50 ? 79  PRO A N   1 
ATOM   628  C CA  . PRO A 1 82  ? 4.920   -6.218  10.580  1.00 36.01 ? 79  PRO A CA  1 
ATOM   629  C C   . PRO A 1 82  ? 4.825   -6.903  9.224   1.00 33.38 ? 79  PRO A C   1 
ATOM   630  O O   . PRO A 1 82  ? 5.581   -7.828  8.952   1.00 38.95 ? 79  PRO A O   1 
ATOM   631  C CB  . PRO A 1 82  ? 3.802   -6.646  11.526  1.00 36.29 ? 79  PRO A CB  1 
ATOM   632  C CG  . PRO A 1 82  ? 3.690   -5.499  12.443  1.00 37.14 ? 79  PRO A CG  1 
ATOM   633  C CD  . PRO A 1 82  ? 3.753   -4.322  11.506  1.00 37.10 ? 79  PRO A CD  1 
ATOM   634  N N   . ASN A 1 83  ? 3.917   -6.438  8.373   1.00 29.07 ? 80  ASN A N   1 
ATOM   635  C CA  . ASN A 1 83  ? 3.726   -7.051  7.062   1.00 29.70 ? 80  ASN A CA  1 
ATOM   636  C C   . ASN A 1 83  ? 4.470   -6.390  5.899   1.00 31.18 ? 80  ASN A C   1 
ATOM   637  O O   . ASN A 1 83  ? 4.119   -6.605  4.740   1.00 29.09 ? 80  ASN A O   1 
ATOM   638  C CB  . ASN A 1 83  ? 2.238   -7.108  6.733   1.00 29.55 ? 80  ASN A CB  1 
ATOM   639  C CG  . ASN A 1 83  ? 1.408   -7.653  7.885   1.00 32.97 ? 80  ASN A CG  1 
ATOM   640  O OD1 . ASN A 1 83  ? 0.636   -6.918  8.510   1.00 31.73 ? 80  ASN A OD1 1 
ATOM   641  N ND2 . ASN A 1 83  ? 1.568   -8.939  8.175   1.00 30.75 ? 80  ASN A ND2 1 
ATOM   642  N N   . VAL A 1 84  ? 5.489   -5.585  6.204   1.00 30.02 ? 81  VAL A N   1 
ATOM   643  C CA  . VAL A 1 84  ? 6.260   -4.935  5.151   1.00 32.15 ? 81  VAL A CA  1 
ATOM   644  C C   . VAL A 1 84  ? 7.741   -5.356  5.137   1.00 30.73 ? 81  VAL A C   1 
ATOM   645  O O   . VAL A 1 84  ? 8.454   -5.250  6.143   1.00 28.74 ? 81  VAL A O   1 
ATOM   646  C CB  . VAL A 1 84  ? 6.146   -3.391  5.246   1.00 31.40 ? 81  VAL A CB  1 
ATOM   647  C CG1 . VAL A 1 84  ? 6.924   -2.723  4.127   1.00 28.30 ? 81  VAL A CG1 1 
ATOM   648  C CG2 . VAL A 1 84  ? 4.693   -2.997  5.163   1.00 29.04 ? 81  VAL A CG2 1 
ATOM   649  N N   . TYR A 1 85  ? 8.180   -5.865  3.991   1.00 27.74 ? 82  TYR A N   1 
ATOM   650  C CA  . TYR A 1 85  ? 9.562   -6.296  3.834   1.00 32.49 ? 82  TYR A CA  1 
ATOM   651  C C   . TYR A 1 85  ? 10.537  -5.117  3.769   1.00 31.65 ? 82  TYR A C   1 
ATOM   652  O O   . TYR A 1 85  ? 10.134  -3.962  3.632   1.00 32.57 ? 82  TYR A O   1 
ATOM   653  C CB  . TYR A 1 85  ? 9.721   -7.160  2.582   1.00 34.40 ? 82  TYR A CB  1 
ATOM   654  C CG  . TYR A 1 85  ? 9.090   -8.524  2.696   1.00 41.58 ? 82  TYR A CG  1 
ATOM   655  C CD1 . TYR A 1 85  ? 7.776   -8.742  2.294   1.00 41.20 ? 82  TYR A CD1 1 
ATOM   656  C CD2 . TYR A 1 85  ? 9.807   -9.601  3.212   1.00 42.99 ? 82  TYR A CD2 1 
ATOM   657  C CE1 . TYR A 1 85  ? 7.193   -10.002 2.399   1.00 43.25 ? 82  TYR A CE1 1 
ATOM   658  C CE2 . TYR A 1 85  ? 9.237   -10.863 3.324   1.00 42.21 ? 82  TYR A CE2 1 
ATOM   659  C CZ  . TYR A 1 85  ? 7.931   -11.061 2.917   1.00 44.17 ? 82  TYR A CZ  1 
ATOM   660  O OH  . TYR A 1 85  ? 7.370   -12.316 3.031   1.00 44.45 ? 82  TYR A OH  1 
ATOM   661  N N   . ALA A 1 86  ? 11.821  -5.427  3.878   1.00 30.17 ? 83  ALA A N   1 
ATOM   662  C CA  . ALA A 1 86  ? 12.873  -4.423  3.842   1.00 31.94 ? 83  ALA A CA  1 
ATOM   663  C C   . ALA A 1 86  ? 12.867  -3.579  2.555   1.00 32.79 ? 83  ALA A C   1 
ATOM   664  O O   . ALA A 1 86  ? 13.129  -2.380  2.603   1.00 37.04 ? 83  ALA A O   1 
ATOM   665  C CB  . ALA A 1 86  ? 14.240  -5.098  4.028   1.00 28.45 ? 83  ALA A CB  1 
ATOM   666  N N   . ASP A 1 87  ? 12.554  -4.192  1.413   1.00 27.94 ? 84  ASP A N   1 
ATOM   667  C CA  . ASP A 1 87  ? 12.534  -3.464  0.147   1.00 27.05 ? 84  ASP A CA  1 
ATOM   668  C C   . ASP A 1 87  ? 11.213  -2.682  -0.056  1.00 25.13 ? 84  ASP A C   1 
ATOM   669  O O   . ASP A 1 87  ? 10.977  -2.088  -1.115  1.00 27.69 ? 84  ASP A O   1 
ATOM   670  C CB  . ASP A 1 87  ? 12.766  -4.440  -1.030  1.00 22.58 ? 84  ASP A CB  1 
ATOM   671  C CG  . ASP A 1 87  ? 11.516  -5.274  -1.386  1.00 27.28 ? 84  ASP A CG  1 
ATOM   672  O OD1 . ASP A 1 87  ? 11.393  -5.680  -2.555  1.00 28.11 ? 84  ASP A OD1 1 
ATOM   673  O OD2 . ASP A 1 87  ? 10.658  -5.533  -0.516  1.00 23.77 ? 84  ASP A OD2 1 
ATOM   674  N N   . GLY A 1 88  ? 10.364  -2.686  0.964   1.00 21.69 ? 85  GLY A N   1 
ATOM   675  C CA  . GLY A 1 88  ? 9.086   -1.998  0.873   1.00 25.24 ? 85  GLY A CA  1 
ATOM   676  C C   . GLY A 1 88  ? 7.919   -2.858  0.408   1.00 25.15 ? 85  GLY A C   1 
ATOM   677  O O   . GLY A 1 88  ? 6.780   -2.395  0.395   1.00 22.87 ? 85  GLY A O   1 
ATOM   678  N N   . SER A 1 89  ? 8.193   -4.108  0.036   1.00 27.02 ? 86  SER A N   1 
ATOM   679  C CA  . SER A 1 89  ? 7.151   -5.011  -0.436  1.00 27.83 ? 86  SER A CA  1 
ATOM   680  C C   . SER A 1 89  ? 6.084   -5.260  0.623   1.00 30.87 ? 86  SER A C   1 
ATOM   681  O O   . SER A 1 89  ? 6.379   -5.583  1.772   1.00 31.26 ? 86  SER A O   1 
ATOM   682  C CB  . SER A 1 89  ? 7.760   -6.335  -0.897  1.00 25.88 ? 86  SER A CB  1 
ATOM   683  O OG  . SER A 1 89  ? 8.433   -6.190  -2.139  1.00 28.56 ? 86  SER A OG  1 
ATOM   684  N N   . ILE A 1 90  ? 4.833   -5.097  0.218   1.00 30.68 ? 87  ILE A N   1 
ATOM   685  C CA  . ILE A 1 90  ? 3.717   -5.287  1.124   1.00 33.95 ? 87  ILE A CA  1 
ATOM   686  C C   . ILE A 1 90  ? 3.176   -6.710  1.044   1.00 33.86 ? 87  ILE A C   1 
ATOM   687  O O   . ILE A 1 90  ? 2.774   -7.172  -0.026  1.00 36.91 ? 87  ILE A O   1 
ATOM   688  C CB  . ILE A 1 90  ? 2.567   -4.309  0.783   1.00 33.30 ? 87  ILE A CB  1 
ATOM   689  C CG1 . ILE A 1 90  ? 3.086   -2.868  0.799   1.00 31.01 ? 87  ILE A CG1 1 
ATOM   690  C CG2 . ILE A 1 90  ? 1.399   -4.511  1.764   1.00 32.34 ? 87  ILE A CG2 1 
ATOM   691  C CD1 . ILE A 1 90  ? 2.127   -1.875  0.165   1.00 33.57 ? 87  ILE A CD1 1 
ATOM   692  N N   . CYS A 1 91  ? 3.177   -7.403  2.175   1.00 34.31 ? 88  CYS A N   1 
ATOM   693  C CA  . CYS A 1 91  ? 2.652   -8.762  2.227   1.00 37.85 ? 88  CYS A CA  1 
ATOM   694  C C   . CYS A 1 91  ? 1.186   -8.626  2.638   1.00 35.89 ? 88  CYS A C   1 
ATOM   695  O O   . CYS A 1 91  ? 0.878   -8.359  3.804   1.00 39.91 ? 88  CYS A O   1 
ATOM   696  C CB  . CYS A 1 91  ? 3.420   -9.617  3.250   1.00 35.05 ? 88  CYS A CB  1 
ATOM   697  S SG  . CYS A 1 91  ? 2.769   -11.314 3.400   1.00 42.75 ? 88  CYS A SG  1 
ATOM   698  N N   . LEU A 1 92  ? 0.296   -8.801  1.672   1.00 35.59 ? 89  LEU A N   1 
ATOM   699  C CA  . LEU A 1 92  ? -1.144  -8.671  1.880   1.00 37.12 ? 89  LEU A CA  1 
ATOM   700  C C   . LEU A 1 92  ? -1.842  -9.816  1.150   1.00 38.88 ? 89  LEU A C   1 
ATOM   701  O O   . LEU A 1 92  ? -1.630  -10.011 -0.049  1.00 41.58 ? 89  LEU A O   1 
ATOM   702  C CB  . LEU A 1 92  ? -1.601  -7.318  1.324   1.00 35.97 ? 89  LEU A CB  1 
ATOM   703  C CG  . LEU A 1 92  ? -3.077  -6.926  1.278   1.00 38.82 ? 89  LEU A CG  1 
ATOM   704  C CD1 . LEU A 1 92  ? -3.680  -6.956  2.687   1.00 37.40 ? 89  LEU A CD1 1 
ATOM   705  C CD2 . LEU A 1 92  ? -3.189  -5.528  0.669   1.00 36.53 ? 89  LEU A CD2 1 
ATOM   706  N N   . ASP A 1 93  ? -2.677  -10.560 1.868   1.00 43.00 ? 90  ASP A N   1 
ATOM   707  C CA  . ASP A 1 93  ? -3.373  -11.707 1.282   1.00 42.93 ? 90  ASP A CA  1 
ATOM   708  C C   . ASP A 1 93  ? -4.122  -11.470 -0.033  1.00 42.09 ? 90  ASP A C   1 
ATOM   709  O O   . ASP A 1 93  ? -4.089  -12.333 -0.913  1.00 40.95 ? 90  ASP A O   1 
ATOM   710  C CB  . ASP A 1 93  ? -4.324  -12.329 2.305   1.00 48.33 ? 90  ASP A CB  1 
ATOM   711  C CG  . ASP A 1 93  ? -5.281  -11.321 2.911   1.00 54.40 ? 90  ASP A CG  1 
ATOM   712  O OD1 . ASP A 1 93  ? -5.386  -10.180 2.404   1.00 55.80 ? 90  ASP A OD1 1 
ATOM   713  O OD2 . ASP A 1 93  ? -5.941  -11.687 3.908   1.00 59.93 ? 90  ASP A OD2 1 
ATOM   714  N N   . ILE A 1 94  ? -4.790  -10.327 -0.184  1.00 36.35 ? 91  ILE A N   1 
ATOM   715  C CA  . ILE A 1 94  ? -5.517  -10.074 -1.427  1.00 36.28 ? 91  ILE A CA  1 
ATOM   716  C C   . ILE A 1 94  ? -4.589  -9.836  -2.613  1.00 37.80 ? 91  ILE A C   1 
ATOM   717  O O   . ILE A 1 94  ? -5.039  -9.818  -3.754  1.00 39.40 ? 91  ILE A O   1 
ATOM   718  C CB  . ILE A 1 94  ? -6.500  -8.877  -1.320  1.00 38.30 ? 91  ILE A CB  1 
ATOM   719  C CG1 . ILE A 1 94  ? -5.744  -7.586  -1.030  1.00 35.65 ? 91  ILE A CG1 1 
ATOM   720  C CG2 . ILE A 1 94  ? -7.536  -9.153  -0.232  1.00 39.08 ? 91  ILE A CG2 1 
ATOM   721  C CD1 . ILE A 1 94  ? -6.576  -6.371  -1.252  1.00 33.46 ? 91  ILE A CD1 1 
ATOM   722  N N   . LEU A 1 95  ? -3.297  -9.646  -2.349  1.00 34.73 ? 92  LEU A N   1 
ATOM   723  C CA  . LEU A 1 95  ? -2.337  -9.460  -3.433  1.00 35.65 ? 92  LEU A CA  1 
ATOM   724  C C   . LEU A 1 95  ? -1.660  -10.798 -3.698  1.00 39.18 ? 92  LEU A C   1 
ATOM   725  O O   . LEU A 1 95  ? -0.964  -10.978 -4.699  1.00 40.88 ? 92  LEU A O   1 
ATOM   726  C CB  . LEU A 1 95  ? -1.279  -8.419  -3.069  1.00 29.29 ? 92  LEU A CB  1 
ATOM   727  C CG  . LEU A 1 95  ? -1.743  -6.966  -2.918  1.00 29.59 ? 92  LEU A CG  1 
ATOM   728  C CD1 . LEU A 1 95  ? -0.566  -6.111  -2.485  1.00 23.09 ? 92  LEU A CD1 1 
ATOM   729  C CD2 . LEU A 1 95  ? -2.327  -6.459  -4.223  1.00 22.03 ? 92  LEU A CD2 1 
ATOM   730  N N   . GLN A 1 96  ? -1.888  -11.745 -2.797  1.00 42.96 ? 93  GLN A N   1 
ATOM   731  C CA  . GLN A 1 96  ? -1.283  -13.058 -2.919  1.00 48.02 ? 93  GLN A CA  1 
ATOM   732  C C   . GLN A 1 96  ? -2.246  -14.177 -3.310  1.00 53.78 ? 93  GLN A C   1 
ATOM   733  O O   . GLN A 1 96  ? -2.414  -14.456 -4.500  1.00 55.15 ? 93  GLN A O   1 
ATOM   734  C CB  . GLN A 1 96  ? -0.549  -13.398 -1.622  1.00 46.03 ? 93  GLN A CB  1 
ATOM   735  C CG  . GLN A 1 96  ? 0.754   -12.633 -1.459  1.00 42.46 ? 93  GLN A CG  1 
ATOM   736  C CD  . GLN A 1 96  ? 1.282   -12.669 -0.043  1.00 46.14 ? 93  GLN A CD  1 
ATOM   737  O OE1 . GLN A 1 96  ? 1.332   -13.730 0.590   1.00 45.67 ? 93  GLN A OE1 1 
ATOM   738  N NE2 . GLN A 1 96  ? 1.690   -11.509 0.466   1.00 46.02 ? 93  GLN A NE2 1 
ATOM   739  N N   . ASN A 1 97  ? -2.881  -14.811 -2.328  1.00 56.91 ? 94  ASN A N   1 
ATOM   740  C CA  . ASN A 1 97  ? -3.792  -15.915 -2.621  1.00 59.67 ? 94  ASN A CA  1 
ATOM   741  C C   . ASN A 1 97  ? -5.281  -15.613 -2.468  1.00 59.03 ? 94  ASN A C   1 
ATOM   742  O O   . ASN A 1 97  ? -6.114  -16.412 -2.889  1.00 59.79 ? 94  ASN A O   1 
ATOM   743  C CB  . ASN A 1 97  ? -3.425  -17.129 -1.769  1.00 63.93 ? 94  ASN A CB  1 
ATOM   744  C CG  . ASN A 1 97  ? -3.545  -16.854 -0.287  1.00 69.98 ? 94  ASN A CG  1 
ATOM   745  O OD1 . ASN A 1 97  ? -2.928  -15.923 0.241   1.00 68.88 ? 94  ASN A OD1 1 
ATOM   746  N ND2 . ASN A 1 97  ? -4.344  -17.665 0.398   1.00 70.71 ? 94  ASN A ND2 1 
ATOM   747  N N   . ARG A 1 98  ? -5.619  -14.480 -1.857  1.00 54.39 ? 95  ARG A N   1 
ATOM   748  C CA  . ARG A 1 98  ? -7.020  -14.083 -1.697  1.00 49.99 ? 95  ARG A CA  1 
ATOM   749  C C   . ARG A 1 98  ? -7.361  -13.023 -2.750  1.00 48.71 ? 95  ARG A C   1 
ATOM   750  O O   . ARG A 1 98  ? -8.285  -12.224 -2.586  1.00 50.94 ? 95  ARG A O   1 
ATOM   751  C CB  . ARG A 1 98  ? -7.258  -13.511 -0.303  1.00 52.92 ? 95  ARG A CB  1 
ATOM   752  C CG  . ARG A 1 98  ? -7.253  -14.541 0.801   1.00 57.64 ? 95  ARG A CG  1 
ATOM   753  C CD  . ARG A 1 98  ? -7.348  -13.868 2.170   1.00 60.24 ? 95  ARG A CD  1 
ATOM   754  N NE  . ARG A 1 98  ? -7.468  -14.834 3.263   1.00 62.69 ? 95  ARG A NE  1 
ATOM   755  C CZ  . ARG A 1 98  ? -8.544  -15.584 3.491   1.00 62.66 ? 95  ARG A CZ  1 
ATOM   756  N NH1 . ARG A 1 98  ? -9.609  -15.482 2.696   1.00 59.31 ? 95  ARG A NH1 1 
ATOM   757  N NH2 . ARG A 1 98  ? -8.551  -16.440 4.512   1.00 61.49 ? 95  ARG A NH2 1 
ATOM   758  N N   . TRP A 1 99  ? -6.601  -13.028 -3.838  1.00 44.57 ? 96  TRP A N   1 
ATOM   759  C CA  . TRP A 1 99  ? -6.787  -12.070 -4.915  1.00 40.90 ? 96  TRP A CA  1 
ATOM   760  C C   . TRP A 1 99  ? -8.005  -12.340 -5.777  1.00 44.14 ? 96  TRP A C   1 
ATOM   761  O O   . TRP A 1 99  ? -8.280  -13.483 -6.154  1.00 50.56 ? 96  TRP A O   1 
ATOM   762  C CB  . TRP A 1 99  ? -5.540  -12.039 -5.806  1.00 33.89 ? 96  TRP A CB  1 
ATOM   763  C CG  . TRP A 1 99  ? -5.760  -11.360 -7.142  1.00 32.53 ? 96  TRP A CG  1 
ATOM   764  C CD1 . TRP A 1 99  ? -5.893  -11.963 -8.360  1.00 32.03 ? 96  TRP A CD1 1 
ATOM   765  C CD2 . TRP A 1 99  ? -5.930  -9.958  -7.373  1.00 27.19 ? 96  TRP A CD2 1 
ATOM   766  N NE1 . TRP A 1 99  ? -6.143  -11.023 -9.335  1.00 27.19 ? 96  TRP A NE1 1 
ATOM   767  C CE2 . TRP A 1 99  ? -6.172  -9.786  -8.752  1.00 31.23 ? 96  TRP A CE2 1 
ATOM   768  C CE3 . TRP A 1 99  ? -5.912  -8.831  -6.544  1.00 29.49 ? 96  TRP A CE3 1 
ATOM   769  C CZ2 . TRP A 1 99  ? -6.388  -8.523  -9.322  1.00 29.01 ? 96  TRP A CZ2 1 
ATOM   770  C CZ3 . TRP A 1 99  ? -6.124  -7.582  -7.110  1.00 28.38 ? 96  TRP A CZ3 1 
ATOM   771  C CH2 . TRP A 1 99  ? -6.362  -7.441  -8.486  1.00 26.68 ? 96  TRP A CH2 1 
ATOM   772  N N   . SER A 1 100 ? -8.733  -11.274 -6.094  1.00 42.32 ? 97  SER A N   1 
ATOM   773  C CA  . SER A 1 100 ? -9.894  -11.377 -6.964  1.00 39.39 ? 97  SER A CA  1 
ATOM   774  C C   . SER A 1 100 ? -9.764  -10.384 -8.119  1.00 37.47 ? 97  SER A C   1 
ATOM   775  O O   . SER A 1 100 ? -9.449  -9.221  -7.912  1.00 37.80 ? 97  SER A O   1 
ATOM   776  C CB  . SER A 1 100 ? -11.179 -11.088 -6.195  1.00 37.85 ? 97  SER A CB  1 
ATOM   777  O OG  . SER A 1 100 ? -12.270 -11.033 -7.097  1.00 37.86 ? 97  SER A OG  1 
ATOM   778  N N   . PRO A 1 101 ? -9.990  -10.840 -9.353  1.00 38.07 ? 98  PRO A N   1 
ATOM   779  C CA  . PRO A 1 101 ? -9.895  -9.952  -10.515 1.00 35.83 ? 98  PRO A CA  1 
ATOM   780  C C   . PRO A 1 101 ? -10.939 -8.829  -10.469 1.00 36.25 ? 98  PRO A C   1 
ATOM   781  O O   . PRO A 1 101 ? -10.984 -7.987  -11.363 1.00 35.72 ? 98  PRO A O   1 
ATOM   782  C CB  . PRO A 1 101 ? -10.123 -10.902 -11.692 1.00 34.31 ? 98  PRO A CB  1 
ATOM   783  C CG  . PRO A 1 101 ? -9.557  -12.178 -11.193 1.00 36.43 ? 98  PRO A CG  1 
ATOM   784  C CD  . PRO A 1 101 ? -10.104 -12.244 -9.784  1.00 38.22 ? 98  PRO A CD  1 
ATOM   785  N N   . THR A 1 102 ? -11.788 -8.830  -9.440  1.00 36.23 ? 99  THR A N   1 
ATOM   786  C CA  . THR A 1 102 ? -12.809 -7.787  -9.301  1.00 34.07 ? 99  THR A CA  1 
ATOM   787  C C   . THR A 1 102 ? -12.274 -6.614  -8.474  1.00 33.94 ? 99  THR A C   1 
ATOM   788  O O   . THR A 1 102 ? -12.873 -5.540  -8.447  1.00 36.22 ? 99  THR A O   1 
ATOM   789  C CB  . THR A 1 102 ? -14.114 -8.321  -8.644  1.00 33.90 ? 99  THR A CB  1 
ATOM   790  O OG1 . THR A 1 102 ? -13.865 -8.705  -7.287  1.00 33.62 ? 99  THR A OG1 1 
ATOM   791  C CG2 . THR A 1 102 ? -14.627 -9.515  -9.394  1.00 32.49 ? 99  THR A CG2 1 
ATOM   792  N N   . TYR A 1 103 ? -11.151 -6.828  -7.797  1.00 35.51 ? 100 TYR A N   1 
ATOM   793  C CA  . TYR A 1 103 ? -10.510 -5.786  -6.991  1.00 39.63 ? 100 TYR A CA  1 
ATOM   794  C C   . TYR A 1 103 ? -9.797  -4.814  -7.936  1.00 39.08 ? 100 TYR A C   1 
ATOM   795  O O   . TYR A 1 103 ? -9.185  -5.234  -8.916  1.00 42.80 ? 100 TYR A O   1 
ATOM   796  C CB  . TYR A 1 103 ? -9.470  -6.402  -6.049  1.00 40.02 ? 100 TYR A CB  1 
ATOM   797  C CG  . TYR A 1 103 ? -10.031 -7.159  -4.859  1.00 48.42 ? 100 TYR A CG  1 
ATOM   798  C CD1 . TYR A 1 103 ? -9.416  -8.333  -4.404  1.00 50.26 ? 100 TYR A CD1 1 
ATOM   799  C CD2 . TYR A 1 103 ? -11.143 -6.687  -4.155  1.00 49.49 ? 100 TYR A CD2 1 
ATOM   800  C CE1 . TYR A 1 103 ? -9.892  -9.017  -3.274  1.00 49.74 ? 100 TYR A CE1 1 
ATOM   801  C CE2 . TYR A 1 103 ? -11.628 -7.364  -3.019  1.00 49.91 ? 100 TYR A CE2 1 
ATOM   802  C CZ  . TYR A 1 103 ? -10.994 -8.526  -2.586  1.00 50.42 ? 100 TYR A CZ  1 
ATOM   803  O OH  . TYR A 1 103 ? -11.435 -9.185  -1.459  1.00 50.51 ? 100 TYR A OH  1 
ATOM   804  N N   . ASP A 1 104 ? -9.876  -3.523  -7.655  1.00 34.38 ? 101 ASP A N   1 
ATOM   805  C CA  . ASP A 1 104 ? -9.199  -2.558  -8.505  1.00 34.89 ? 101 ASP A CA  1 
ATOM   806  C C   . ASP A 1 104 ? -8.190  -1.767  -7.678  1.00 32.01 ? 101 ASP A C   1 
ATOM   807  O O   . ASP A 1 104 ? -7.984  -2.063  -6.495  1.00 34.37 ? 101 ASP A O   1 
ATOM   808  C CB  . ASP A 1 104 ? -10.213 -1.618  -9.192  1.00 35.77 ? 101 ASP A CB  1 
ATOM   809  C CG  . ASP A 1 104 ? -11.037 -0.776  -8.207  1.00 37.21 ? 101 ASP A CG  1 
ATOM   810  O OD1 . ASP A 1 104 ? -10.686 -0.658  -7.006  1.00 34.63 ? 101 ASP A OD1 1 
ATOM   811  O OD2 . ASP A 1 104 ? -12.050 -0.206  -8.663  1.00 39.32 ? 101 ASP A OD2 1 
ATOM   812  N N   . VAL A 1 105 ? -7.565  -0.768  -8.297  1.00 28.31 ? 102 VAL A N   1 
ATOM   813  C CA  . VAL A 1 105 ? -6.566  0.063   -7.622  1.00 24.99 ? 102 VAL A CA  1 
ATOM   814  C C   . VAL A 1 105 ? -7.120  0.716   -6.356  1.00 21.58 ? 102 VAL A C   1 
ATOM   815  O O   . VAL A 1 105 ? -6.448  0.750   -5.317  1.00 23.34 ? 102 VAL A O   1 
ATOM   816  C CB  . VAL A 1 105 ? -6.012  1.151   -8.573  1.00 22.01 ? 102 VAL A CB  1 
ATOM   817  C CG1 . VAL A 1 105 ? -5.005  2.004   -7.847  1.00 23.30 ? 102 VAL A CG1 1 
ATOM   818  C CG2 . VAL A 1 105 ? -5.345  0.503   -9.772  1.00 19.53 ? 102 VAL A CG2 1 
ATOM   819  N N   . ALA A 1 106 ? -8.342  1.220   -6.434  1.00 23.06 ? 103 ALA A N   1 
ATOM   820  C CA  . ALA A 1 106 ? -8.972  1.845   -5.272  1.00 25.49 ? 103 ALA A CA  1 
ATOM   821  C C   . ALA A 1 106 ? -9.067  0.857   -4.101  1.00 22.46 ? 103 ALA A C   1 
ATOM   822  O O   . ALA A 1 106 ? -8.735  1.202   -2.968  1.00 27.46 ? 103 ALA A O   1 
ATOM   823  C CB  . ALA A 1 106 ? -10.363 2.350   -5.640  1.00 23.19 ? 103 ALA A CB  1 
ATOM   824  N N   . ALA A 1 107 ? -9.513  -0.367  -4.383  1.00 22.71 ? 104 ALA A N   1 
ATOM   825  C CA  . ALA A 1 107 ? -9.660  -1.400  -3.358  1.00 24.68 ? 104 ALA A CA  1 
ATOM   826  C C   . ALA A 1 107 ? -8.311  -1.828  -2.786  1.00 26.82 ? 104 ALA A C   1 
ATOM   827  O O   . ALA A 1 107 ? -8.175  -2.035  -1.581  1.00 27.87 ? 104 ALA A O   1 
ATOM   828  C CB  . ALA A 1 107 ? -10.391 -2.609  -3.944  1.00 21.60 ? 104 ALA A CB  1 
ATOM   829  N N   . ILE A 1 108 ? -7.310  -1.939  -3.656  1.00 29.86 ? 105 ILE A N   1 
ATOM   830  C CA  . ILE A 1 108 ? -5.977  -2.332  -3.222  1.00 30.21 ? 105 ILE A CA  1 
ATOM   831  C C   . ILE A 1 108 ? -5.376  -1.301  -2.260  1.00 28.95 ? 105 ILE A C   1 
ATOM   832  O O   . ILE A 1 108 ? -4.865  -1.674  -1.197  1.00 33.05 ? 105 ILE A O   1 
ATOM   833  C CB  . ILE A 1 108 ? -5.026  -2.525  -4.436  1.00 30.40 ? 105 ILE A CB  1 
ATOM   834  C CG1 . ILE A 1 108 ? -5.524  -3.680  -5.308  1.00 29.40 ? 105 ILE A CG1 1 
ATOM   835  C CG2 . ILE A 1 108 ? -3.621  -2.832  -3.965  1.00 27.30 ? 105 ILE A CG2 1 
ATOM   836  C CD1 . ILE A 1 108 ? -4.804  -3.794  -6.622  1.00 28.98 ? 105 ILE A CD1 1 
ATOM   837  N N   . LEU A 1 109 ? -5.447  -0.019  -2.631  1.00 30.75 ? 106 LEU A N   1 
ATOM   838  C CA  . LEU A 1 109 ? -4.908  1.072   -1.798  1.00 27.94 ? 106 LEU A CA  1 
ATOM   839  C C   . LEU A 1 109 ? -5.669  1.149   -0.477  1.00 27.00 ? 106 LEU A C   1 
ATOM   840  O O   . LEU A 1 109 ? -5.066  1.268   0.593   1.00 27.00 ? 106 LEU A O   1 
ATOM   841  C CB  . LEU A 1 109 ? -4.977  2.422   -2.537  1.00 21.28 ? 106 LEU A CB  1 
ATOM   842  C CG  . LEU A 1 109 ? -4.144  2.502   -3.824  1.00 27.10 ? 106 LEU A CG  1 
ATOM   843  C CD1 . LEU A 1 109 ? -4.370  3.844   -4.480  1.00 23.23 ? 106 LEU A CD1 1 
ATOM   844  C CD2 . LEU A 1 109 ? -2.648  2.259   -3.534  1.00 19.54 ? 106 LEU A CD2 1 
ATOM   845  N N   . THR A 1 110 ? -6.996  1.089   -0.558  1.00 30.62 ? 107 THR A N   1 
ATOM   846  C CA  . THR A 1 110 ? -7.834  1.095   0.638   1.00 34.59 ? 107 THR A CA  1 
ATOM   847  C C   . THR A 1 110 ? -7.411  -0.006  1.624   1.00 35.42 ? 107 THR A C   1 
ATOM   848  O O   . THR A 1 110 ? -7.272  0.254   2.818   1.00 40.50 ? 107 THR A O   1 
ATOM   849  C CB  . THR A 1 110 ? -9.313  0.876   0.270   1.00 32.22 ? 107 THR A CB  1 
ATOM   850  O OG1 . THR A 1 110 ? -9.795  2.027   -0.418  1.00 37.59 ? 107 THR A OG1 1 
ATOM   851  C CG2 . THR A 1 110 ? -10.156 0.673   1.512   1.00 32.68 ? 107 THR A CG2 1 
ATOM   852  N N   . SER A 1 111 ? -7.215  -1.231  1.129   1.00 32.54 ? 108 SER A N   1 
ATOM   853  C CA  . SER A 1 111 ? -6.798  -2.336  1.991   1.00 32.80 ? 108 SER A CA  1 
ATOM   854  C C   . SER A 1 111 ? -5.453  -2.046  2.652   1.00 35.80 ? 108 SER A C   1 
ATOM   855  O O   . SER A 1 111 ? -5.289  -2.258  3.851   1.00 40.16 ? 108 SER A O   1 
ATOM   856  C CB  . SER A 1 111 ? -6.695  -3.638  1.198   1.00 28.67 ? 108 SER A CB  1 
ATOM   857  O OG  . SER A 1 111 ? -7.968  -4.019  0.710   1.00 33.45 ? 108 SER A OG  1 
ATOM   858  N N   . ILE A 1 112 ? -4.494  -1.562  1.867   1.00 34.45 ? 109 ILE A N   1 
ATOM   859  C CA  . ILE A 1 112 ? -3.172  -1.237  2.392   1.00 33.28 ? 109 ILE A CA  1 
ATOM   860  C C   . ILE A 1 112 ? -3.265  -0.130  3.449   1.00 35.03 ? 109 ILE A C   1 
ATOM   861  O O   . ILE A 1 112 ? -2.434  -0.049  4.359   1.00 30.43 ? 109 ILE A O   1 
ATOM   862  C CB  . ILE A 1 112 ? -2.220  -0.773  1.271   1.00 31.79 ? 109 ILE A CB  1 
ATOM   863  C CG1 . ILE A 1 112 ? -2.108  -1.862  0.195   1.00 29.80 ? 109 ILE A CG1 1 
ATOM   864  C CG2 . ILE A 1 112 ? -0.860  -0.410  1.868   1.00 27.29 ? 109 ILE A CG2 1 
ATOM   865  C CD1 . ILE A 1 112 ? -1.320  -1.423  -1.020  1.00 26.73 ? 109 ILE A CD1 1 
ATOM   866  N N   . GLN A 1 113 ? -4.276  0.722   3.324   1.00 33.93 ? 110 GLN A N   1 
ATOM   867  C CA  . GLN A 1 113 ? -4.473  1.796   4.289   1.00 39.12 ? 110 GLN A CA  1 
ATOM   868  C C   . GLN A 1 113 ? -4.987  1.184   5.602   1.00 38.95 ? 110 GLN A C   1 
ATOM   869  O O   . GLN A 1 113 ? -4.524  1.532   6.691   1.00 39.86 ? 110 GLN A O   1 
ATOM   870  C CB  . GLN A 1 113 ? -5.475  2.817   3.740   1.00 39.47 ? 110 GLN A CB  1 
ATOM   871  C CG  . GLN A 1 113 ? -5.630  4.035   4.623   1.00 35.81 ? 110 GLN A CG  1 
ATOM   872  C CD  . GLN A 1 113 ? -6.629  5.025   4.075   1.00 35.70 ? 110 GLN A CD  1 
ATOM   873  O OE1 . GLN A 1 113 ? -7.748  4.659   3.724   1.00 32.52 ? 110 GLN A OE1 1 
ATOM   874  N NE2 . GLN A 1 113 ? -6.231  6.293   4.007   1.00 37.48 ? 110 GLN A NE2 1 
ATOM   875  N N   . SER A 1 114 ? -5.936  0.261   5.481   1.00 37.08 ? 111 SER A N   1 
ATOM   876  C CA  . SER A 1 114 ? -6.518  -0.440  6.624   1.00 38.16 ? 111 SER A CA  1 
ATOM   877  C C   . SER A 1 114 ? -5.489  -1.344  7.304   1.00 39.32 ? 111 SER A C   1 
ATOM   878  O O   . SER A 1 114 ? -5.517  -1.532  8.519   1.00 40.44 ? 111 SER A O   1 
ATOM   879  C CB  . SER A 1 114 ? -7.691  -1.299  6.160   1.00 37.70 ? 111 SER A CB  1 
ATOM   880  O OG  . SER A 1 114 ? -8.564  -0.547  5.342   1.00 43.67 ? 111 SER A OG  1 
ATOM   881  N N   . LEU A 1 115 ? -4.592  -1.910  6.502   1.00 38.41 ? 112 LEU A N   1 
ATOM   882  C CA  . LEU A 1 115 ? -3.556  -2.800  7.001   1.00 38.90 ? 112 LEU A CA  1 
ATOM   883  C C   . LEU A 1 115 ? -2.558  -2.086  7.904   1.00 41.85 ? 112 LEU A C   1 
ATOM   884  O O   . LEU A 1 115 ? -1.823  -2.730  8.645   1.00 41.03 ? 112 LEU A O   1 
ATOM   885  C CB  . LEU A 1 115 ? -2.799  -3.419  5.831   1.00 37.72 ? 112 LEU A CB  1 
ATOM   886  C CG  . LEU A 1 115 ? -1.771  -4.505  6.150   1.00 39.54 ? 112 LEU A CG  1 
ATOM   887  C CD1 . LEU A 1 115 ? -2.484  -5.785  6.590   1.00 38.50 ? 112 LEU A CD1 1 
ATOM   888  C CD2 . LEU A 1 115 ? -0.943  -4.789  4.907   1.00 36.97 ? 112 LEU A CD2 1 
ATOM   889  N N   . LEU A 1 116 ? -2.522  -0.757  7.831   1.00 45.30 ? 113 LEU A N   1 
ATOM   890  C CA  . LEU A 1 116 ? -1.583  0.027   8.631   1.00 45.64 ? 113 LEU A CA  1 
ATOM   891  C C   . LEU A 1 116 ? -1.812  -0.081  10.137  1.00 48.29 ? 113 LEU A C   1 
ATOM   892  O O   . LEU A 1 116 ? -0.876  -0.337  10.901  1.00 48.52 ? 113 LEU A O   1 
ATOM   893  C CB  . LEU A 1 116 ? -1.620  1.500   8.196   1.00 42.95 ? 113 LEU A CB  1 
ATOM   894  C CG  . LEU A 1 116 ? -0.962  1.864   6.861   1.00 39.42 ? 113 LEU A CG  1 
ATOM   895  C CD1 . LEU A 1 116 ? -1.086  3.359   6.619   1.00 36.55 ? 113 LEU A CD1 1 
ATOM   896  C CD2 . LEU A 1 116 ? 0.504   1.432   6.881   1.00 36.48 ? 113 LEU A CD2 1 
ATOM   897  N N   . ASP A 1 117 ? -3.052  0.108   10.575  1.00 50.07 ? 114 ASP A N   1 
ATOM   898  C CA  . ASP A 1 117 ? -3.319  0.022   11.996  1.00 54.83 ? 114 ASP A CA  1 
ATOM   899  C C   . ASP A 1 117 ? -3.855  -1.334  12.418  1.00 54.38 ? 114 ASP A C   1 
ATOM   900  O O   . ASP A 1 117 ? -4.286  -1.494  13.555  1.00 56.39 ? 114 ASP A O   1 
ATOM   901  C CB  . ASP A 1 117 ? -4.305  1.098   12.445  1.00 57.67 ? 114 ASP A CB  1 
ATOM   902  C CG  . ASP A 1 117 ? -4.203  1.386   13.938  1.00 61.93 ? 114 ASP A CG  1 
ATOM   903  O OD1 . ASP A 1 117 ? -5.198  1.866   14.522  1.00 64.14 ? 114 ASP A OD1 1 
ATOM   904  O OD2 . ASP A 1 117 ? -3.120  1.140   14.526  1.00 61.36 ? 114 ASP A OD2 1 
ATOM   905  N N   . GLU A 1 118 ? -3.824  -2.303  11.509  1.00 55.83 ? 115 GLU A N   1 
ATOM   906  C CA  . GLU A 1 118 ? -4.301  -3.650  11.812  1.00 55.52 ? 115 GLU A CA  1 
ATOM   907  C C   . GLU A 1 118 ? -3.457  -4.707  11.123  1.00 53.86 ? 115 GLU A C   1 
ATOM   908  O O   . GLU A 1 118 ? -3.920  -5.388  10.204  1.00 50.66 ? 115 GLU A O   1 
ATOM   909  C CB  . GLU A 1 118 ? -5.762  -3.814  11.393  1.00 59.29 ? 115 GLU A CB  1 
ATOM   910  C CG  . GLU A 1 118 ? -6.743  -3.062  12.279  1.00 66.32 ? 115 GLU A CG  1 
ATOM   911  C CD  . GLU A 1 118 ? -8.166  -3.567  12.131  1.00 70.38 ? 115 GLU A CD  1 
ATOM   912  O OE1 . GLU A 1 118 ? -8.399  -4.766  12.417  1.00 70.41 ? 115 GLU A OE1 1 
ATOM   913  O OE2 . GLU A 1 118 ? -9.044  -2.768  11.729  1.00 72.56 ? 115 GLU A OE2 1 
ATOM   914  N N   . PRO A 1 119 ? -2.201  -4.861  11.570  1.00 50.94 ? 116 PRO A N   1 
ATOM   915  C CA  . PRO A 1 119 ? -1.249  -5.830  11.020  1.00 53.91 ? 116 PRO A CA  1 
ATOM   916  C C   . PRO A 1 119 ? -1.747  -7.270  11.062  1.00 54.10 ? 116 PRO A C   1 
ATOM   917  O O   . PRO A 1 119 ? -2.327  -7.706  12.056  1.00 58.21 ? 116 PRO A O   1 
ATOM   918  C CB  . PRO A 1 119 ? -0.009  -5.639  11.899  1.00 50.48 ? 116 PRO A CB  1 
ATOM   919  C CG  . PRO A 1 119 ? -0.111  -4.223  12.337  1.00 53.37 ? 116 PRO A CG  1 
ATOM   920  C CD  . PRO A 1 119 ? -1.580  -4.090  12.657  1.00 53.17 ? 116 PRO A CD  1 
ATOM   921  N N   . ASN A 1 120 ? -1.520  -7.997  9.974   1.00 55.22 ? 117 ASN A N   1 
ATOM   922  C CA  . ASN A 1 120 ? -1.896  -9.398  9.868   1.00 56.41 ? 117 ASN A CA  1 
ATOM   923  C C   . ASN A 1 120 ? -0.828  -10.108 10.697  1.00 57.07 ? 117 ASN A C   1 
ATOM   924  O O   . ASN A 1 120 ? 0.365   -9.991  10.401  1.00 56.79 ? 117 ASN A O   1 
ATOM   925  C CB  . ASN A 1 120 ? -1.818  -9.828  8.402   1.00 56.31 ? 117 ASN A CB  1 
ATOM   926  C CG  . ASN A 1 120 ? -2.510  -11.143 8.138   1.00 58.52 ? 117 ASN A CG  1 
ATOM   927  O OD1 . ASN A 1 120 ? -2.179  -12.164 8.739   1.00 58.19 ? 117 ASN A OD1 1 
ATOM   928  N ND2 . ASN A 1 120 ? -3.481  -11.126 7.228   1.00 58.14 ? 117 ASN A ND2 1 
ATOM   929  N N   . PRO A 1 121 ? -1.228  -10.847 11.746  1.00 57.38 ? 118 PRO A N   1 
ATOM   930  C CA  . PRO A 1 121 ? -0.171  -11.497 12.522  1.00 57.46 ? 118 PRO A CA  1 
ATOM   931  C C   . PRO A 1 121 ? 0.225   -12.877 12.035  1.00 56.52 ? 118 PRO A C   1 
ATOM   932  O O   . PRO A 1 121 ? 1.075   -13.530 12.635  1.00 55.16 ? 118 PRO A O   1 
ATOM   933  C CB  . PRO A 1 121 ? -0.742  -11.489 13.934  1.00 56.55 ? 118 PRO A CB  1 
ATOM   934  C CG  . PRO A 1 121 ? -2.204  -11.722 13.706  1.00 58.43 ? 118 PRO A CG  1 
ATOM   935  C CD  . PRO A 1 121 ? -2.552  -11.078 12.351  1.00 58.76 ? 118 PRO A CD  1 
ATOM   936  N N   . ASN A 1 122 ? -0.384  -13.305 10.935  1.00 56.28 ? 119 ASN A N   1 
ATOM   937  C CA  . ASN A 1 122 ? -0.080  -14.609 10.357  1.00 59.57 ? 119 ASN A CA  1 
ATOM   938  C C   . ASN A 1 122 ? 1.413   -14.876 10.212  1.00 60.52 ? 119 ASN A C   1 
ATOM   939  O O   . ASN A 1 122 ? 1.975   -15.708 10.931  1.00 65.68 ? 119 ASN A O   1 
ATOM   940  C CB  . ASN A 1 122 ? -0.716  -14.741 8.975   1.00 60.90 ? 119 ASN A CB  1 
ATOM   941  C CG  . ASN A 1 122 ? -2.058  -15.445 9.007   1.00 63.41 ? 119 ASN A CG  1 
ATOM   942  O OD1 . ASN A 1 122 ? -3.020  -14.960 9.615   1.00 64.69 ? 119 ASN A OD1 1 
ATOM   943  N ND2 . ASN A 1 122 ? -2.131  -16.602 8.347   1.00 61.85 ? 119 ASN A ND2 1 
ATOM   944  N N   . SER A 1 123 ? 2.049   -14.190 9.271   1.00 58.34 ? 120 SER A N   1 
ATOM   945  C CA  . SER A 1 123 ? 3.470   -14.389 9.015   1.00 58.39 ? 120 SER A CA  1 
ATOM   946  C C   . SER A 1 123 ? 4.181   -13.061 8.784   1.00 57.27 ? 120 SER A C   1 
ATOM   947  O O   . SER A 1 123 ? 4.276   -12.588 7.647   1.00 58.56 ? 120 SER A O   1 
ATOM   948  C CB  . SER A 1 123 ? 3.644   -15.291 7.788   1.00 55.95 ? 120 SER A CB  1 
ATOM   949  O OG  . SER A 1 123 ? 5.016   -15.510 7.506   1.00 41.04 ? 120 SER A OG  1 
ATOM   950  N N   . PRO A 1 124 ? 4.712   -12.446 9.854   1.00 56.18 ? 121 PRO A N   1 
ATOM   951  C CA  . PRO A 1 124 ? 5.385   -11.168 9.620   1.00 52.80 ? 121 PRO A CA  1 
ATOM   952  C C   . PRO A 1 124 ? 6.569   -11.198 8.678   1.00 50.60 ? 121 PRO A C   1 
ATOM   953  O O   . PRO A 1 124 ? 7.338   -12.152 8.651   1.00 50.65 ? 121 PRO A O   1 
ATOM   954  C CB  . PRO A 1 124 ? 5.773   -10.719 11.029  1.00 53.29 ? 121 PRO A CB  1 
ATOM   955  C CG  . PRO A 1 124 ? 5.991   -12.017 11.752  1.00 54.34 ? 121 PRO A CG  1 
ATOM   956  C CD  . PRO A 1 124 ? 4.814   -12.849 11.270  1.00 54.78 ? 121 PRO A CD  1 
ATOM   957  N N   . ALA A 1 125 ? 6.686   -10.131 7.897   1.00 48.59 ? 122 ALA A N   1 
ATOM   958  C CA  . ALA A 1 125 ? 7.776   -9.952  6.955   1.00 46.99 ? 122 ALA A CA  1 
ATOM   959  C C   . ALA A 1 125 ? 8.825   -9.198  7.759   1.00 45.11 ? 122 ALA A C   1 
ATOM   960  O O   . ALA A 1 125 ? 10.025  -9.334  7.531   1.00 45.63 ? 122 ALA A O   1 
ATOM   961  C CB  . ALA A 1 125 ? 7.313   -9.113  5.771   1.00 46.91 ? 122 ALA A CB  1 
ATOM   962  N N   . ASN A 1 126 ? 8.349   -8.394  8.704   1.00 44.27 ? 123 ASN A N   1 
ATOM   963  C CA  . ASN A 1 126 ? 9.221   -7.614  9.573   1.00 47.12 ? 123 ASN A CA  1 
ATOM   964  C C   . ASN A 1 126 ? 9.082   -8.173  10.992  1.00 49.97 ? 123 ASN A C   1 
ATOM   965  O O   . ASN A 1 126 ? 8.050   -7.986  11.641  1.00 52.62 ? 123 ASN A O   1 
ATOM   966  C CB  . ASN A 1 126 ? 8.815   -6.134  9.555   1.00 44.81 ? 123 ASN A CB  1 
ATOM   967  C CG  . ASN A 1 126 ? 9.809   -5.242  10.291  1.00 44.83 ? 123 ASN A CG  1 
ATOM   968  O OD1 . ASN A 1 126 ? 10.258  -5.572  11.389  1.00 42.61 ? 123 ASN A OD1 1 
ATOM   969  N ND2 . ASN A 1 126 ? 10.146  -4.101  9.691   1.00 40.94 ? 123 ASN A ND2 1 
ATOM   970  N N   . SER A 1 127 ? 10.120  -8.859  11.466  1.00 51.18 ? 124 SER A N   1 
ATOM   971  C CA  . SER A 1 127 ? 10.097  -9.455  12.800  1.00 50.92 ? 124 SER A CA  1 
ATOM   972  C C   . SER A 1 127 ? 10.172  -8.459  13.945  1.00 53.16 ? 124 SER A C   1 
ATOM   973  O O   . SER A 1 127 ? 9.373   -8.529  14.879  1.00 55.86 ? 124 SER A O   1 
ATOM   974  C CB  . SER A 1 127 ? 11.224  -10.472 12.947  1.00 50.76 ? 124 SER A CB  1 
ATOM   975  O OG  . SER A 1 127 ? 10.904  -11.666 12.262  1.00 51.03 ? 124 SER A OG  1 
ATOM   976  N N   . LEU A 1 128 ? 11.133  -7.540  13.882  1.00 52.44 ? 125 LEU A N   1 
ATOM   977  C CA  . LEU A 1 128 ? 11.288  -6.539  14.935  1.00 53.15 ? 125 LEU A CA  1 
ATOM   978  C C   . LEU A 1 128 ? 9.984   -5.778  15.184  1.00 53.75 ? 125 LEU A C   1 
ATOM   979  O O   . LEU A 1 128 ? 9.689   -5.380  16.309  1.00 56.03 ? 125 LEU A O   1 
ATOM   980  C CB  . LEU A 1 128 ? 12.398  -5.543  14.570  1.00 51.61 ? 125 LEU A CB  1 
ATOM   981  C CG  . LEU A 1 128 ? 12.781  -4.437  15.563  1.00 41.04 ? 125 LEU A CG  1 
ATOM   982  C CD1 . LEU A 1 128 ? 13.428  -5.032  16.811  1.00 41.04 ? 125 LEU A CD1 1 
ATOM   983  C CD2 . LEU A 1 128 ? 13.743  -3.474  14.886  1.00 41.04 ? 125 LEU A CD2 1 
ATOM   984  N N   . ALA A 1 129 ? 9.204   -5.596  14.123  1.00 53.25 ? 126 ALA A N   1 
ATOM   985  C CA  . ALA A 1 129 ? 7.948   -4.863  14.195  1.00 50.87 ? 126 ALA A CA  1 
ATOM   986  C C   . ALA A 1 129 ? 6.816   -5.709  14.754  1.00 51.30 ? 126 ALA A C   1 
ATOM   987  O O   . ALA A 1 129 ? 6.005   -5.224  15.534  1.00 51.91 ? 126 ALA A O   1 
ATOM   988  C CB  . ALA A 1 129 ? 7.574   -4.335  12.801  1.00 49.70 ? 126 ALA A CB  1 
ATOM   989  N N   . ALA A 1 130 ? 6.744   -6.969  14.344  1.00 50.73 ? 127 ALA A N   1 
ATOM   990  C CA  . ALA A 1 130 ? 5.691   -7.838  14.834  1.00 50.62 ? 127 ALA A CA  1 
ATOM   991  C C   . ALA A 1 130 ? 5.917   -8.049  16.328  1.00 53.16 ? 127 ALA A C   1 
ATOM   992  O O   . ALA A 1 130 ? 4.973   -8.232  17.101  1.00 51.94 ? 127 ALA A O   1 
ATOM   993  C CB  . ALA A 1 130 ? 5.731   -9.164  14.100  1.00 50.13 ? 127 ALA A CB  1 
ATOM   994  N N   . GLN A 1 131 ? 7.186   -8.004  16.720  1.00 54.20 ? 128 GLN A N   1 
ATOM   995  C CA  . GLN A 1 131 ? 7.571   -8.188  18.112  1.00 57.45 ? 128 GLN A CA  1 
ATOM   996  C C   . GLN A 1 131 ? 7.140   -6.976  18.926  1.00 56.18 ? 128 GLN A C   1 
ATOM   997  O O   . GLN A 1 131 ? 6.380   -7.101  19.885  1.00 59.34 ? 128 GLN A O   1 
ATOM   998  C CB  . GLN A 1 131 ? 9.089   -8.380  18.219  1.00 58.39 ? 128 GLN A CB  1 
ATOM   999  C CG  . GLN A 1 131 ? 9.595   -8.679  19.626  1.00 58.96 ? 128 GLN A CG  1 
ATOM   1000 C CD  . GLN A 1 131 ? 9.285   -10.091 20.078  1.00 41.04 ? 128 GLN A CD  1 
ATOM   1001 O OE1 . GLN A 1 131 ? 9.613   -11.059 19.394  1.00 41.04 ? 128 GLN A OE1 1 
ATOM   1002 N NE2 . GLN A 1 131 ? 8.659   -10.215 21.242  1.00 41.04 ? 128 GLN A NE2 1 
ATOM   1003 N N   . LEU A 1 132 ? 7.620   -5.803  18.534  1.00 55.03 ? 129 LEU A N   1 
ATOM   1004 C CA  . LEU A 1 132 ? 7.283   -4.569  19.233  1.00 54.70 ? 129 LEU A CA  1 
ATOM   1005 C C   . LEU A 1 132 ? 5.780   -4.289  19.235  1.00 53.05 ? 129 LEU A C   1 
ATOM   1006 O O   . LEU A 1 132 ? 5.263   -3.690  20.173  1.00 54.21 ? 129 LEU A O   1 
ATOM   1007 C CB  . LEU A 1 132 ? 8.029   -3.381  18.606  1.00 51.85 ? 129 LEU A CB  1 
ATOM   1008 C CG  . LEU A 1 132 ? 9.562   -3.412  18.679  1.00 51.81 ? 129 LEU A CG  1 
ATOM   1009 C CD1 . LEU A 1 132 ? 10.153  -2.250  17.909  1.00 51.52 ? 129 LEU A CD1 1 
ATOM   1010 C CD2 . LEU A 1 132 ? 10.001  -3.345  20.123  1.00 53.26 ? 129 LEU A CD2 1 
ATOM   1011 N N   . TYR A 1 133 ? 5.076   -4.723  18.196  1.00 52.86 ? 130 TYR A N   1 
ATOM   1012 C CA  . TYR A 1 133 ? 3.638   -4.484  18.122  1.00 55.32 ? 130 TYR A CA  1 
ATOM   1013 C C   . TYR A 1 133 ? 2.912   -5.221  19.240  1.00 57.98 ? 130 TYR A C   1 
ATOM   1014 O O   . TYR A 1 133 ? 2.033   -4.663  19.903  1.00 56.80 ? 130 TYR A O   1 
ATOM   1015 C CB  . TYR A 1 133 ? 3.075   -4.946  16.771  1.00 53.34 ? 130 TYR A CB  1 
ATOM   1016 C CG  . TYR A 1 133 ? 1.594   -4.665  16.607  1.00 52.36 ? 130 TYR A CG  1 
ATOM   1017 C CD1 . TYR A 1 133 ? 1.123   -3.355  16.489  1.00 52.49 ? 130 TYR A CD1 1 
ATOM   1018 C CD2 . TYR A 1 133 ? 0.657   -5.701  16.610  1.00 50.90 ? 130 TYR A CD2 1 
ATOM   1019 C CE1 . TYR A 1 133 ? -0.238  -3.082  16.383  1.00 50.38 ? 130 TYR A CE1 1 
ATOM   1020 C CE2 . TYR A 1 133 ? -0.710  -5.437  16.504  1.00 50.55 ? 130 TYR A CE2 1 
ATOM   1021 C CZ  . TYR A 1 133 ? -1.146  -4.124  16.393  1.00 51.38 ? 130 TYR A CZ  1 
ATOM   1022 O OH  . TYR A 1 133 ? -2.488  -3.846  16.293  1.00 53.00 ? 130 TYR A OH  1 
ATOM   1023 N N   . GLN A 1 134 ? 3.290   -6.479  19.441  1.00 60.28 ? 131 GLN A N   1 
ATOM   1024 C CA  . GLN A 1 134 ? 2.670   -7.310  20.462  1.00 63.24 ? 131 GLN A CA  1 
ATOM   1025 C C   . GLN A 1 134 ? 3.311   -7.182  21.840  1.00 64.23 ? 131 GLN A C   1 
ATOM   1026 O O   . GLN A 1 134 ? 2.606   -7.154  22.847  1.00 64.47 ? 131 GLN A O   1 
ATOM   1027 C CB  . GLN A 1 134 ? 2.695   -8.785  20.029  1.00 62.00 ? 131 GLN A CB  1 
ATOM   1028 C CG  . GLN A 1 134 ? 4.041   -9.354  19.611  1.00 41.04 ? 131 GLN A CG  1 
ATOM   1029 C CD  . GLN A 1 134 ? 4.897   -9.792  20.780  1.00 41.04 ? 131 GLN A CD  1 
ATOM   1030 O OE1 . GLN A 1 134 ? 4.404   -10.376 21.747  1.00 41.04 ? 131 GLN A OE1 1 
ATOM   1031 N NE2 . GLN A 1 134 ? 6.193   -9.534  20.686  1.00 41.04 ? 131 GLN A NE2 1 
ATOM   1032 N N   . GLU A 1 135 ? 4.638   -7.074  21.883  1.00 63.07 ? 132 GLU A N   1 
ATOM   1033 C CA  . GLU A 1 135 ? 5.359   -7.005  23.154  1.00 63.43 ? 132 GLU A CA  1 
ATOM   1034 C C   . GLU A 1 135 ? 5.859   -5.651  23.669  1.00 61.80 ? 132 GLU A C   1 
ATOM   1035 O O   . GLU A 1 135 ? 6.459   -5.599  24.736  1.00 62.00 ? 132 GLU A O   1 
ATOM   1036 C CB  . GLU A 1 135 ? 6.556   -7.967  23.102  1.00 63.44 ? 132 GLU A CB  1 
ATOM   1037 C CG  . GLU A 1 135 ? 7.132   -8.373  24.457  1.00 41.04 ? 132 GLU A CG  1 
ATOM   1038 C CD  . GLU A 1 135 ? 6.143   -9.147  25.309  1.00 41.04 ? 132 GLU A CD  1 
ATOM   1039 O OE1 . GLU A 1 135 ? 5.065   -8.596  25.617  1.00 41.04 ? 132 GLU A OE1 1 
ATOM   1040 O OE2 . GLU A 1 135 ? 6.444   -10.304 25.668  1.00 41.04 ? 132 GLU A OE2 1 
ATOM   1041 N N   . ASN A 1 136 ? 5.612   -4.563  22.947  1.00 59.60 ? 133 ASN A N   1 
ATOM   1042 C CA  . ASN A 1 136 ? 6.114   -3.258  23.384  1.00 55.72 ? 133 ASN A CA  1 
ATOM   1043 C C   . ASN A 1 136 ? 5.519   -2.166  22.492  1.00 55.88 ? 133 ASN A C   1 
ATOM   1044 O O   . ASN A 1 136 ? 6.243   -1.405  21.844  1.00 51.42 ? 133 ASN A O   1 
ATOM   1045 C CB  . ASN A 1 136 ? 7.650   -3.267  23.272  1.00 54.28 ? 133 ASN A CB  1 
ATOM   1046 C CG  . ASN A 1 136 ? 8.313   -2.115  24.015  1.00 54.03 ? 133 ASN A CG  1 
ATOM   1047 O OD1 . ASN A 1 136 ? 7.653   -1.167  24.446  1.00 50.78 ? 133 ASN A OD1 1 
ATOM   1048 N ND2 . ASN A 1 136 ? 9.637   -2.198  24.165  1.00 52.87 ? 133 ASN A ND2 1 
ATOM   1049 N N   . ARG A 1 137 ? 4.191   -2.102  22.469  1.00 54.51 ? 134 ARG A N   1 
ATOM   1050 C CA  . ARG A 1 137 ? 3.468   -1.142  21.646  1.00 56.81 ? 134 ARG A CA  1 
ATOM   1051 C C   . ARG A 1 137 ? 3.899   0.311   21.817  1.00 57.12 ? 134 ARG A C   1 
ATOM   1052 O O   . ARG A 1 137 ? 3.498   1.164   21.032  1.00 64.21 ? 134 ARG A O   1 
ATOM   1053 C CB  . ARG A 1 137 ? 1.960   -1.266  21.892  1.00 52.74 ? 134 ARG A CB  1 
ATOM   1054 C CG  . ARG A 1 137 ? 1.540   -1.076  23.342  1.00 41.04 ? 134 ARG A CG  1 
ATOM   1055 C CD  . ARG A 1 137 ? 0.049   -1.325  23.548  1.00 41.04 ? 134 ARG A CD  1 
ATOM   1056 N NE  . ARG A 1 137 ? -0.335  -2.714  23.291  1.00 41.04 ? 134 ARG A NE  1 
ATOM   1057 C CZ  . ARG A 1 137 ? -0.588  -3.233  22.089  1.00 41.04 ? 134 ARG A CZ  1 
ATOM   1058 N NH1 . ARG A 1 137 ? -0.923  -4.512  21.985  1.00 41.04 ? 134 ARG A NH1 1 
ATOM   1059 N NH2 . ARG A 1 137 ? -0.530  -2.484  20.994  1.00 41.04 ? 134 ARG A NH2 1 
ATOM   1060 N N   . ARG A 1 138 ? 4.707   0.601   22.828  1.00 57.98 ? 135 ARG A N   1 
ATOM   1061 C CA  . ARG A 1 138 ? 5.165   1.973   23.038  1.00 59.17 ? 135 ARG A CA  1 
ATOM   1062 C C   . ARG A 1 138 ? 6.382   2.244   22.151  1.00 60.37 ? 135 ARG A C   1 
ATOM   1063 O O   . ARG A 1 138 ? 6.501   3.313   21.549  1.00 62.39 ? 135 ARG A O   1 
ATOM   1064 C CB  . ARG A 1 138 ? 5.527   2.203   24.509  1.00 58.62 ? 135 ARG A CB  1 
ATOM   1065 C CG  . ARG A 1 138 ? 6.614   1.314   25.074  1.00 41.04 ? 135 ARG A CG  1 
ATOM   1066 C CD  . ARG A 1 138 ? 6.880   1.619   26.543  1.00 41.04 ? 135 ARG A CD  1 
ATOM   1067 N NE  . ARG A 1 138 ? 7.908   0.747   27.116  1.00 41.04 ? 135 ARG A NE  1 
ATOM   1068 C CZ  . ARG A 1 138 ? 7.798   -0.573  27.260  1.00 41.04 ? 135 ARG A CZ  1 
ATOM   1069 N NH1 . ARG A 1 138 ? 8.797   -1.263  27.793  1.00 41.04 ? 135 ARG A NH1 1 
ATOM   1070 N NH2 . ARG A 1 138 ? 6.697   -1.209  26.877  1.00 41.04 ? 135 ARG A NH2 1 
ATOM   1071 N N   . GLU A 1 139 ? 7.277   1.264   22.071  1.00 58.14 ? 136 GLU A N   1 
ATOM   1072 C CA  . GLU A 1 139 ? 8.475   1.380   21.247  1.00 58.92 ? 136 GLU A CA  1 
ATOM   1073 C C   . GLU A 1 139 ? 8.095   1.246   19.772  1.00 58.29 ? 136 GLU A C   1 
ATOM   1074 O O   . GLU A 1 139 ? 8.777   1.768   18.889  1.00 56.95 ? 136 GLU A O   1 
ATOM   1075 C CB  . GLU A 1 139 ? 9.490   0.291   21.621  1.00 58.23 ? 136 GLU A CB  1 
ATOM   1076 C CG  . GLU A 1 139 ? 10.736  0.244   20.722  1.00 60.67 ? 136 GLU A CG  1 
ATOM   1077 C CD  . GLU A 1 139 ? 11.635  1.480   20.838  1.00 61.26 ? 136 GLU A CD  1 
ATOM   1078 O OE1 . GLU A 1 139 ? 12.654  1.543   20.111  1.00 58.73 ? 136 GLU A OE1 1 
ATOM   1079 O OE2 . GLU A 1 139 ? 11.333  2.385   21.647  1.00 61.57 ? 136 GLU A OE2 1 
ATOM   1080 N N   . TYR A 1 140 ? 7.002   0.537   19.520  1.00 56.83 ? 137 TYR A N   1 
ATOM   1081 C CA  . TYR A 1 140 ? 6.520   0.336   18.163  1.00 54.94 ? 137 TYR A CA  1 
ATOM   1082 C C   . TYR A 1 140 ? 6.014   1.656   17.607  1.00 56.17 ? 137 TYR A C   1 
ATOM   1083 O O   . TYR A 1 140 ? 6.344   2.029   16.481  1.00 55.60 ? 137 TYR A O   1 
ATOM   1084 C CB  . TYR A 1 140 ? 5.401   -0.709  18.153  1.00 53.57 ? 137 TYR A CB  1 
ATOM   1085 C CG  . TYR A 1 140 ? 4.755   -0.935  16.802  1.00 52.44 ? 137 TYR A CG  1 
ATOM   1086 C CD1 . TYR A 1 140 ? 3.577   -0.279  16.449  1.00 52.34 ? 137 TYR A CD1 1 
ATOM   1087 C CD2 . TYR A 1 140 ? 5.320   -1.813  15.878  1.00 52.15 ? 137 TYR A CD2 1 
ATOM   1088 C CE1 . TYR A 1 140 ? 2.974   -0.494  15.208  1.00 52.48 ? 137 TYR A CE1 1 
ATOM   1089 C CE2 . TYR A 1 140 ? 4.726   -2.034  14.636  1.00 51.43 ? 137 TYR A CE2 1 
ATOM   1090 C CZ  . TYR A 1 140 ? 3.555   -1.372  14.311  1.00 51.32 ? 137 TYR A CZ  1 
ATOM   1091 O OH  . TYR A 1 140 ? 2.963   -1.593  13.092  1.00 52.23 ? 137 TYR A OH  1 
ATOM   1092 N N   . GLU A 1 141 ? 5.224   2.368   18.406  1.00 55.32 ? 138 GLU A N   1 
ATOM   1093 C CA  . GLU A 1 141 ? 4.678   3.651   17.983  1.00 56.28 ? 138 GLU A CA  1 
ATOM   1094 C C   . GLU A 1 141 ? 5.759   4.712   17.833  1.00 55.74 ? 138 GLU A C   1 
ATOM   1095 O O   . GLU A 1 141 ? 5.611   5.659   17.056  1.00 57.08 ? 138 GLU A O   1 
ATOM   1096 C CB  . GLU A 1 141 ? 3.610   4.134   18.969  1.00 56.89 ? 138 GLU A CB  1 
ATOM   1097 C CG  . GLU A 1 141 ? 2.363   3.264   18.998  1.00 61.50 ? 138 GLU A CG  1 
ATOM   1098 C CD  . GLU A 1 141 ? 1.155   3.973   19.586  1.00 64.54 ? 138 GLU A CD  1 
ATOM   1099 O OE1 . GLU A 1 141 ? 0.073   3.346   19.631  1.00 66.46 ? 138 GLU A OE1 1 
ATOM   1100 O OE2 . GLU A 1 141 ? 1.280   5.151   19.998  1.00 66.71 ? 138 GLU A OE2 1 
ATOM   1101 N N   . LYS A 1 142 ? 6.849   4.550   18.577  1.00 54.24 ? 139 LYS A N   1 
ATOM   1102 C CA  . LYS A 1 142 ? 7.954   5.497   18.519  1.00 52.72 ? 139 LYS A CA  1 
ATOM   1103 C C   . LYS A 1 142 ? 8.583   5.434   17.136  1.00 53.42 ? 139 LYS A C   1 
ATOM   1104 O O   . LYS A 1 142 ? 8.748   6.457   16.466  1.00 52.01 ? 139 LYS A O   1 
ATOM   1105 C CB  . LYS A 1 142 ? 9.003   5.161   19.583  1.00 47.83 ? 139 LYS A CB  1 
ATOM   1106 C CG  . LYS A 1 142 ? 10.092  6.225   19.745  1.00 41.04 ? 139 LYS A CG  1 
ATOM   1107 C CD  . LYS A 1 142 ? 11.167  5.818   20.753  1.00 41.04 ? 139 LYS A CD  1 
ATOM   1108 C CE  . LYS A 1 142 ? 12.134  4.783   20.183  1.00 41.04 ? 139 LYS A CE  1 
ATOM   1109 N NZ  . LYS A 1 142 ? 12.847  5.294   18.979  1.00 41.04 ? 139 LYS A NZ  1 
ATOM   1110 N N   . ARG A 1 143 ? 8.908   4.217   16.712  1.00 53.16 ? 140 ARG A N   1 
ATOM   1111 C CA  . ARG A 1 143 ? 9.537   3.987   15.420  1.00 54.31 ? 140 ARG A CA  1 
ATOM   1112 C C   . ARG A 1 143 ? 8.610   4.246   14.245  1.00 53.31 ? 140 ARG A C   1 
ATOM   1113 O O   . ARG A 1 143 ? 9.076   4.489   13.128  1.00 53.51 ? 140 ARG A O   1 
ATOM   1114 C CB  . ARG A 1 143 ? 10.092  2.563   15.357  1.00 56.26 ? 140 ARG A CB  1 
ATOM   1115 C CG  . ARG A 1 143 ? 11.096  2.279   16.454  1.00 55.70 ? 140 ARG A CG  1 
ATOM   1116 C CD  . ARG A 1 143 ? 12.066  1.206   16.039  1.00 58.31 ? 140 ARG A CD  1 
ATOM   1117 N NE  . ARG A 1 143 ? 12.636  1.485   14.725  1.00 58.07 ? 140 ARG A NE  1 
ATOM   1118 C CZ  . ARG A 1 143 ? 13.629  0.789   14.181  1.00 58.15 ? 140 ARG A CZ  1 
ATOM   1119 N NH1 . ARG A 1 143 ? 14.168  -0.227  14.845  1.00 55.56 ? 140 ARG A NH1 1 
ATOM   1120 N NH2 . ARG A 1 143 ? 14.069  1.101   12.969  1.00 56.70 ? 140 ARG A NH2 1 
ATOM   1121 N N   . VAL A 1 144 ? 7.303   4.192   14.492  1.00 49.08 ? 141 VAL A N   1 
ATOM   1122 C CA  . VAL A 1 144 ? 6.331   4.466   13.440  1.00 46.64 ? 141 VAL A CA  1 
ATOM   1123 C C   . VAL A 1 144 ? 6.279   5.978   13.234  1.00 50.13 ? 141 VAL A C   1 
ATOM   1124 O O   . VAL A 1 144 ? 6.140   6.454   12.108  1.00 51.43 ? 141 VAL A O   1 
ATOM   1125 C CB  . VAL A 1 144 ? 4.925   3.954   13.803  1.00 43.33 ? 141 VAL A CB  1 
ATOM   1126 C CG1 . VAL A 1 144 ? 3.897   4.491   12.811  1.00 40.09 ? 141 VAL A CG1 1 
ATOM   1127 C CG2 . VAL A 1 144 ? 4.916   2.442   13.783  1.00 42.12 ? 141 VAL A CG2 1 
ATOM   1128 N N   . GLN A 1 145 ? 6.400   6.725   14.328  1.00 49.32 ? 142 GLN A N   1 
ATOM   1129 C CA  . GLN A 1 145 ? 6.385   8.185   14.269  1.00 48.93 ? 142 GLN A CA  1 
ATOM   1130 C C   . GLN A 1 145 ? 7.628   8.665   13.520  1.00 48.77 ? 142 GLN A C   1 
ATOM   1131 O O   . GLN A 1 145 ? 7.611   9.691   12.843  1.00 50.18 ? 142 GLN A O   1 
ATOM   1132 C CB  . GLN A 1 145 ? 6.364   8.767   15.686  1.00 48.92 ? 142 GLN A CB  1 
ATOM   1133 C CG  . GLN A 1 145 ? 6.334   10.280  15.753  1.00 46.46 ? 142 GLN A CG  1 
ATOM   1134 C CD  . GLN A 1 145 ? 5.215   10.873  14.924  1.00 49.44 ? 142 GLN A CD  1 
ATOM   1135 O OE1 . GLN A 1 145 ? 4.118   10.302  14.841  1.00 52.03 ? 142 GLN A OE1 1 
ATOM   1136 N NE2 . GLN A 1 145 ? 5.475   12.028  14.311  1.00 43.67 ? 142 GLN A NE2 1 
ATOM   1137 N N   . GLN A 1 146 ? 8.706   7.902   13.645  1.00 48.90 ? 143 GLN A N   1 
ATOM   1138 C CA  . GLN A 1 146 ? 9.956   8.226   12.979  1.00 47.86 ? 143 GLN A CA  1 
ATOM   1139 C C   . GLN A 1 146 ? 9.768   8.063   11.471  1.00 46.33 ? 143 GLN A C   1 
ATOM   1140 O O   . GLN A 1 146 ? 10.333  8.809   10.675  1.00 45.36 ? 143 GLN A O   1 
ATOM   1141 C CB  . GLN A 1 146 ? 11.046  7.280   13.480  1.00 50.16 ? 143 GLN A CB  1 
ATOM   1142 C CG  . GLN A 1 146 ? 12.440  7.626   13.016  1.00 55.46 ? 143 GLN A CG  1 
ATOM   1143 C CD  . GLN A 1 146 ? 13.510  6.847   13.765  1.00 57.14 ? 143 GLN A CD  1 
ATOM   1144 O OE1 . GLN A 1 146 ? 13.533  6.831   15.000  1.00 58.79 ? 143 GLN A OE1 1 
ATOM   1145 N NE2 . GLN A 1 146 ? 14.410  6.208   13.021  1.00 56.63 ? 143 GLN A NE2 1 
ATOM   1146 N N   . ILE A 1 147 ? 8.960   7.075   11.093  1.00 46.69 ? 144 ILE A N   1 
ATOM   1147 C CA  . ILE A 1 147 ? 8.683   6.783   9.689   1.00 44.18 ? 144 ILE A CA  1 
ATOM   1148 C C   . ILE A 1 147 ? 7.671   7.761   9.119   1.00 41.00 ? 144 ILE A C   1 
ATOM   1149 O O   . ILE A 1 147 ? 7.670   8.042   7.914   1.00 40.77 ? 144 ILE A O   1 
ATOM   1150 C CB  . ILE A 1 147 ? 8.153   5.346   9.533   1.00 44.85 ? 144 ILE A CB  1 
ATOM   1151 C CG1 . ILE A 1 147 ? 9.257   4.349   9.887   1.00 48.08 ? 144 ILE A CG1 1 
ATOM   1152 C CG2 . ILE A 1 147 ? 7.657   5.120   8.137   1.00 47.13 ? 144 ILE A CG2 1 
ATOM   1153 C CD1 . ILE A 1 147 ? 10.554  4.564   9.146   1.00 44.46 ? 144 ILE A CD1 1 
ATOM   1154 N N   . VAL A 1 148 ? 6.809   8.274   9.989   1.00 38.55 ? 145 VAL A N   1 
ATOM   1155 C CA  . VAL A 1 148 ? 5.801   9.246   9.592   1.00 39.65 ? 145 VAL A CA  1 
ATOM   1156 C C   . VAL A 1 148 ? 6.479   10.553  9.190   1.00 38.20 ? 145 VAL A C   1 
ATOM   1157 O O   . VAL A 1 148 ? 6.151   11.142  8.162   1.00 38.66 ? 145 VAL A O   1 
ATOM   1158 C CB  . VAL A 1 148 ? 4.807   9.542   10.733  1.00 38.76 ? 145 VAL A CB  1 
ATOM   1159 C CG1 . VAL A 1 148 ? 3.917   10.728  10.351  1.00 41.29 ? 145 VAL A CG1 1 
ATOM   1160 C CG2 . VAL A 1 148 ? 3.947   8.316   10.995  1.00 37.99 ? 145 VAL A CG2 1 
ATOM   1161 N N   . GLU A 1 149 ? 7.427   11.000  9.999   1.00 39.23 ? 146 GLU A N   1 
ATOM   1162 C CA  . GLU A 1 149 ? 8.143   12.233  9.711   1.00 39.83 ? 146 GLU A CA  1 
ATOM   1163 C C   . GLU A 1 149 ? 8.953   12.090  8.422   1.00 39.60 ? 146 GLU A C   1 
ATOM   1164 O O   . GLU A 1 149 ? 8.935   12.976  7.562   1.00 39.54 ? 146 GLU A O   1 
ATOM   1165 C CB  . GLU A 1 149 ? 9.071   12.578  10.880  1.00 42.25 ? 146 GLU A CB  1 
ATOM   1166 C CG  . GLU A 1 149 ? 8.388   12.560  12.236  1.00 42.65 ? 146 GLU A CG  1 
ATOM   1167 C CD  . GLU A 1 149 ? 9.333   12.878  13.366  1.00 43.62 ? 146 GLU A CD  1 
ATOM   1168 O OE1 . GLU A 1 149 ? 10.392  12.215  13.487  1.00 44.34 ? 146 GLU A OE1 1 
ATOM   1169 O OE2 . GLU A 1 149 ? 9.003   13.796  14.135  1.00 46.97 ? 146 GLU A OE2 1 
ATOM   1170 N N   . GLN A 1 150 ? 9.659   10.968  8.285   1.00 37.12 ? 147 GLN A N   1 
ATOM   1171 C CA  . GLN A 1 150 ? 10.463  10.723  7.093   1.00 34.69 ? 147 GLN A CA  1 
ATOM   1172 C C   . GLN A 1 150 ? 9.610   10.639  5.828   1.00 32.57 ? 147 GLN A C   1 
ATOM   1173 O O   . GLN A 1 150 ? 10.082  10.958  4.730   1.00 31.89 ? 147 GLN A O   1 
ATOM   1174 C CB  . GLN A 1 150 ? 11.278  9.435   7.251   1.00 37.23 ? 147 GLN A CB  1 
ATOM   1175 C CG  . GLN A 1 150 ? 12.293  9.475   8.382   1.00 40.94 ? 147 GLN A CG  1 
ATOM   1176 C CD  . GLN A 1 150 ? 13.229  8.293   8.359   1.00 43.90 ? 147 GLN A CD  1 
ATOM   1177 O OE1 . GLN A 1 150 ? 12.794  7.144   8.414   1.00 51.16 ? 147 GLN A OE1 1 
ATOM   1178 N NE2 . GLN A 1 150 ? 14.523  8.562   8.272   1.00 46.27 ? 147 GLN A NE2 1 
ATOM   1179 N N   . SER A 1 151 ? 8.356   10.223  5.972   1.00 28.79 ? 148 SER A N   1 
ATOM   1180 C CA  . SER A 1 151 ? 7.495   10.109  4.806   1.00 32.57 ? 148 SER A CA  1 
ATOM   1181 C C   . SER A 1 151 ? 7.218   11.476  4.196   1.00 34.63 ? 148 SER A C   1 
ATOM   1182 O O   . SER A 1 151 ? 6.843   11.566  3.025   1.00 33.33 ? 148 SER A O   1 
ATOM   1183 C CB  . SER A 1 151 ? 6.168   9.412   5.158   1.00 29.33 ? 148 SER A CB  1 
ATOM   1184 O OG  . SER A 1 151 ? 5.189   10.328  5.609   1.00 35.02 ? 148 SER A OG  1 
ATOM   1185 N N   . TRP A 1 152 ? 7.405   12.539  4.984   1.00 34.85 ? 149 TRP A N   1 
ATOM   1186 C CA  . TRP A 1 152 ? 7.177   13.891  4.479   1.00 35.24 ? 149 TRP A CA  1 
ATOM   1187 C C   . TRP A 1 152 ? 8.239   14.297  3.466   1.00 36.08 ? 149 TRP A C   1 
ATOM   1188 O O   . TRP A 1 152 ? 7.988   15.143  2.612   1.00 39.01 ? 149 TRP A O   1 
ATOM   1189 C CB  . TRP A 1 152 ? 7.154   14.911  5.614   1.00 38.77 ? 149 TRP A CB  1 
ATOM   1190 C CG  . TRP A 1 152 ? 6.157   14.600  6.687   1.00 42.32 ? 149 TRP A CG  1 
ATOM   1191 C CD1 . TRP A 1 152 ? 4.935   13.989  6.532   1.00 41.60 ? 149 TRP A CD1 1 
ATOM   1192 C CD2 . TRP A 1 152 ? 6.268   14.929  8.076   1.00 41.81 ? 149 TRP A CD2 1 
ATOM   1193 N NE1 . TRP A 1 152 ? 4.286   13.918  7.745   1.00 40.51 ? 149 TRP A NE1 1 
ATOM   1194 C CE2 . TRP A 1 152 ? 5.083   14.485  8.709   1.00 42.89 ? 149 TRP A CE2 1 
ATOM   1195 C CE3 . TRP A 1 152 ? 7.258   15.551  8.849   1.00 41.13 ? 149 TRP A CE3 1 
ATOM   1196 C CZ2 . TRP A 1 152 ? 4.858   14.654  10.081  1.00 43.47 ? 149 TRP A CZ2 1 
ATOM   1197 C CZ3 . TRP A 1 152 ? 7.032   15.717  10.216  1.00 40.56 ? 149 TRP A CZ3 1 
ATOM   1198 C CH2 . TRP A 1 152 ? 5.840   15.264  10.816  1.00 40.33 ? 149 TRP A CH2 1 
ATOM   1199 N N   . LEU A 1 153 ? 9.422   13.697  3.562   1.00 36.89 ? 150 LEU A N   1 
ATOM   1200 C CA  . LEU A 1 153 ? 10.507  13.995  2.632   1.00 42.52 ? 150 LEU A CA  1 
ATOM   1201 C C   . LEU A 1 153 ? 10.193  13.451  1.233   1.00 45.22 ? 150 LEU A C   1 
ATOM   1202 O O   . LEU A 1 153 ? 10.839  13.821  0.255   1.00 47.90 ? 150 LEU A O   1 
ATOM   1203 C CB  . LEU A 1 153 ? 11.824  13.379  3.121   1.00 37.79 ? 150 LEU A CB  1 
ATOM   1204 C CG  . LEU A 1 153 ? 12.398  13.809  4.472   1.00 39.78 ? 150 LEU A CG  1 
ATOM   1205 C CD1 . LEU A 1 153 ? 13.788  13.232  4.601   1.00 36.69 ? 150 LEU A CD1 1 
ATOM   1206 C CD2 . LEU A 1 153 ? 12.453  15.326  4.586   1.00 39.76 ? 150 LEU A CD2 1 
ATOM   1207 N N   . ASN A 1 154 ? 9.200   12.576  1.143   1.00 50.18 ? 151 ASN A N   1 
ATOM   1208 C CA  . ASN A 1 154 ? 8.827   11.993  -0.139  1.00 55.52 ? 151 ASN A CA  1 
ATOM   1209 C C   . ASN A 1 154 ? 7.962   12.915  -0.999  1.00 58.08 ? 151 ASN A C   1 
ATOM   1210 O O   . ASN A 1 154 ? 8.407   13.380  -2.053  1.00 57.78 ? 151 ASN A O   1 
ATOM   1211 C CB  . ASN A 1 154 ? 8.099   10.656  0.070   1.00 55.84 ? 151 ASN A CB  1 
ATOM   1212 C CG  . ASN A 1 154 ? 9.038   9.534   0.524   1.00 55.87 ? 151 ASN A CG  1 
ATOM   1213 O OD1 . ASN A 1 154 ? 9.028   9.125   1.691   1.00 53.92 ? 151 ASN A OD1 1 
ATOM   1214 N ND2 . ASN A 1 154 ? 9.853   9.032   -0.407  1.00 54.52 ? 151 ASN A ND2 1 
ATOM   1215 N N   . PHE A 1 155 ? 6.731   13.169  -0.547  1.00 59.29 ? 152 PHE A N   1 
ATOM   1216 C CA  . PHE A 1 155 ? 5.791   14.024  -1.277  1.00 61.39 ? 152 PHE A CA  1 
ATOM   1217 C C   . PHE A 1 155 ? 6.338   15.434  -1.543  1.00 60.79 ? 152 PHE A C   1 
ATOM   1218 O O   . PHE A 1 155 ? 5.886   16.405  -0.893  1.00 41.04 ? 152 PHE A O   1 
ATOM   1219 C CB  . PHE A 1 155 ? 4.455   14.108  -0.517  1.00 57.87 ? 152 PHE A CB  1 
ATOM   1220 C CG  . PHE A 1 155 ? 3.343   14.778  -1.290  1.00 41.04 ? 152 PHE A CG  1 
ATOM   1221 C CD1 . PHE A 1 155 ? 2.787   14.164  -2.436  1.00 41.04 ? 152 PHE A CD1 1 
ATOM   1222 C CD2 . PHE A 1 155 ? 2.841   16.029  -0.876  1.00 41.04 ? 152 PHE A CD2 1 
ATOM   1223 C CE1 . PHE A 1 155 ? 1.732   14.792  -3.170  1.00 41.04 ? 152 PHE A CE1 1 
ATOM   1224 C CE2 . PHE A 1 155 ? 1.787   16.676  -1.592  1.00 41.04 ? 152 PHE A CE2 1 
ATOM   1225 C CZ  . PHE A 1 155 ? 1.230   16.054  -2.744  1.00 41.04 ? 152 PHE A CZ  1 
HETATM 1226 O O   . HOH B 2 .   ? -3.069  11.439  8.539   1.00 35.60 ? 501 HOH A O   1 
HETATM 1227 O O   . HOH B 2 .   ? -16.292 -8.781  -5.975  1.00 33.15 ? 502 HOH A O   1 
HETATM 1228 O O   . HOH B 2 .   ? 8.699   -2.612  7.894   1.00 29.38 ? 503 HOH A O   1 
HETATM 1229 O O   . HOH B 2 .   ? 1.358   -9.223  -1.135  1.00 30.47 ? 504 HOH A O   1 
HETATM 1230 O O   . HOH B 2 .   ? -11.968 -3.266  -18.555 1.00 44.88 ? 505 HOH A O   1 
HETATM 1231 O O   . HOH B 2 .   ? -0.545  -9.531  5.664   1.00 39.46 ? 506 HOH A O   1 
HETATM 1232 O O   . HOH B 2 .   ? -3.236  -9.574  5.013   1.00 33.53 ? 507 HOH A O   1 
HETATM 1233 O O   . HOH B 2 .   ? 3.559   -7.733  -18.654 1.00 41.82 ? 508 HOH A O   1 
HETATM 1234 O O   . HOH B 2 .   ? -0.172  -8.139  -12.834 1.00 36.87 ? 509 HOH A O   1 
HETATM 1235 O O   . HOH B 2 .   ? 3.368   -10.265 6.643   1.00 47.32 ? 510 HOH A O   1 
HETATM 1236 O O   . HOH B 2 .   ? 10.983  0.366   4.549   1.00 41.95 ? 511 HOH A O   1 
HETATM 1237 O O   . HOH B 2 .   ? -10.453 -13.558 -17.077 1.00 39.92 ? 512 HOH A O   1 
HETATM 1238 O O   . HOH B 2 .   ? -12.149 1.579   -1.647  1.00 43.18 ? 513 HOH A O   1 
HETATM 1239 O O   . HOH B 2 .   ? -9.806  -5.591  -19.922 1.00 36.94 ? 514 HOH A O   1 
HETATM 1240 O O   . HOH B 2 .   ? 8.133   -14.101 5.090   1.00 48.44 ? 515 HOH A O   1 
HETATM 1241 O O   . HOH B 2 .   ? -13.467 -3.299  -6.534  1.00 41.72 ? 516 HOH A O   1 
HETATM 1242 O O   . HOH B 2 .   ? -9.884  1.987   -8.928  1.00 28.09 ? 517 HOH A O   1 
# 
loop_
_pdbx_poly_seq_scheme.asym_id 
_pdbx_poly_seq_scheme.entity_id 
_pdbx_poly_seq_scheme.seq_id 
_pdbx_poly_seq_scheme.mon_id 
_pdbx_poly_seq_scheme.ndb_seq_num 
_pdbx_poly_seq_scheme.pdb_seq_num 
_pdbx_poly_seq_scheme.auth_seq_num 
_pdbx_poly_seq_scheme.pdb_mon_id 
_pdbx_poly_seq_scheme.auth_mon_id 
_pdbx_poly_seq_scheme.pdb_strand_id 
_pdbx_poly_seq_scheme.pdb_ins_code 
_pdbx_poly_seq_scheme.hetero 
A 1 1   GLY 1   -2  ?   ?   ?   A . n 
A 1 2   SER 2   -1  ?   ?   ?   A . n 
A 1 3   HIS 3   0   ?   ?   ?   A . n 
A 1 4   MET 4   1   ?   ?   ?   A . n 
A 1 5   THR 5   2   2   THR THR A . n 
A 1 6   THR 6   3   3   THR THR A . n 
A 1 7   PRO 7   4   4   PRO PRO A . n 
A 1 8   SER 8   5   5   SER SER A . n 
A 1 9   ARG 9   6   6   ARG ARG A . n 
A 1 10  ARG 10  7   7   ARG ARG A . n 
A 1 11  ARG 11  8   8   ARG ARG A . n 
A 1 12  LEU 12  9   9   LEU LEU A . n 
A 1 13  MET 13  10  10  MET MET A . n 
A 1 14  ARG 14  11  11  ARG ARG A . n 
A 1 15  ASP 15  12  12  ASP ASP A . n 
A 1 16  PHE 16  13  13  PHE PHE A . n 
A 1 17  LYS 17  14  14  LYS LYS A . n 
A 1 18  LYS 18  15  15  LYS LYS A . n 
A 1 19  LEU 19  16  16  LEU LEU A . n 
A 1 20  GLN 20  17  17  GLN GLN A . n 
A 1 21  GLU 21  18  18  GLU GLU A . n 
A 1 22  ASP 22  19  19  ASP ASP A . n 
A 1 23  PRO 23  20  20  PRO PRO A . n 
A 1 24  PRO 24  21  21  PRO PRO A . n 
A 1 25  ALA 25  22  22  ALA ALA A . n 
A 1 26  GLY 26  23  23  GLY GLY A . n 
A 1 27  VAL 27  24  24  VAL VAL A . n 
A 1 28  SER 28  25  25  SER SER A . n 
A 1 29  GLY 29  26  26  GLY GLY A . n 
A 1 30  ALA 30  27  27  ALA ALA A . n 
A 1 31  PRO 31  28  28  PRO PRO A . n 
A 1 32  THR 32  29  29  THR THR A . n 
A 1 33  GLU 33  30  30  GLU GLU A . n 
A 1 34  ASP 34  31  31  ASP ASP A . n 
A 1 35  ASN 35  32  32  ASN ASN A . n 
A 1 36  ILE 36  33  33  ILE ILE A . n 
A 1 37  LEU 37  34  34  LEU LEU A . n 
A 1 38  THR 38  35  35  THR THR A . n 
A 1 39  TRP 39  36  36  TRP TRP A . n 
A 1 40  GLU 40  37  37  GLU GLU A . n 
A 1 41  ALA 41  38  38  ALA ALA A . n 
A 1 42  ILE 42  39  39  ILE ILE A . n 
A 1 43  ILE 43  40  40  ILE ILE A . n 
A 1 44  PHE 44  41  41  PHE PHE A . n 
A 1 45  GLY 45  42  42  GLY GLY A . n 
A 1 46  PRO 46  43  43  PRO PRO A . n 
A 1 47  GLN 47  44  44  GLN GLN A . n 
A 1 48  GLU 48  45  45  GLU GLU A . n 
A 1 49  THR 49  46  46  THR THR A . n 
A 1 50  PRO 50  47  47  PRO PRO A . n 
A 1 51  PHE 51  48  48  PHE PHE A . n 
A 1 52  GLU 52  49  49  GLU GLU A . n 
A 1 53  ASP 53  50  50  ASP ASP A . n 
A 1 54  GLY 54  51  51  GLY GLY A . n 
A 1 55  THR 55  52  52  THR THR A . n 
A 1 56  PHE 56  53  53  PHE PHE A . n 
A 1 57  LYS 57  54  54  LYS LYS A . n 
A 1 58  LEU 58  55  55  LEU LEU A . n 
A 1 59  SER 59  56  56  SER SER A . n 
A 1 60  LEU 60  57  57  LEU LEU A . n 
A 1 61  GLU 61  58  58  GLU GLU A . n 
A 1 62  PHE 62  59  59  PHE PHE A . n 
A 1 63  THR 63  60  60  THR THR A . n 
A 1 64  GLU 64  61  61  GLU GLU A . n 
A 1 65  GLU 65  62  62  GLU GLU A . n 
A 1 66  TYR 66  63  63  TYR TYR A . n 
A 1 67  PRO 67  64  64  PRO PRO A . n 
A 1 68  ASN 68  65  65  ASN ASN A . n 
A 1 69  LYS 69  66  66  LYS LYS A . n 
A 1 70  PRO 70  67  67  PRO PRO A . n 
A 1 71  PRO 71  68  68  PRO PRO A . n 
A 1 72  THR 72  69  69  THR THR A . n 
A 1 73  VAL 73  70  70  VAL VAL A . n 
A 1 74  LYS 74  71  71  LYS LYS A . n 
A 1 75  PHE 75  72  72  PHE PHE A . n 
A 1 76  ILE 76  73  73  ILE ILE A . n 
A 1 77  SER 77  74  74  SER SER A . n 
A 1 78  LYS 78  75  75  LYS LYS A . n 
A 1 79  MET 79  76  76  MET MET A . n 
A 1 80  PHE 80  77  77  PHE PHE A . n 
A 1 81  HIS 81  78  78  HIS HIS A . n 
A 1 82  PRO 82  79  79  PRO PRO A . n 
A 1 83  ASN 83  80  80  ASN ASN A . n 
A 1 84  VAL 84  81  81  VAL VAL A . n 
A 1 85  TYR 85  82  82  TYR TYR A . n 
A 1 86  ALA 86  83  83  ALA ALA A . n 
A 1 87  ASP 87  84  84  ASP ASP A . n 
A 1 88  GLY 88  85  85  GLY GLY A . n 
A 1 89  SER 89  86  86  SER SER A . n 
A 1 90  ILE 90  87  87  ILE ILE A . n 
A 1 91  CYS 91  88  88  CYS CYS A . n 
A 1 92  LEU 92  89  89  LEU LEU A . n 
A 1 93  ASP 93  90  90  ASP ASP A . n 
A 1 94  ILE 94  91  91  ILE ILE A . n 
A 1 95  LEU 95  92  92  LEU LEU A . n 
A 1 96  GLN 96  93  93  GLN GLN A . n 
A 1 97  ASN 97  94  94  ASN ASN A . n 
A 1 98  ARG 98  95  95  ARG ARG A . n 
A 1 99  TRP 99  96  96  TRP TRP A . n 
A 1 100 SER 100 97  97  SER SER A . n 
A 1 101 PRO 101 98  98  PRO PRO A . n 
A 1 102 THR 102 99  99  THR THR A . n 
A 1 103 TYR 103 100 100 TYR TYR A . n 
A 1 104 ASP 104 101 101 ASP ASP A . n 
A 1 105 VAL 105 102 102 VAL VAL A . n 
A 1 106 ALA 106 103 103 ALA ALA A . n 
A 1 107 ALA 107 104 104 ALA ALA A . n 
A 1 108 ILE 108 105 105 ILE ILE A . n 
A 1 109 LEU 109 106 106 LEU LEU A . n 
A 1 110 THR 110 107 107 THR THR A . n 
A 1 111 SER 111 108 108 SER SER A . n 
A 1 112 ILE 112 109 109 ILE ILE A . n 
A 1 113 GLN 113 110 110 GLN GLN A . n 
A 1 114 SER 114 111 111 SER SER A . n 
A 1 115 LEU 115 112 112 LEU LEU A . n 
A 1 116 LEU 116 113 113 LEU LEU A . n 
A 1 117 ASP 117 114 114 ASP ASP A . n 
A 1 118 GLU 118 115 115 GLU GLU A . n 
A 1 119 PRO 119 116 116 PRO PRO A . n 
A 1 120 ASN 120 117 117 ASN ASN A . n 
A 1 121 PRO 121 118 118 PRO PRO A . n 
A 1 122 ASN 122 119 119 ASN ASN A . n 
A 1 123 SER 123 120 120 SER SER A . n 
A 1 124 PRO 124 121 121 PRO PRO A . n 
A 1 125 ALA 125 122 122 ALA ALA A . n 
A 1 126 ASN 126 123 123 ASN ASN A . n 
A 1 127 SER 127 124 124 SER SER A . n 
A 1 128 LEU 128 125 125 LEU LEU A . n 
A 1 129 ALA 129 126 126 ALA ALA A . n 
A 1 130 ALA 130 127 127 ALA ALA A . n 
A 1 131 GLN 131 128 128 GLN GLN A . n 
A 1 132 LEU 132 129 129 LEU LEU A . n 
A 1 133 TYR 133 130 130 TYR TYR A . n 
A 1 134 GLN 134 131 131 GLN GLN A . n 
A 1 135 GLU 135 132 132 GLU GLU A . n 
A 1 136 ASN 136 133 133 ASN ASN A . n 
A 1 137 ARG 137 134 134 ARG ARG A . n 
A 1 138 ARG 138 135 135 ARG ARG A . n 
A 1 139 GLU 139 136 136 GLU GLU A . n 
A 1 140 TYR 140 137 137 TYR TYR A . n 
A 1 141 GLU 141 138 138 GLU GLU A . n 
A 1 142 LYS 142 139 139 LYS LYS A . n 
A 1 143 ARG 143 140 140 ARG ARG A . n 
A 1 144 VAL 144 141 141 VAL VAL A . n 
A 1 145 GLN 145 142 142 GLN GLN A . n 
A 1 146 GLN 146 143 143 GLN GLN A . n 
A 1 147 ILE 147 144 144 ILE ILE A . n 
A 1 148 VAL 148 145 145 VAL VAL A . n 
A 1 149 GLU 149 146 146 GLU GLU A . n 
A 1 150 GLN 150 147 147 GLN GLN A . n 
A 1 151 SER 151 148 148 SER SER A . n 
A 1 152 TRP 152 149 149 TRP TRP A . n 
A 1 153 LEU 153 150 150 LEU LEU A . n 
A 1 154 ASN 154 151 151 ASN ASN A . n 
A 1 155 PHE 155 152 152 PHE PHE A . n 
A 1 156 GLY 156 153 ?   ?   ?   A . n 
A 1 157 GLU 157 154 ?   ?   ?   A . n 
# 
_pdbx_SG_project.id                    1 
_pdbx_SG_project.project_name          'PSI, Protein Structure Initiative' 
_pdbx_SG_project.full_name_of_center   'Southeast Collaboratory for Structural Genomics' 
_pdbx_SG_project.initial_of_center     SECSG 
# 
loop_
_pdbx_nonpoly_scheme.asym_id 
_pdbx_nonpoly_scheme.entity_id 
_pdbx_nonpoly_scheme.mon_id 
_pdbx_nonpoly_scheme.ndb_seq_num 
_pdbx_nonpoly_scheme.pdb_seq_num 
_pdbx_nonpoly_scheme.auth_seq_num 
_pdbx_nonpoly_scheme.pdb_mon_id 
_pdbx_nonpoly_scheme.auth_mon_id 
_pdbx_nonpoly_scheme.pdb_strand_id 
_pdbx_nonpoly_scheme.pdb_ins_code 
B 2 HOH 1  501 501 HOH HOH A . 
B 2 HOH 2  502 502 HOH HOH A . 
B 2 HOH 3  503 503 HOH HOH A . 
B 2 HOH 4  504 504 HOH HOH A . 
B 2 HOH 5  505 505 HOH HOH A . 
B 2 HOH 6  506 506 HOH HOH A . 
B 2 HOH 7  507 507 HOH HOH A . 
B 2 HOH 8  508 508 HOH HOH A . 
B 2 HOH 9  509 509 HOH HOH A . 
B 2 HOH 10 510 510 HOH HOH A . 
B 2 HOH 11 511 511 HOH HOH A . 
B 2 HOH 12 512 512 HOH HOH A . 
B 2 HOH 13 513 513 HOH HOH A . 
B 2 HOH 14 514 514 HOH HOH A . 
B 2 HOH 15 515 515 HOH HOH A . 
B 2 HOH 16 516 516 HOH HOH A . 
B 2 HOH 17 517 517 HOH HOH A . 
# 
_pdbx_struct_assembly.id                   1 
_pdbx_struct_assembly.details              author_defined_assembly 
_pdbx_struct_assembly.method_details       ? 
_pdbx_struct_assembly.oligomeric_details   monomeric 
_pdbx_struct_assembly.oligomeric_count     1 
# 
_pdbx_struct_assembly_gen.assembly_id       1 
_pdbx_struct_assembly_gen.oper_expression   1 
_pdbx_struct_assembly_gen.asym_id_list      A,B 
# 
_pdbx_struct_oper_list.id                   1 
_pdbx_struct_oper_list.type                 'identity operation' 
_pdbx_struct_oper_list.name                 1_555 
_pdbx_struct_oper_list.symmetry_operation   x,y,z 
_pdbx_struct_oper_list.matrix[1][1]         1.0000000000 
_pdbx_struct_oper_list.matrix[1][2]         0.0000000000 
_pdbx_struct_oper_list.matrix[1][3]         0.0000000000 
_pdbx_struct_oper_list.vector[1]            0.0000000000 
_pdbx_struct_oper_list.matrix[2][1]         0.0000000000 
_pdbx_struct_oper_list.matrix[2][2]         1.0000000000 
_pdbx_struct_oper_list.matrix[2][3]         0.0000000000 
_pdbx_struct_oper_list.vector[2]            0.0000000000 
_pdbx_struct_oper_list.matrix[3][1]         0.0000000000 
_pdbx_struct_oper_list.matrix[3][2]         0.0000000000 
_pdbx_struct_oper_list.matrix[3][3]         1.0000000000 
_pdbx_struct_oper_list.vector[3]            0.0000000000 
# 
loop_
_pdbx_audit_revision_history.ordinal 
_pdbx_audit_revision_history.data_content_type 
_pdbx_audit_revision_history.major_revision 
_pdbx_audit_revision_history.minor_revision 
_pdbx_audit_revision_history.revision_date 
1 'Structure model' 1 0 2005-03-22 
2 'Structure model' 1 1 2008-04-30 
3 'Structure model' 1 2 2011-07-13 
4 'Structure model' 1 3 2023-08-23 
# 
_pdbx_audit_revision_details.ordinal             1 
_pdbx_audit_revision_details.revision_ordinal    1 
_pdbx_audit_revision_details.data_content_type   'Structure model' 
_pdbx_audit_revision_details.provider            repository 
_pdbx_audit_revision_details.type                'Initial release' 
_pdbx_audit_revision_details.description         ? 
_pdbx_audit_revision_details.details             ? 
# 
loop_
_pdbx_audit_revision_group.ordinal 
_pdbx_audit_revision_group.revision_ordinal 
_pdbx_audit_revision_group.data_content_type 
_pdbx_audit_revision_group.group 
1 2 'Structure model' 'Version format compliance' 
2 3 'Structure model' 'Version format compliance' 
3 4 'Structure model' 'Data collection'           
4 4 'Structure model' 'Database references'       
5 4 'Structure model' 'Experimental preparation'  
6 4 'Structure model' 'Refinement description'    
# 
loop_
_pdbx_audit_revision_category.ordinal 
_pdbx_audit_revision_category.revision_ordinal 
_pdbx_audit_revision_category.data_content_type 
_pdbx_audit_revision_category.category 
1 4 'Structure model' chem_comp_atom                
2 4 'Structure model' chem_comp_bond                
3 4 'Structure model' database_2                    
4 4 'Structure model' exptl_crystal_grow            
5 4 'Structure model' pdbx_initial_refinement_model 
6 4 'Structure model' struct_ref_seq_dif            
# 
loop_
_pdbx_audit_revision_item.ordinal 
_pdbx_audit_revision_item.revision_ordinal 
_pdbx_audit_revision_item.data_content_type 
_pdbx_audit_revision_item.item 
1 4 'Structure model' '_database_2.pdbx_DOI'                
2 4 'Structure model' '_database_2.pdbx_database_accession' 
3 4 'Structure model' '_exptl_crystal_grow.method'          
4 4 'Structure model' '_struct_ref_seq_dif.details'         
# 
_phasing.method   mr 
# 
loop_
_software.name 
_software.version 
_software.date 
_software.type 
_software.contact_author 
_software.contact_author_email 
_software.classification 
_software.location 
_software.language 
_software.citation_id 
_software.pdbx_ordinal 
SCALEPACK .   ? package 'Zbyszek Otwinowski' zbyszek@mix.swmed.edu 'data scaling' http://www.lnls.br/infra/linhasluz/denzo-hkl.htm 
?          ? 1 
CNS       1.1 ? package 'Axel T. Brunger'    axel.brunger@yale.edu refinement     http://cns.csb.yale.edu/v1.1/                    
Fortran_77 ? 2 
CNS       .   ? ?       ?                    ?                     phasing        ?                                                
?          ? 3 
# 
_pdbx_validate_close_contact.id               1 
_pdbx_validate_close_contact.PDB_model_num    1 
_pdbx_validate_close_contact.auth_atom_id_1   C 
_pdbx_validate_close_contact.auth_asym_id_1   A 
_pdbx_validate_close_contact.auth_comp_id_1   PHE 
_pdbx_validate_close_contact.auth_seq_id_1    48 
_pdbx_validate_close_contact.PDB_ins_code_1   ? 
_pdbx_validate_close_contact.label_alt_id_1   ? 
_pdbx_validate_close_contact.auth_atom_id_2   H 
_pdbx_validate_close_contact.auth_asym_id_2   A 
_pdbx_validate_close_contact.auth_comp_id_2   GLU 
_pdbx_validate_close_contact.auth_seq_id_2    49 
_pdbx_validate_close_contact.PDB_ins_code_2   ? 
_pdbx_validate_close_contact.label_alt_id_2   ? 
_pdbx_validate_close_contact.dist             0.75 
# 
loop_
_pdbx_validate_torsion.id 
_pdbx_validate_torsion.PDB_model_num 
_pdbx_validate_torsion.auth_comp_id 
_pdbx_validate_torsion.auth_asym_id 
_pdbx_validate_torsion.auth_seq_id 
_pdbx_validate_torsion.PDB_ins_code 
_pdbx_validate_torsion.label_alt_id 
_pdbx_validate_torsion.phi 
_pdbx_validate_torsion.psi 
1 1 GLN A 44  ? ? -27.79  -65.21 
2 1 GLN A 93  ? ? -107.93 -88.24 
3 1 ASN A 119 ? ? -48.20  -71.58 
4 1 ASN A 133 ? ? -171.83 58.38  
# 
loop_
_pdbx_unobs_or_zero_occ_residues.id 
_pdbx_unobs_or_zero_occ_residues.PDB_model_num 
_pdbx_unobs_or_zero_occ_residues.polymer_flag 
_pdbx_unobs_or_zero_occ_residues.occupancy_flag 
_pdbx_unobs_or_zero_occ_residues.auth_asym_id 
_pdbx_unobs_or_zero_occ_residues.auth_comp_id 
_pdbx_unobs_or_zero_occ_residues.auth_seq_id 
_pdbx_unobs_or_zero_occ_residues.PDB_ins_code 
_pdbx_unobs_or_zero_occ_residues.label_asym_id 
_pdbx_unobs_or_zero_occ_residues.label_comp_id 
_pdbx_unobs_or_zero_occ_residues.label_seq_id 
1 1 Y 1 A GLY -2  ? A GLY 1   
2 1 Y 1 A SER -1  ? A SER 2   
3 1 Y 1 A HIS 0   ? A HIS 3   
4 1 Y 1 A MET 1   ? A MET 4   
5 1 Y 1 A GLY 153 ? A GLY 156 
6 1 Y 1 A GLU 154 ? A GLU 157 
# 
loop_
_chem_comp_atom.comp_id 
_chem_comp_atom.atom_id 
_chem_comp_atom.type_symbol 
_chem_comp_atom.pdbx_aromatic_flag 
_chem_comp_atom.pdbx_stereo_config 
_chem_comp_atom.pdbx_ordinal 
ALA N    N N N 1   
ALA CA   C N S 2   
ALA C    C N N 3   
ALA O    O N N 4   
ALA CB   C N N 5   
ALA OXT  O N N 6   
ALA H    H N N 7   
ALA H2   H N N 8   
ALA HA   H N N 9   
ALA HB1  H N N 10  
ALA HB2  H N N 11  
ALA HB3  H N N 12  
ALA HXT  H N N 13  
ARG N    N N N 14  
ARG CA   C N S 15  
ARG C    C N N 16  
ARG O    O N N 17  
ARG CB   C N N 18  
ARG CG   C N N 19  
ARG CD   C N N 20  
ARG NE   N N N 21  
ARG CZ   C N N 22  
ARG NH1  N N N 23  
ARG NH2  N N N 24  
ARG OXT  O N N 25  
ARG H    H N N 26  
ARG H2   H N N 27  
ARG HA   H N N 28  
ARG HB2  H N N 29  
ARG HB3  H N N 30  
ARG HG2  H N N 31  
ARG HG3  H N N 32  
ARG HD2  H N N 33  
ARG HD3  H N N 34  
ARG HE   H N N 35  
ARG HH11 H N N 36  
ARG HH12 H N N 37  
ARG HH21 H N N 38  
ARG HH22 H N N 39  
ARG HXT  H N N 40  
ASN N    N N N 41  
ASN CA   C N S 42  
ASN C    C N N 43  
ASN O    O N N 44  
ASN CB   C N N 45  
ASN CG   C N N 46  
ASN OD1  O N N 47  
ASN ND2  N N N 48  
ASN OXT  O N N 49  
ASN H    H N N 50  
ASN H2   H N N 51  
ASN HA   H N N 52  
ASN HB2  H N N 53  
ASN HB3  H N N 54  
ASN HD21 H N N 55  
ASN HD22 H N N 56  
ASN HXT  H N N 57  
ASP N    N N N 58  
ASP CA   C N S 59  
ASP C    C N N 60  
ASP O    O N N 61  
ASP CB   C N N 62  
ASP CG   C N N 63  
ASP OD1  O N N 64  
ASP OD2  O N N 65  
ASP OXT  O N N 66  
ASP H    H N N 67  
ASP H2   H N N 68  
ASP HA   H N N 69  
ASP HB2  H N N 70  
ASP HB3  H N N 71  
ASP HD2  H N N 72  
ASP HXT  H N N 73  
CYS N    N N N 74  
CYS CA   C N R 75  
CYS C    C N N 76  
CYS O    O N N 77  
CYS CB   C N N 78  
CYS SG   S N N 79  
CYS OXT  O N N 80  
CYS H    H N N 81  
CYS H2   H N N 82  
CYS HA   H N N 83  
CYS HB2  H N N 84  
CYS HB3  H N N 85  
CYS HG   H N N 86  
CYS HXT  H N N 87  
GLN N    N N N 88  
GLN CA   C N S 89  
GLN C    C N N 90  
GLN O    O N N 91  
GLN CB   C N N 92  
GLN CG   C N N 93  
GLN CD   C N N 94  
GLN OE1  O N N 95  
GLN NE2  N N N 96  
GLN OXT  O N N 97  
GLN H    H N N 98  
GLN H2   H N N 99  
GLN HA   H N N 100 
GLN HB2  H N N 101 
GLN HB3  H N N 102 
GLN HG2  H N N 103 
GLN HG3  H N N 104 
GLN HE21 H N N 105 
GLN HE22 H N N 106 
GLN HXT  H N N 107 
GLU N    N N N 108 
GLU CA   C N S 109 
GLU C    C N N 110 
GLU O    O N N 111 
GLU CB   C N N 112 
GLU CG   C N N 113 
GLU CD   C N N 114 
GLU OE1  O N N 115 
GLU OE2  O N N 116 
GLU OXT  O N N 117 
GLU H    H N N 118 
GLU H2   H N N 119 
GLU HA   H N N 120 
GLU HB2  H N N 121 
GLU HB3  H N N 122 
GLU HG2  H N N 123 
GLU HG3  H N N 124 
GLU HE2  H N N 125 
GLU HXT  H N N 126 
GLY N    N N N 127 
GLY CA   C N N 128 
GLY C    C N N 129 
GLY O    O N N 130 
GLY OXT  O N N 131 
GLY H    H N N 132 
GLY H2   H N N 133 
GLY HA2  H N N 134 
GLY HA3  H N N 135 
GLY HXT  H N N 136 
HIS N    N N N 137 
HIS CA   C N S 138 
HIS C    C N N 139 
HIS O    O N N 140 
HIS CB   C N N 141 
HIS CG   C Y N 142 
HIS ND1  N Y N 143 
HIS CD2  C Y N 144 
HIS CE1  C Y N 145 
HIS NE2  N Y N 146 
HIS OXT  O N N 147 
HIS H    H N N 148 
HIS H2   H N N 149 
HIS HA   H N N 150 
HIS HB2  H N N 151 
HIS HB3  H N N 152 
HIS HD1  H N N 153 
HIS HD2  H N N 154 
HIS HE1  H N N 155 
HIS HE2  H N N 156 
HIS HXT  H N N 157 
HOH O    O N N 158 
HOH H1   H N N 159 
HOH H2   H N N 160 
ILE N    N N N 161 
ILE CA   C N S 162 
ILE C    C N N 163 
ILE O    O N N 164 
ILE CB   C N S 165 
ILE CG1  C N N 166 
ILE CG2  C N N 167 
ILE CD1  C N N 168 
ILE OXT  O N N 169 
ILE H    H N N 170 
ILE H2   H N N 171 
ILE HA   H N N 172 
ILE HB   H N N 173 
ILE HG12 H N N 174 
ILE HG13 H N N 175 
ILE HG21 H N N 176 
ILE HG22 H N N 177 
ILE HG23 H N N 178 
ILE HD11 H N N 179 
ILE HD12 H N N 180 
ILE HD13 H N N 181 
ILE HXT  H N N 182 
LEU N    N N N 183 
LEU CA   C N S 184 
LEU C    C N N 185 
LEU O    O N N 186 
LEU CB   C N N 187 
LEU CG   C N N 188 
LEU CD1  C N N 189 
LEU CD2  C N N 190 
LEU OXT  O N N 191 
LEU H    H N N 192 
LEU H2   H N N 193 
LEU HA   H N N 194 
LEU HB2  H N N 195 
LEU HB3  H N N 196 
LEU HG   H N N 197 
LEU HD11 H N N 198 
LEU HD12 H N N 199 
LEU HD13 H N N 200 
LEU HD21 H N N 201 
LEU HD22 H N N 202 
LEU HD23 H N N 203 
LEU HXT  H N N 204 
LYS N    N N N 205 
LYS CA   C N S 206 
LYS C    C N N 207 
LYS O    O N N 208 
LYS CB   C N N 209 
LYS CG   C N N 210 
LYS CD   C N N 211 
LYS CE   C N N 212 
LYS NZ   N N N 213 
LYS OXT  O N N 214 
LYS H    H N N 215 
LYS H2   H N N 216 
LYS HA   H N N 217 
LYS HB2  H N N 218 
LYS HB3  H N N 219 
LYS HG2  H N N 220 
LYS HG3  H N N 221 
LYS HD2  H N N 222 
LYS HD3  H N N 223 
LYS HE2  H N N 224 
LYS HE3  H N N 225 
LYS HZ1  H N N 226 
LYS HZ2  H N N 227 
LYS HZ3  H N N 228 
LYS HXT  H N N 229 
MET N    N N N 230 
MET CA   C N S 231 
MET C    C N N 232 
MET O    O N N 233 
MET CB   C N N 234 
MET CG   C N N 235 
MET SD   S N N 236 
MET CE   C N N 237 
MET OXT  O N N 238 
MET H    H N N 239 
MET H2   H N N 240 
MET HA   H N N 241 
MET HB2  H N N 242 
MET HB3  H N N 243 
MET HG2  H N N 244 
MET HG3  H N N 245 
MET HE1  H N N 246 
MET HE2  H N N 247 
MET HE3  H N N 248 
MET HXT  H N N 249 
PHE N    N N N 250 
PHE CA   C N S 251 
PHE C    C N N 252 
PHE O    O N N 253 
PHE CB   C N N 254 
PHE CG   C Y N 255 
PHE CD1  C Y N 256 
PHE CD2  C Y N 257 
PHE CE1  C Y N 258 
PHE CE2  C Y N 259 
PHE CZ   C Y N 260 
PHE OXT  O N N 261 
PHE H    H N N 262 
PHE H2   H N N 263 
PHE HA   H N N 264 
PHE HB2  H N N 265 
PHE HB3  H N N 266 
PHE HD1  H N N 267 
PHE HD2  H N N 268 
PHE HE1  H N N 269 
PHE HE2  H N N 270 
PHE HZ   H N N 271 
PHE HXT  H N N 272 
PRO N    N N N 273 
PRO CA   C N S 274 
PRO C    C N N 275 
PRO O    O N N 276 
PRO CB   C N N 277 
PRO CG   C N N 278 
PRO CD   C N N 279 
PRO OXT  O N N 280 
PRO H    H N N 281 
PRO HA   H N N 282 
PRO HB2  H N N 283 
PRO HB3  H N N 284 
PRO HG2  H N N 285 
PRO HG3  H N N 286 
PRO HD2  H N N 287 
PRO HD3  H N N 288 
PRO HXT  H N N 289 
SER N    N N N 290 
SER CA   C N S 291 
SER C    C N N 292 
SER O    O N N 293 
SER CB   C N N 294 
SER OG   O N N 295 
SER OXT  O N N 296 
SER H    H N N 297 
SER H2   H N N 298 
SER HA   H N N 299 
SER HB2  H N N 300 
SER HB3  H N N 301 
SER HG   H N N 302 
SER HXT  H N N 303 
THR N    N N N 304 
THR CA   C N S 305 
THR C    C N N 306 
THR O    O N N 307 
THR CB   C N R 308 
THR OG1  O N N 309 
THR CG2  C N N 310 
THR OXT  O N N 311 
THR H    H N N 312 
THR H2   H N N 313 
THR HA   H N N 314 
THR HB   H N N 315 
THR HG1  H N N 316 
THR HG21 H N N 317 
THR HG22 H N N 318 
THR HG23 H N N 319 
THR HXT  H N N 320 
TRP N    N N N 321 
TRP CA   C N S 322 
TRP C    C N N 323 
TRP O    O N N 324 
TRP CB   C N N 325 
TRP CG   C Y N 326 
TRP CD1  C Y N 327 
TRP CD2  C Y N 328 
TRP NE1  N Y N 329 
TRP CE2  C Y N 330 
TRP CE3  C Y N 331 
TRP CZ2  C Y N 332 
TRP CZ3  C Y N 333 
TRP CH2  C Y N 334 
TRP OXT  O N N 335 
TRP H    H N N 336 
TRP H2   H N N 337 
TRP HA   H N N 338 
TRP HB2  H N N 339 
TRP HB3  H N N 340 
TRP HD1  H N N 341 
TRP HE1  H N N 342 
TRP HE3  H N N 343 
TRP HZ2  H N N 344 
TRP HZ3  H N N 345 
TRP HH2  H N N 346 
TRP HXT  H N N 347 
TYR N    N N N 348 
TYR CA   C N S 349 
TYR C    C N N 350 
TYR O    O N N 351 
TYR CB   C N N 352 
TYR CG   C Y N 353 
TYR CD1  C Y N 354 
TYR CD2  C Y N 355 
TYR CE1  C Y N 356 
TYR CE2  C Y N 357 
TYR CZ   C Y N 358 
TYR OH   O N N 359 
TYR OXT  O N N 360 
TYR H    H N N 361 
TYR H2   H N N 362 
TYR HA   H N N 363 
TYR HB2  H N N 364 
TYR HB3  H N N 365 
TYR HD1  H N N 366 
TYR HD2  H N N 367 
TYR HE1  H N N 368 
TYR HE2  H N N 369 
TYR HH   H N N 370 
TYR HXT  H N N 371 
VAL N    N N N 372 
VAL CA   C N S 373 
VAL C    C N N 374 
VAL O    O N N 375 
VAL CB   C N N 376 
VAL CG1  C N N 377 
VAL CG2  C N N 378 
VAL OXT  O N N 379 
VAL H    H N N 380 
VAL H2   H N N 381 
VAL HA   H N N 382 
VAL HB   H N N 383 
VAL HG11 H N N 384 
VAL HG12 H N N 385 
VAL HG13 H N N 386 
VAL HG21 H N N 387 
VAL HG22 H N N 388 
VAL HG23 H N N 389 
VAL HXT  H N N 390 
# 
loop_
_chem_comp_bond.comp_id 
_chem_comp_bond.atom_id_1 
_chem_comp_bond.atom_id_2 
_chem_comp_bond.value_order 
_chem_comp_bond.pdbx_aromatic_flag 
_chem_comp_bond.pdbx_stereo_config 
_chem_comp_bond.pdbx_ordinal 
ALA N   CA   sing N N 1   
ALA N   H    sing N N 2   
ALA N   H2   sing N N 3   
ALA CA  C    sing N N 4   
ALA CA  CB   sing N N 5   
ALA CA  HA   sing N N 6   
ALA C   O    doub N N 7   
ALA C   OXT  sing N N 8   
ALA CB  HB1  sing N N 9   
ALA CB  HB2  sing N N 10  
ALA CB  HB3  sing N N 11  
ALA OXT HXT  sing N N 12  
ARG N   CA   sing N N 13  
ARG N   H    sing N N 14  
ARG N   H2   sing N N 15  
ARG CA  C    sing N N 16  
ARG CA  CB   sing N N 17  
ARG CA  HA   sing N N 18  
ARG C   O    doub N N 19  
ARG C   OXT  sing N N 20  
ARG CB  CG   sing N N 21  
ARG CB  HB2  sing N N 22  
ARG CB  HB3  sing N N 23  
ARG CG  CD   sing N N 24  
ARG CG  HG2  sing N N 25  
ARG CG  HG3  sing N N 26  
ARG CD  NE   sing N N 27  
ARG CD  HD2  sing N N 28  
ARG CD  HD3  sing N N 29  
ARG NE  CZ   sing N N 30  
ARG NE  HE   sing N N 31  
ARG CZ  NH1  sing N N 32  
ARG CZ  NH2  doub N N 33  
ARG NH1 HH11 sing N N 34  
ARG NH1 HH12 sing N N 35  
ARG NH2 HH21 sing N N 36  
ARG NH2 HH22 sing N N 37  
ARG OXT HXT  sing N N 38  
ASN N   CA   sing N N 39  
ASN N   H    sing N N 40  
ASN N   H2   sing N N 41  
ASN CA  C    sing N N 42  
ASN CA  CB   sing N N 43  
ASN CA  HA   sing N N 44  
ASN C   O    doub N N 45  
ASN C   OXT  sing N N 46  
ASN CB  CG   sing N N 47  
ASN CB  HB2  sing N N 48  
ASN CB  HB3  sing N N 49  
ASN CG  OD1  doub N N 50  
ASN CG  ND2  sing N N 51  
ASN ND2 HD21 sing N N 52  
ASN ND2 HD22 sing N N 53  
ASN OXT HXT  sing N N 54  
ASP N   CA   sing N N 55  
ASP N   H    sing N N 56  
ASP N   H2   sing N N 57  
ASP CA  C    sing N N 58  
ASP CA  CB   sing N N 59  
ASP CA  HA   sing N N 60  
ASP C   O    doub N N 61  
ASP C   OXT  sing N N 62  
ASP CB  CG   sing N N 63  
ASP CB  HB2  sing N N 64  
ASP CB  HB3  sing N N 65  
ASP CG  OD1  doub N N 66  
ASP CG  OD2  sing N N 67  
ASP OD2 HD2  sing N N 68  
ASP OXT HXT  sing N N 69  
CYS N   CA   sing N N 70  
CYS N   H    sing N N 71  
CYS N   H2   sing N N 72  
CYS CA  C    sing N N 73  
CYS CA  CB   sing N N 74  
CYS CA  HA   sing N N 75  
CYS C   O    doub N N 76  
CYS C   OXT  sing N N 77  
CYS CB  SG   sing N N 78  
CYS CB  HB2  sing N N 79  
CYS CB  HB3  sing N N 80  
CYS SG  HG   sing N N 81  
CYS OXT HXT  sing N N 82  
GLN N   CA   sing N N 83  
GLN N   H    sing N N 84  
GLN N   H2   sing N N 85  
GLN CA  C    sing N N 86  
GLN CA  CB   sing N N 87  
GLN CA  HA   sing N N 88  
GLN C   O    doub N N 89  
GLN C   OXT  sing N N 90  
GLN CB  CG   sing N N 91  
GLN CB  HB2  sing N N 92  
GLN CB  HB3  sing N N 93  
GLN CG  CD   sing N N 94  
GLN CG  HG2  sing N N 95  
GLN CG  HG3  sing N N 96  
GLN CD  OE1  doub N N 97  
GLN CD  NE2  sing N N 98  
GLN NE2 HE21 sing N N 99  
GLN NE2 HE22 sing N N 100 
GLN OXT HXT  sing N N 101 
GLU N   CA   sing N N 102 
GLU N   H    sing N N 103 
GLU N   H2   sing N N 104 
GLU CA  C    sing N N 105 
GLU CA  CB   sing N N 106 
GLU CA  HA   sing N N 107 
GLU C   O    doub N N 108 
GLU C   OXT  sing N N 109 
GLU CB  CG   sing N N 110 
GLU CB  HB2  sing N N 111 
GLU CB  HB3  sing N N 112 
GLU CG  CD   sing N N 113 
GLU CG  HG2  sing N N 114 
GLU CG  HG3  sing N N 115 
GLU CD  OE1  doub N N 116 
GLU CD  OE2  sing N N 117 
GLU OE2 HE2  sing N N 118 
GLU OXT HXT  sing N N 119 
GLY N   CA   sing N N 120 
GLY N   H    sing N N 121 
GLY N   H2   sing N N 122 
GLY CA  C    sing N N 123 
GLY CA  HA2  sing N N 124 
GLY CA  HA3  sing N N 125 
GLY C   O    doub N N 126 
GLY C   OXT  sing N N 127 
GLY OXT HXT  sing N N 128 
HIS N   CA   sing N N 129 
HIS N   H    sing N N 130 
HIS N   H2   sing N N 131 
HIS CA  C    sing N N 132 
HIS CA  CB   sing N N 133 
HIS CA  HA   sing N N 134 
HIS C   O    doub N N 135 
HIS C   OXT  sing N N 136 
HIS CB  CG   sing N N 137 
HIS CB  HB2  sing N N 138 
HIS CB  HB3  sing N N 139 
HIS CG  ND1  sing Y N 140 
HIS CG  CD2  doub Y N 141 
HIS ND1 CE1  doub Y N 142 
HIS ND1 HD1  sing N N 143 
HIS CD2 NE2  sing Y N 144 
HIS CD2 HD2  sing N N 145 
HIS CE1 NE2  sing Y N 146 
HIS CE1 HE1  sing N N 147 
HIS NE2 HE2  sing N N 148 
HIS OXT HXT  sing N N 149 
HOH O   H1   sing N N 150 
HOH O   H2   sing N N 151 
ILE N   CA   sing N N 152 
ILE N   H    sing N N 153 
ILE N   H2   sing N N 154 
ILE CA  C    sing N N 155 
ILE CA  CB   sing N N 156 
ILE CA  HA   sing N N 157 
ILE C   O    doub N N 158 
ILE C   OXT  sing N N 159 
ILE CB  CG1  sing N N 160 
ILE CB  CG2  sing N N 161 
ILE CB  HB   sing N N 162 
ILE CG1 CD1  sing N N 163 
ILE CG1 HG12 sing N N 164 
ILE CG1 HG13 sing N N 165 
ILE CG2 HG21 sing N N 166 
ILE CG2 HG22 sing N N 167 
ILE CG2 HG23 sing N N 168 
ILE CD1 HD11 sing N N 169 
ILE CD1 HD12 sing N N 170 
ILE CD1 HD13 sing N N 171 
ILE OXT HXT  sing N N 172 
LEU N   CA   sing N N 173 
LEU N   H    sing N N 174 
LEU N   H2   sing N N 175 
LEU CA  C    sing N N 176 
LEU CA  CB   sing N N 177 
LEU CA  HA   sing N N 178 
LEU C   O    doub N N 179 
LEU C   OXT  sing N N 180 
LEU CB  CG   sing N N 181 
LEU CB  HB2  sing N N 182 
LEU CB  HB3  sing N N 183 
LEU CG  CD1  sing N N 184 
LEU CG  CD2  sing N N 185 
LEU CG  HG   sing N N 186 
LEU CD1 HD11 sing N N 187 
LEU CD1 HD12 sing N N 188 
LEU CD1 HD13 sing N N 189 
LEU CD2 HD21 sing N N 190 
LEU CD2 HD22 sing N N 191 
LEU CD2 HD23 sing N N 192 
LEU OXT HXT  sing N N 193 
LYS N   CA   sing N N 194 
LYS N   H    sing N N 195 
LYS N   H2   sing N N 196 
LYS CA  C    sing N N 197 
LYS CA  CB   sing N N 198 
LYS CA  HA   sing N N 199 
LYS C   O    doub N N 200 
LYS C   OXT  sing N N 201 
LYS CB  CG   sing N N 202 
LYS CB  HB2  sing N N 203 
LYS CB  HB3  sing N N 204 
LYS CG  CD   sing N N 205 
LYS CG  HG2  sing N N 206 
LYS CG  HG3  sing N N 207 
LYS CD  CE   sing N N 208 
LYS CD  HD2  sing N N 209 
LYS CD  HD3  sing N N 210 
LYS CE  NZ   sing N N 211 
LYS CE  HE2  sing N N 212 
LYS CE  HE3  sing N N 213 
LYS NZ  HZ1  sing N N 214 
LYS NZ  HZ2  sing N N 215 
LYS NZ  HZ3  sing N N 216 
LYS OXT HXT  sing N N 217 
MET N   CA   sing N N 218 
MET N   H    sing N N 219 
MET N   H2   sing N N 220 
MET CA  C    sing N N 221 
MET CA  CB   sing N N 222 
MET CA  HA   sing N N 223 
MET C   O    doub N N 224 
MET C   OXT  sing N N 225 
MET CB  CG   sing N N 226 
MET CB  HB2  sing N N 227 
MET CB  HB3  sing N N 228 
MET CG  SD   sing N N 229 
MET CG  HG2  sing N N 230 
MET CG  HG3  sing N N 231 
MET SD  CE   sing N N 232 
MET CE  HE1  sing N N 233 
MET CE  HE2  sing N N 234 
MET CE  HE3  sing N N 235 
MET OXT HXT  sing N N 236 
PHE N   CA   sing N N 237 
PHE N   H    sing N N 238 
PHE N   H2   sing N N 239 
PHE CA  C    sing N N 240 
PHE CA  CB   sing N N 241 
PHE CA  HA   sing N N 242 
PHE C   O    doub N N 243 
PHE C   OXT  sing N N 244 
PHE CB  CG   sing N N 245 
PHE CB  HB2  sing N N 246 
PHE CB  HB3  sing N N 247 
PHE CG  CD1  doub Y N 248 
PHE CG  CD2  sing Y N 249 
PHE CD1 CE1  sing Y N 250 
PHE CD1 HD1  sing N N 251 
PHE CD2 CE2  doub Y N 252 
PHE CD2 HD2  sing N N 253 
PHE CE1 CZ   doub Y N 254 
PHE CE1 HE1  sing N N 255 
PHE CE2 CZ   sing Y N 256 
PHE CE2 HE2  sing N N 257 
PHE CZ  HZ   sing N N 258 
PHE OXT HXT  sing N N 259 
PRO N   CA   sing N N 260 
PRO N   CD   sing N N 261 
PRO N   H    sing N N 262 
PRO CA  C    sing N N 263 
PRO CA  CB   sing N N 264 
PRO CA  HA   sing N N 265 
PRO C   O    doub N N 266 
PRO C   OXT  sing N N 267 
PRO CB  CG   sing N N 268 
PRO CB  HB2  sing N N 269 
PRO CB  HB3  sing N N 270 
PRO CG  CD   sing N N 271 
PRO CG  HG2  sing N N 272 
PRO CG  HG3  sing N N 273 
PRO CD  HD2  sing N N 274 
PRO CD  HD3  sing N N 275 
PRO OXT HXT  sing N N 276 
SER N   CA   sing N N 277 
SER N   H    sing N N 278 
SER N   H2   sing N N 279 
SER CA  C    sing N N 280 
SER CA  CB   sing N N 281 
SER CA  HA   sing N N 282 
SER C   O    doub N N 283 
SER C   OXT  sing N N 284 
SER CB  OG   sing N N 285 
SER CB  HB2  sing N N 286 
SER CB  HB3  sing N N 287 
SER OG  HG   sing N N 288 
SER OXT HXT  sing N N 289 
THR N   CA   sing N N 290 
THR N   H    sing N N 291 
THR N   H2   sing N N 292 
THR CA  C    sing N N 293 
THR CA  CB   sing N N 294 
THR CA  HA   sing N N 295 
THR C   O    doub N N 296 
THR C   OXT  sing N N 297 
THR CB  OG1  sing N N 298 
THR CB  CG2  sing N N 299 
THR CB  HB   sing N N 300 
THR OG1 HG1  sing N N 301 
THR CG2 HG21 sing N N 302 
THR CG2 HG22 sing N N 303 
THR CG2 HG23 sing N N 304 
THR OXT HXT  sing N N 305 
TRP N   CA   sing N N 306 
TRP N   H    sing N N 307 
TRP N   H2   sing N N 308 
TRP CA  C    sing N N 309 
TRP CA  CB   sing N N 310 
TRP CA  HA   sing N N 311 
TRP C   O    doub N N 312 
TRP C   OXT  sing N N 313 
TRP CB  CG   sing N N 314 
TRP CB  HB2  sing N N 315 
TRP CB  HB3  sing N N 316 
TRP CG  CD1  doub Y N 317 
TRP CG  CD2  sing Y N 318 
TRP CD1 NE1  sing Y N 319 
TRP CD1 HD1  sing N N 320 
TRP CD2 CE2  doub Y N 321 
TRP CD2 CE3  sing Y N 322 
TRP NE1 CE2  sing Y N 323 
TRP NE1 HE1  sing N N 324 
TRP CE2 CZ2  sing Y N 325 
TRP CE3 CZ3  doub Y N 326 
TRP CE3 HE3  sing N N 327 
TRP CZ2 CH2  doub Y N 328 
TRP CZ2 HZ2  sing N N 329 
TRP CZ3 CH2  sing Y N 330 
TRP CZ3 HZ3  sing N N 331 
TRP CH2 HH2  sing N N 332 
TRP OXT HXT  sing N N 333 
TYR N   CA   sing N N 334 
TYR N   H    sing N N 335 
TYR N   H2   sing N N 336 
TYR CA  C    sing N N 337 
TYR CA  CB   sing N N 338 
TYR CA  HA   sing N N 339 
TYR C   O    doub N N 340 
TYR C   OXT  sing N N 341 
TYR CB  CG   sing N N 342 
TYR CB  HB2  sing N N 343 
TYR CB  HB3  sing N N 344 
TYR CG  CD1  doub Y N 345 
TYR CG  CD2  sing Y N 346 
TYR CD1 CE1  sing Y N 347 
TYR CD1 HD1  sing N N 348 
TYR CD2 CE2  doub Y N 349 
TYR CD2 HD2  sing N N 350 
TYR CE1 CZ   doub Y N 351 
TYR CE1 HE1  sing N N 352 
TYR CE2 CZ   sing Y N 353 
TYR CE2 HE2  sing N N 354 
TYR CZ  OH   sing N N 355 
TYR OH  HH   sing N N 356 
TYR OXT HXT  sing N N 357 
VAL N   CA   sing N N 358 
VAL N   H    sing N N 359 
VAL N   H2   sing N N 360 
VAL CA  C    sing N N 361 
VAL CA  CB   sing N N 362 
VAL CA  HA   sing N N 363 
VAL C   O    doub N N 364 
VAL C   OXT  sing N N 365 
VAL CB  CG1  sing N N 366 
VAL CB  CG2  sing N N 367 
VAL CB  HB   sing N N 368 
VAL CG1 HG11 sing N N 369 
VAL CG1 HG12 sing N N 370 
VAL CG1 HG13 sing N N 371 
VAL CG2 HG21 sing N N 372 
VAL CG2 HG22 sing N N 373 
VAL CG2 HG23 sing N N 374 
VAL OXT HXT  sing N N 375 
# 
_pdbx_entity_nonpoly.entity_id   2 
_pdbx_entity_nonpoly.name        water 
_pdbx_entity_nonpoly.comp_id     HOH 
# 
_pdbx_initial_refinement_model.id               1 
_pdbx_initial_refinement_model.entity_id_list   ? 
_pdbx_initial_refinement_model.type             'experimental model' 
_pdbx_initial_refinement_model.source_name      PDB 
_pdbx_initial_refinement_model.accession_code   2AAK 
_pdbx_initial_refinement_model.details          ? 
# 
